data_1LA2
#
_entry.id   1LA2
#
_cell.length_a   155.693
_cell.length_b   187.346
_cell.length_c   98.954
_cell.angle_alpha   90.00
_cell.angle_beta   90.00
_cell.angle_gamma   90.00
#
_symmetry.space_group_name_H-M   'P 21 21 2'
#
loop_
_entity.id
_entity.type
_entity.pdbx_description
1 polymer 'Myo-inositol-1-phosphate synthase'
2 non-polymer NICOTINAMIDE-ADENINE-DINUCLEOTIDE
3 water water
#
_entity_poly.entity_id   1
_entity_poly.type   'polypeptide(L)'
_entity_poly.pdbx_seq_one_letter_code
;MTEDNIAPITSVKVVTDKCTYKDNELLTKYSYENAVVTKTASGRFDVTPTVQDYVFKLDLKKPEKLGI(MSE)LIGLGGN
NGSTLVASVLANKHNVEFQTKEGVKQPNYFGS(MSE)TQCSTLKLGIDAEGNDVYAPFNSLLP(MSE)VSPNDFVVSGWD
INNADLYEA(MSE)QRSQVLEYDLQQRLKAK(MSE)SLVKPLPSIYYPDFIAANQDERANNCINLDEKGNVTTRGKWTHL
QRIRRDIQNFKEENALDKVIVLWTANTERYVEVSPGVNDT(MSE)ENLLQSIKNDHEEIAPSTIFAAASILEGVPYINGS
PQNTFVPGLVQLAEHEGTFIAGDDLKSGQTKLKSVLAQFLVDAGIKPVSIASYNHLGNNDGYNLSAPKQFRSKEISKSSV
IDDIIASNDILYNDKLGKKVDHCIVIKY(MSE)KPVGDSKVA(MSE)DEYYSEL(MSE)LGGHNRISIHNVCEDSLLATP
LIIDLLV(MSE)TEFCTRVSYKKVDPVKEDAGKFENFYPVLTFLSYWLKAPLTRPGFHPVNGLNKQRTALENFLRLLIGL
PSQNELRFEERLL
;
_entity_poly.pdbx_strand_id   A,B,C,D
#
loop_
_chem_comp.id
_chem_comp.type
_chem_comp.name
_chem_comp.formula
NAD non-polymer NICOTINAMIDE-ADENINE-DINUCLEOTIDE 'C21 H27 N7 O14 P2'
#
# COMPACT_ATOMS: atom_id res chain seq x y z
N THR A 10 -18.21 0.93 38.82
CA THR A 10 -16.87 1.52 38.63
C THR A 10 -16.91 3.03 38.87
N SER A 11 -16.32 3.46 39.98
CA SER A 11 -16.29 4.88 40.33
C SER A 11 -14.89 5.34 40.75
N VAL A 12 -14.75 6.65 40.94
CA VAL A 12 -13.46 7.21 41.34
C VAL A 12 -13.64 8.25 42.45
N LYS A 13 -12.87 8.11 43.51
CA LYS A 13 -12.93 9.03 44.64
C LYS A 13 -11.56 9.63 44.93
N VAL A 14 -11.46 10.95 44.78
CA VAL A 14 -10.21 11.65 45.03
C VAL A 14 -10.26 12.39 46.36
N VAL A 15 -9.15 12.36 47.09
CA VAL A 15 -9.06 13.05 48.38
C VAL A 15 -8.44 14.42 48.18
N THR A 16 -9.28 15.45 48.10
CA THR A 16 -8.80 16.81 47.90
C THR A 16 -9.69 17.81 48.62
N ASP A 17 -9.09 18.93 49.05
CA ASP A 17 -9.83 19.97 49.73
C ASP A 17 -10.31 21.01 48.72
N LYS A 18 -10.14 20.68 47.44
CA LYS A 18 -10.57 21.57 46.37
C LYS A 18 -11.97 21.21 45.89
N CYS A 19 -12.46 20.06 46.34
CA CYS A 19 -13.79 19.59 45.95
C CYS A 19 -14.72 19.45 47.15
N THR A 20 -15.87 20.11 47.05
CA THR A 20 -16.88 20.07 48.12
C THR A 20 -18.25 19.76 47.51
N TYR A 21 -18.95 18.81 48.10
CA TYR A 21 -20.27 18.42 47.60
C TYR A 21 -21.41 19.00 48.43
N LYS A 22 -22.48 19.40 47.75
CA LYS A 22 -23.66 19.96 48.41
C LYS A 22 -24.81 20.03 47.43
N ASP A 23 -26.01 19.68 47.89
CA ASP A 23 -27.21 19.70 47.07
C ASP A 23 -27.01 18.91 45.78
N ASN A 24 -26.44 17.72 45.92
CA ASN A 24 -26.17 16.84 44.79
C ASN A 24 -25.36 17.52 43.70
N GLU A 25 -24.59 18.54 44.08
CA GLU A 25 -23.74 19.26 43.13
C GLU A 25 -22.28 19.24 43.56
N LEU A 26 -21.39 19.37 42.59
CA LEU A 26 -19.96 19.36 42.85
C LEU A 26 -19.33 20.73 42.63
N LEU A 27 -18.61 21.21 43.64
CA LEU A 27 -17.94 22.50 43.56
C LEU A 27 -16.44 22.26 43.68
N THR A 28 -15.70 22.61 42.64
CA THR A 28 -14.26 22.40 42.63
C THR A 28 -13.44 23.66 42.34
N LYS A 29 -12.51 23.98 43.22
CA LYS A 29 -11.65 25.12 43.05
C LYS A 29 -10.48 24.71 42.16
N TYR A 30 -10.12 25.56 41.21
CA TYR A 30 -9.03 25.27 40.29
C TYR A 30 -8.27 26.54 39.91
N SER A 31 -6.95 26.43 39.84
CA SER A 31 -6.11 27.56 39.48
C SER A 31 -5.57 27.34 38.07
N TYR A 32 -6.08 28.13 37.12
CA TYR A 32 -5.67 28.02 35.73
C TYR A 32 -4.42 28.85 35.43
N GLU A 33 -3.36 28.16 35.02
CA GLU A 33 -2.08 28.81 34.71
C GLU A 33 -1.79 28.75 33.23
N ASN A 34 -1.26 29.84 32.69
CA ASN A 34 -0.91 29.93 31.28
C ASN A 34 0.21 30.97 31.16
N ALA A 35 0.37 31.57 29.98
CA ALA A 35 1.40 32.58 29.80
C ALA A 35 1.35 33.28 28.45
N VAL A 36 1.43 34.61 28.49
CA VAL A 36 1.42 35.42 27.29
C VAL A 36 2.87 35.58 26.84
N VAL A 37 3.10 35.61 25.53
CA VAL A 37 4.45 35.75 25.01
C VAL A 37 4.61 36.91 24.03
N THR A 38 5.77 37.55 24.09
CA THR A 38 6.08 38.67 23.21
C THR A 38 7.39 38.37 22.49
N LYS A 39 7.43 38.65 21.19
CA LYS A 39 8.62 38.39 20.38
C LYS A 39 9.43 39.66 20.12
N THR A 40 10.69 39.64 20.54
CA THR A 40 11.58 40.78 20.37
C THR A 40 12.30 40.68 19.03
N ALA A 41 12.64 41.82 18.45
CA ALA A 41 13.33 41.86 17.17
C ALA A 41 14.61 41.03 17.22
N SER A 42 15.20 40.94 18.41
CA SER A 42 16.43 40.18 18.60
C SER A 42 16.12 38.68 18.73
N GLY A 43 15.00 38.27 18.16
CA GLY A 43 14.61 36.86 18.21
C GLY A 43 14.51 36.30 19.62
N ARG A 44 13.97 37.09 20.54
CA ARG A 44 13.83 36.64 21.92
C ARG A 44 12.37 36.60 22.34
N PHE A 45 12.00 35.57 23.10
CA PHE A 45 10.63 35.41 23.55
C PHE A 45 10.48 35.76 25.03
N ASP A 46 9.66 36.76 25.33
CA ASP A 46 9.43 37.18 26.70
C ASP A 46 8.14 36.55 27.22
N VAL A 47 8.28 35.54 28.07
CA VAL A 47 7.12 34.84 28.62
C VAL A 47 6.65 35.47 29.92
N THR A 48 5.36 35.80 29.98
CA THR A 48 4.77 36.41 31.17
C THR A 48 3.68 35.49 31.73
N PRO A 49 4.03 34.67 32.73
CA PRO A 49 3.08 33.74 33.36
C PRO A 49 1.80 34.43 33.85
N THR A 50 0.68 33.75 33.68
CA THR A 50 -0.61 34.28 34.10
C THR A 50 -1.36 33.25 34.93
N VAL A 51 -2.09 33.71 35.93
CA VAL A 51 -2.86 32.82 36.80
C VAL A 51 -4.28 33.37 36.98
N GLN A 52 -5.25 32.45 37.00
CA GLN A 52 -6.65 32.82 37.15
C GLN A 52 -7.42 31.70 37.83
N ASP A 53 -7.81 31.93 39.09
CA ASP A 53 -8.54 30.92 39.84
C ASP A 53 -10.01 30.89 39.44
N TYR A 54 -10.56 29.68 39.35
CA TYR A 54 -11.96 29.49 39.00
C TYR A 54 -12.63 28.58 40.02
N VAL A 55 -13.94 28.40 39.87
CA VAL A 55 -14.71 27.53 40.75
C VAL A 55 -15.82 26.91 39.90
N PHE A 56 -15.63 25.65 39.52
CA PHE A 56 -16.61 24.97 38.69
C PHE A 56 -17.66 24.23 39.51
N LYS A 57 -18.86 24.11 38.94
CA LYS A 57 -19.97 23.44 39.59
C LYS A 57 -20.55 22.41 38.64
N LEU A 58 -20.51 21.14 39.03
CA LEU A 58 -21.03 20.07 38.21
C LEU A 58 -22.34 19.53 38.74
N ASP A 59 -23.34 19.46 37.88
CA ASP A 59 -24.66 18.96 38.26
C ASP A 59 -24.59 17.43 38.25
N LEU A 60 -24.32 16.84 39.42
CA LEU A 60 -24.20 15.39 39.54
C LEU A 60 -25.47 14.65 39.12
N LYS A 61 -26.58 15.38 38.99
CA LYS A 61 -27.84 14.77 38.59
C LYS A 61 -27.89 14.58 37.08
N LYS A 62 -27.43 13.44 36.60
CA LYS A 62 -27.45 13.16 35.17
C LYS A 62 -28.81 12.62 34.77
N PRO A 63 -29.27 12.97 33.55
CA PRO A 63 -30.57 12.52 33.04
C PRO A 63 -30.70 11.00 33.05
N GLU A 64 -31.81 10.51 33.59
CA GLU A 64 -32.05 9.08 33.64
C GLU A 64 -32.19 8.58 32.20
N LYS A 65 -32.63 9.48 31.34
CA LYS A 65 -32.81 9.21 29.92
C LYS A 65 -32.49 10.49 29.16
N LEU A 66 -31.73 10.37 28.08
CA LEU A 66 -31.36 11.54 27.29
C LEU A 66 -32.05 11.53 25.93
N GLY A 67 -32.64 12.65 25.55
CA GLY A 67 -33.33 12.74 24.28
C GLY A 67 -32.40 13.16 23.15
N ILE A 68 -32.29 12.31 22.14
CA ILE A 68 -31.44 12.59 20.98
C ILE A 68 -32.28 12.66 19.70
N MSE A 69 -32.30 13.84 19.08
CA MSE A 69 -33.05 14.03 17.85
C MSE A 69 -32.07 14.27 16.70
O MSE A 69 -31.39 15.30 16.67
CB MSE A 69 -34.01 15.21 17.97
CG MSE A 69 -35.12 14.99 18.98
SE MSE A 69 -36.59 16.20 18.72
CE MSE A 69 -35.80 17.78 19.48
N LEU A 70 -32.04 13.34 15.76
CA LEU A 70 -31.13 13.45 14.63
C LEU A 70 -31.80 13.85 13.34
N ILE A 71 -31.19 14.82 12.65
CA ILE A 71 -31.69 15.28 11.37
C ILE A 71 -31.03 14.35 10.37
N GLY A 72 -31.84 13.64 9.59
CA GLY A 72 -31.30 12.69 8.63
C GLY A 72 -31.18 11.37 9.38
N LEU A 73 -32.14 11.16 10.28
CA LEU A 73 -32.21 9.97 11.12
C LEU A 73 -32.38 8.68 10.32
N GLY A 74 -32.79 8.81 9.06
CA GLY A 74 -32.98 7.64 8.23
C GLY A 74 -31.78 7.32 7.34
N GLY A 75 -30.61 7.79 7.72
CA GLY A 75 -29.42 7.55 6.92
C GLY A 75 -28.48 6.54 7.55
N ASN A 76 -27.30 6.39 6.97
CA ASN A 76 -26.31 5.45 7.46
C ASN A 76 -26.03 5.66 8.95
N ASN A 77 -25.49 6.83 9.29
CA ASN A 77 -25.18 7.14 10.69
C ASN A 77 -26.42 7.08 11.57
N GLY A 78 -27.51 7.66 11.07
CA GLY A 78 -28.75 7.67 11.84
C GLY A 78 -29.24 6.26 12.18
N SER A 79 -29.43 5.43 11.16
CA SER A 79 -29.92 4.08 11.37
C SER A 79 -28.92 3.25 12.18
N THR A 80 -27.64 3.41 11.88
CA THR A 80 -26.59 2.68 12.59
C THR A 80 -26.56 3.07 14.06
N LEU A 81 -26.77 4.34 14.33
CA LEU A 81 -26.77 4.85 15.70
C LEU A 81 -27.89 4.24 16.53
N VAL A 82 -29.10 4.25 15.97
CA VAL A 82 -30.25 3.68 16.67
C VAL A 82 -30.04 2.18 16.89
N ALA A 83 -29.38 1.55 15.92
CA ALA A 83 -29.10 0.13 15.98
C ALA A 83 -28.16 -0.20 17.14
N SER A 84 -27.07 0.55 17.24
CA SER A 84 -26.09 0.34 18.30
C SER A 84 -26.73 0.49 19.67
N VAL A 85 -27.59 1.51 19.81
CA VAL A 85 -28.27 1.75 21.07
C VAL A 85 -29.10 0.55 21.49
N LEU A 86 -29.99 0.11 20.59
CA LEU A 86 -30.85 -1.03 20.89
C LEU A 86 -30.07 -2.32 21.09
N ALA A 87 -29.11 -2.59 20.21
CA ALA A 87 -28.30 -3.80 20.30
C ALA A 87 -27.59 -3.89 21.65
N ASN A 88 -26.95 -2.79 22.04
CA ASN A 88 -26.23 -2.75 23.31
C ASN A 88 -27.12 -2.69 24.53
N LYS A 89 -28.26 -2.02 24.43
CA LYS A 89 -29.18 -1.90 25.55
C LYS A 89 -29.89 -3.20 25.86
N HIS A 90 -30.29 -3.93 24.82
CA HIS A 90 -30.99 -5.19 25.00
C HIS A 90 -30.07 -6.39 24.79
N ASN A 91 -28.76 -6.14 24.77
CA ASN A 91 -27.78 -7.20 24.57
C ASN A 91 -28.19 -8.12 23.44
N VAL A 92 -28.38 -7.54 22.26
CA VAL A 92 -28.78 -8.31 21.08
C VAL A 92 -27.58 -8.93 20.39
N GLU A 93 -27.19 -10.13 20.83
CA GLU A 93 -26.05 -10.81 20.20
C GLU A 93 -26.49 -11.18 18.80
N PHE A 94 -25.53 -11.39 17.90
CA PHE A 94 -25.86 -11.74 16.54
C PHE A 94 -24.87 -12.70 15.89
N GLN A 95 -25.34 -13.43 14.89
CA GLN A 95 -24.52 -14.40 14.18
C GLN A 95 -23.72 -13.76 13.07
N THR A 96 -22.50 -14.23 12.88
CA THR A 96 -21.62 -13.71 11.84
C THR A 96 -20.87 -14.89 11.22
N LYS A 97 -19.99 -14.59 10.28
CA LYS A 97 -19.21 -15.64 9.63
C LYS A 97 -18.23 -16.18 10.68
N GLU A 98 -17.84 -15.32 11.61
CA GLU A 98 -16.91 -15.68 12.67
C GLU A 98 -17.62 -16.29 13.88
N GLY A 99 -18.95 -16.31 13.84
CA GLY A 99 -19.71 -16.85 14.95
C GLY A 99 -20.49 -15.81 15.74
N VAL A 100 -21.13 -16.25 16.81
CA VAL A 100 -21.93 -15.36 17.66
C VAL A 100 -21.07 -14.25 18.24
N LYS A 101 -21.57 -13.02 18.16
CA LYS A 101 -20.85 -11.86 18.68
C LYS A 101 -21.74 -11.01 19.57
N GLN A 102 -21.11 -10.34 20.54
CA GLN A 102 -21.83 -9.48 21.46
C GLN A 102 -21.68 -8.03 21.03
N PRO A 103 -22.77 -7.24 21.10
CA PRO A 103 -22.71 -5.84 20.71
C PRO A 103 -21.85 -5.02 21.67
N ASN A 104 -21.25 -3.96 21.17
CA ASN A 104 -20.41 -3.10 21.99
C ASN A 104 -20.34 -1.70 21.40
N TYR A 105 -19.50 -0.86 21.97
CA TYR A 105 -19.35 0.51 21.49
C TYR A 105 -17.92 0.82 21.05
N PHE A 106 -17.21 -0.21 20.58
CA PHE A 106 -15.84 -0.02 20.12
C PHE A 106 -15.82 1.15 19.15
N GLY A 107 -14.78 1.98 19.24
CA GLY A 107 -14.68 3.14 18.37
C GLY A 107 -15.11 4.38 19.11
N SER A 108 -15.79 4.19 20.24
CA SER A 108 -16.25 5.29 21.07
C SER A 108 -15.22 5.54 22.16
N MSE A 109 -14.54 6.68 22.10
CA MSE A 109 -13.53 6.99 23.09
C MSE A 109 -14.15 7.25 24.47
O MSE A 109 -13.55 6.90 25.48
CB MSE A 109 -12.71 8.22 22.66
CG MSE A 109 -13.35 9.56 23.03
SE MSE A 109 -12.05 10.78 23.76
CE MSE A 109 -11.55 9.78 25.33
N THR A 110 -15.33 7.83 24.49
CA THR A 110 -16.00 8.12 25.76
C THR A 110 -16.53 6.85 26.42
N GLN A 111 -16.71 5.81 25.62
CA GLN A 111 -17.25 4.54 26.12
C GLN A 111 -16.24 3.40 26.22
N CYS A 112 -15.19 3.44 25.41
CA CYS A 112 -14.21 2.37 25.43
C CYS A 112 -12.76 2.76 25.65
N SER A 113 -12.49 4.04 25.89
CA SER A 113 -11.13 4.47 26.12
C SER A 113 -10.87 4.60 27.63
N THR A 114 -9.61 4.82 27.99
CA THR A 114 -9.25 4.95 29.40
C THR A 114 -8.35 6.16 29.65
N LEU A 115 -8.23 6.53 30.91
CA LEU A 115 -7.39 7.65 31.31
C LEU A 115 -6.52 7.28 32.50
N LYS A 116 -5.38 7.93 32.62
CA LYS A 116 -4.45 7.68 33.71
C LYS A 116 -4.82 8.51 34.93
N LEU A 117 -5.06 7.83 36.06
CA LEU A 117 -5.42 8.51 37.29
C LEU A 117 -4.18 8.75 38.14
N GLY A 118 -3.21 7.87 38.01
CA GLY A 118 -1.98 7.99 38.78
C GLY A 118 -1.21 6.69 38.81
N ILE A 119 -0.37 6.53 39.81
CA ILE A 119 0.44 5.31 39.95
C ILE A 119 0.08 4.55 41.22
N ASP A 120 0.29 3.24 41.20
CA ASP A 120 -0.01 2.40 42.35
C ASP A 120 1.21 2.31 43.27
N ALA A 121 1.10 1.47 44.30
CA ALA A 121 2.20 1.30 45.25
C ALA A 121 3.48 0.87 44.55
N GLU A 122 3.39 -0.19 43.76
CA GLU A 122 4.54 -0.71 43.03
C GLU A 122 5.18 0.37 42.16
N GLY A 123 4.38 1.35 41.76
CA GLY A 123 4.89 2.43 40.93
C GLY A 123 4.38 2.39 39.50
N ASN A 124 3.54 1.40 39.21
CA ASN A 124 2.98 1.25 37.88
C ASN A 124 1.83 2.22 37.64
N ASP A 125 1.54 2.50 36.38
CA ASP A 125 0.46 3.40 36.00
C ASP A 125 -0.89 2.74 36.29
N VAL A 126 -1.92 3.55 36.51
CA VAL A 126 -3.25 3.05 36.80
C VAL A 126 -4.26 3.79 35.94
N TYR A 127 -5.04 3.04 35.15
CA TYR A 127 -6.03 3.65 34.28
C TYR A 127 -7.47 3.32 34.69
N ALA A 128 -8.38 4.19 34.29
CA ALA A 128 -9.80 4.02 34.57
C ALA A 128 -10.57 4.48 33.34
N PRO A 129 -11.75 3.89 33.08
CA PRO A 129 -12.53 4.29 31.91
C PRO A 129 -12.83 5.78 31.85
N PHE A 130 -12.64 6.35 30.66
CA PHE A 130 -12.86 7.78 30.42
C PHE A 130 -14.11 8.34 31.09
N ASN A 131 -15.17 7.54 31.17
CA ASN A 131 -16.42 7.98 31.77
C ASN A 131 -16.62 7.52 33.22
N SER A 132 -15.53 7.22 33.92
CA SER A 132 -15.64 6.77 35.31
C SER A 132 -15.29 7.86 36.31
N LEU A 133 -14.59 8.89 35.86
CA LEU A 133 -14.22 10.00 36.75
C LEU A 133 -15.45 10.72 37.25
N LEU A 134 -16.31 11.11 36.32
CA LEU A 134 -17.54 11.82 36.66
C LEU A 134 -18.74 11.14 35.99
N PRO A 135 -19.94 11.35 36.55
CA PRO A 135 -21.17 10.75 36.00
C PRO A 135 -21.51 11.28 34.61
N MSE A 136 -21.65 10.37 33.66
CA MSE A 136 -21.99 10.75 32.29
C MSE A 136 -23.16 9.92 31.80
O MSE A 136 -23.39 8.81 32.27
CB MSE A 136 -20.78 10.54 31.36
CG MSE A 136 -19.50 11.18 31.87
SE MSE A 136 -18.06 11.04 30.58
CE MSE A 136 -17.63 12.90 30.41
N VAL A 137 -23.90 10.45 30.83
CA VAL A 137 -25.05 9.75 30.27
C VAL A 137 -24.60 8.64 29.32
N SER A 138 -25.15 7.45 29.53
CA SER A 138 -24.82 6.30 28.70
C SER A 138 -25.67 6.27 27.44
N PRO A 139 -25.05 5.88 26.31
CA PRO A 139 -25.80 5.83 25.05
C PRO A 139 -26.89 4.77 25.15
N ASN A 140 -26.80 3.94 26.19
CA ASN A 140 -27.79 2.88 26.43
C ASN A 140 -29.10 3.49 26.89
N ASP A 141 -29.04 4.73 27.36
CA ASP A 141 -30.22 5.43 27.84
C ASP A 141 -30.64 6.52 26.86
N PHE A 142 -30.28 6.34 25.59
CA PHE A 142 -30.62 7.29 24.55
C PHE A 142 -32.01 7.03 23.96
N VAL A 143 -32.79 8.10 23.81
CA VAL A 143 -34.11 8.01 23.22
C VAL A 143 -33.98 8.75 21.91
N VAL A 144 -33.74 7.99 20.83
CA VAL A 144 -33.54 8.58 19.52
C VAL A 144 -34.77 8.72 18.64
N SER A 145 -34.83 9.86 17.94
CA SER A 145 -35.90 10.20 17.02
C SER A 145 -35.28 11.22 16.08
N GLY A 146 -36.09 11.89 15.27
CA GLY A 146 -35.54 12.87 14.36
C GLY A 146 -36.33 13.12 13.10
N TRP A 147 -35.68 13.79 12.15
CA TRP A 147 -36.30 14.15 10.87
C TRP A 147 -35.53 13.52 9.72
N ASP A 148 -36.14 13.54 8.54
CA ASP A 148 -35.54 13.00 7.32
C ASP A 148 -36.50 13.21 6.17
N ILE A 149 -35.98 13.63 5.02
CA ILE A 149 -36.83 13.87 3.86
C ILE A 149 -37.36 12.60 3.23
N ASN A 150 -36.99 11.45 3.79
CA ASN A 150 -37.45 10.16 3.29
C ASN A 150 -38.25 9.47 4.40
N ASN A 151 -39.40 8.93 4.05
CA ASN A 151 -40.29 8.27 5.03
C ASN A 151 -39.92 6.86 5.46
N ALA A 152 -39.00 6.21 4.75
CA ALA A 152 -38.60 4.85 5.10
C ALA A 152 -38.31 4.71 6.60
N ASP A 153 -38.82 3.64 7.21
CA ASP A 153 -38.57 3.41 8.63
C ASP A 153 -37.13 2.99 8.82
N LEU A 154 -36.64 3.02 10.06
CA LEU A 154 -35.26 2.66 10.32
C LEU A 154 -34.85 1.25 9.94
N TYR A 155 -35.81 0.38 9.68
CA TYR A 155 -35.46 -0.98 9.27
C TYR A 155 -35.03 -0.93 7.82
N GLU A 156 -35.84 -0.29 6.99
CA GLU A 156 -35.54 -0.14 5.57
C GLU A 156 -34.24 0.64 5.44
N ALA A 157 -34.02 1.55 6.39
CA ALA A 157 -32.82 2.37 6.39
C ALA A 157 -31.57 1.50 6.46
N MSE A 158 -31.61 0.49 7.32
CA MSE A 158 -30.48 -0.41 7.47
C MSE A 158 -30.23 -1.21 6.19
O MSE A 158 -29.12 -1.23 5.67
CB MSE A 158 -30.71 -1.41 8.62
CG MSE A 158 -30.76 -0.77 10.00
SE MSE A 158 -30.52 -2.12 11.35
CE MSE A 158 -32.25 -2.97 11.23
N GLN A 159 -31.27 -1.86 5.69
CA GLN A 159 -31.15 -2.66 4.47
C GLN A 159 -30.46 -1.90 3.35
N ARG A 160 -30.90 -0.68 3.08
CA ARG A 160 -30.32 0.12 2.01
C ARG A 160 -28.93 0.66 2.37
N SER A 161 -28.69 0.91 3.65
CA SER A 161 -27.40 1.42 4.08
C SER A 161 -26.30 0.38 3.91
N GLN A 162 -26.64 -0.88 4.17
CA GLN A 162 -25.71 -1.99 4.03
C GLN A 162 -24.49 -1.78 4.92
N VAL A 163 -24.72 -1.57 6.21
CA VAL A 163 -23.64 -1.33 7.15
C VAL A 163 -23.48 -2.47 8.16
N LEU A 164 -24.58 -2.91 8.75
CA LEU A 164 -24.56 -3.95 9.76
C LEU A 164 -24.79 -5.36 9.19
N GLU A 165 -24.33 -6.36 9.95
CA GLU A 165 -24.48 -7.75 9.57
C GLU A 165 -25.95 -8.05 9.31
N TYR A 166 -26.22 -8.84 8.27
CA TYR A 166 -27.59 -9.19 7.92
C TYR A 166 -28.36 -9.73 9.11
N ASP A 167 -27.76 -10.67 9.82
CA ASP A 167 -28.40 -11.29 10.97
C ASP A 167 -28.82 -10.23 12.00
N LEU A 168 -27.87 -9.38 12.39
CA LEU A 168 -28.17 -8.33 13.36
C LEU A 168 -29.36 -7.49 12.88
N GLN A 169 -29.37 -7.19 11.58
CA GLN A 169 -30.46 -6.40 11.01
C GLN A 169 -31.79 -7.11 11.20
N GLN A 170 -31.78 -8.43 11.02
CA GLN A 170 -32.99 -9.22 11.16
C GLN A 170 -33.47 -9.32 12.60
N ARG A 171 -32.53 -9.32 13.56
CA ARG A 171 -32.90 -9.41 14.96
C ARG A 171 -33.42 -8.07 15.47
N LEU A 172 -33.13 -7.00 14.74
CA LEU A 172 -33.57 -5.67 15.11
C LEU A 172 -34.74 -5.22 14.24
N LYS A 173 -35.08 -6.04 13.25
CA LYS A 173 -36.17 -5.73 12.32
C LYS A 173 -37.45 -5.34 13.05
N ALA A 174 -37.81 -6.11 14.07
CA ALA A 174 -39.02 -5.85 14.84
C ALA A 174 -39.05 -4.44 15.43
N LYS A 175 -38.04 -4.09 16.21
CA LYS A 175 -37.97 -2.77 16.83
C LYS A 175 -37.72 -1.66 15.81
N MSE A 176 -36.65 -1.79 15.05
CA MSE A 176 -36.27 -0.81 14.03
C MSE A 176 -37.45 -0.39 13.14
O MSE A 176 -37.65 0.80 12.90
CB MSE A 176 -35.15 -1.36 13.15
CG MSE A 176 -33.84 -1.61 13.86
SE MSE A 176 -32.99 -0.01 14.51
CE MSE A 176 -32.20 0.60 12.85
N SER A 177 -38.20 -1.37 12.66
CA SER A 177 -39.33 -1.10 11.77
C SER A 177 -40.43 -0.24 12.39
N LEU A 178 -40.32 0.04 13.68
CA LEU A 178 -41.33 0.87 14.36
C LEU A 178 -40.83 2.30 14.56
N VAL A 179 -39.60 2.55 14.15
CA VAL A 179 -39.01 3.87 14.28
C VAL A 179 -39.10 4.58 12.94
N LYS A 180 -39.86 5.67 12.90
CA LYS A 180 -40.05 6.43 11.67
C LYS A 180 -39.63 7.89 11.83
N PRO A 181 -38.79 8.40 10.92
CA PRO A 181 -38.31 9.78 10.95
C PRO A 181 -39.38 10.81 10.61
N LEU A 182 -39.49 11.83 11.46
CA LEU A 182 -40.46 12.90 11.28
C LEU A 182 -40.18 13.63 9.97
N PRO A 183 -41.23 14.21 9.36
CA PRO A 183 -41.02 14.94 8.11
C PRO A 183 -40.08 16.12 8.33
N SER A 184 -39.21 16.37 7.36
CA SER A 184 -38.25 17.46 7.48
C SER A 184 -38.46 18.56 6.45
N ILE A 185 -37.61 19.58 6.54
CA ILE A 185 -37.66 20.71 5.63
C ILE A 185 -36.73 20.41 4.46
N TYR A 186 -37.26 20.49 3.24
CA TYR A 186 -36.46 20.21 2.06
C TYR A 186 -36.45 21.31 1.02
N TYR A 187 -35.38 22.10 1.02
CA TYR A 187 -35.22 23.17 0.05
C TYR A 187 -34.26 22.62 -1.01
N PRO A 188 -34.81 22.10 -2.12
CA PRO A 188 -33.98 21.53 -3.18
C PRO A 188 -32.81 22.44 -3.62
N ASP A 189 -32.94 23.73 -3.32
CA ASP A 189 -31.93 24.72 -3.70
C ASP A 189 -30.71 24.71 -2.80
N PHE A 190 -30.72 23.83 -1.80
CA PHE A 190 -29.60 23.71 -0.86
C PHE A 190 -28.88 22.37 -0.98
N ILE A 191 -29.41 21.49 -1.81
CA ILE A 191 -28.80 20.18 -2.03
C ILE A 191 -28.40 20.10 -3.50
N ALA A 192 -27.16 19.70 -3.75
CA ALA A 192 -26.65 19.59 -5.10
C ALA A 192 -27.55 18.73 -5.98
N ALA A 193 -27.69 17.46 -5.62
CA ALA A 193 -28.52 16.54 -6.38
C ALA A 193 -30.00 16.69 -6.03
N ASN A 194 -30.84 16.73 -7.06
CA ASN A 194 -32.28 16.86 -6.85
C ASN A 194 -32.79 15.58 -6.19
N GLN A 195 -33.55 15.73 -5.12
CA GLN A 195 -34.08 14.56 -4.42
C GLN A 195 -35.55 14.77 -4.07
N ASP A 196 -36.39 14.83 -5.09
CA ASP A 196 -37.83 15.02 -4.87
C ASP A 196 -38.53 13.66 -4.77
N GLU A 197 -37.91 12.64 -5.34
CA GLU A 197 -38.47 11.28 -5.30
C GLU A 197 -38.13 10.63 -3.96
N ARG A 198 -36.88 10.81 -3.52
CA ARG A 198 -36.45 10.24 -2.26
C ARG A 198 -37.06 11.12 -1.16
N ALA A 199 -37.41 12.35 -1.52
CA ALA A 199 -38.01 13.25 -0.54
C ALA A 199 -39.53 13.15 -0.56
N ASN A 200 -40.07 12.17 0.14
CA ASN A 200 -41.51 11.98 0.20
C ASN A 200 -41.99 12.27 1.61
N ASN A 201 -41.12 12.94 2.36
CA ASN A 201 -41.38 13.25 3.76
C ASN A 201 -40.95 14.69 4.04
N CYS A 202 -41.68 15.63 3.45
CA CYS A 202 -41.40 17.05 3.60
C CYS A 202 -42.54 17.80 4.29
N ILE A 203 -42.17 18.86 5.03
CA ILE A 203 -43.13 19.68 5.75
C ILE A 203 -43.49 20.91 4.93
N ASN A 204 -42.52 21.41 4.18
CA ASN A 204 -42.71 22.59 3.35
C ASN A 204 -43.45 22.28 2.05
N LEU A 205 -44.76 22.13 2.16
CA LEU A 205 -45.60 21.84 1.00
C LEU A 205 -46.67 22.91 0.83
N ASP A 206 -46.92 23.32 -0.41
CA ASP A 206 -47.94 24.34 -0.67
C ASP A 206 -49.29 23.67 -0.75
N GLU A 207 -50.33 24.45 -1.05
CA GLU A 207 -51.67 23.90 -1.12
C GLU A 207 -51.84 22.82 -2.20
N LYS A 208 -51.03 22.89 -3.25
CA LYS A 208 -51.10 21.90 -4.31
C LYS A 208 -50.36 20.63 -3.89
N GLY A 209 -49.76 20.69 -2.69
CA GLY A 209 -49.03 19.55 -2.18
C GLY A 209 -47.61 19.43 -2.72
N ASN A 210 -47.09 20.51 -3.27
CA ASN A 210 -45.75 20.52 -3.81
C ASN A 210 -44.75 21.21 -2.88
N VAL A 211 -43.48 20.90 -3.06
CA VAL A 211 -42.41 21.48 -2.25
C VAL A 211 -42.17 22.95 -2.63
N THR A 212 -42.05 23.80 -1.61
CA THR A 212 -41.81 25.22 -1.83
C THR A 212 -40.92 25.78 -0.73
N THR A 213 -40.18 26.84 -1.06
CA THR A 213 -39.30 27.50 -0.10
C THR A 213 -40.02 28.71 0.47
N ARG A 214 -41.34 28.62 0.57
CA ARG A 214 -42.16 29.70 1.11
C ARG A 214 -42.75 29.35 2.47
N GLY A 215 -42.85 30.36 3.33
CA GLY A 215 -43.38 30.14 4.67
C GLY A 215 -42.36 29.49 5.58
N LYS A 216 -41.09 29.85 5.40
CA LYS A 216 -40.01 29.28 6.18
C LYS A 216 -40.21 29.46 7.69
N TRP A 217 -40.86 30.54 8.09
CA TRP A 217 -41.10 30.78 9.50
C TRP A 217 -41.99 29.70 10.09
N THR A 218 -43.05 29.34 9.36
CA THR A 218 -43.96 28.31 9.83
C THR A 218 -43.20 26.99 9.94
N HIS A 219 -42.24 26.79 9.05
CA HIS A 219 -41.42 25.58 9.05
C HIS A 219 -40.66 25.51 10.37
N LEU A 220 -40.09 26.66 10.76
CA LEU A 220 -39.33 26.76 12.00
C LEU A 220 -40.22 26.43 13.19
N GLN A 221 -41.43 26.98 13.20
CA GLN A 221 -42.37 26.73 14.29
C GLN A 221 -42.70 25.25 14.32
N ARG A 222 -42.89 24.67 13.13
CA ARG A 222 -43.20 23.25 13.00
C ARG A 222 -42.15 22.41 13.71
N ILE A 223 -40.88 22.72 13.47
CA ILE A 223 -39.79 21.99 14.09
C ILE A 223 -39.83 22.18 15.60
N ARG A 224 -39.93 23.43 16.05
CA ARG A 224 -39.98 23.72 17.47
C ARG A 224 -41.11 22.93 18.11
N ARG A 225 -42.15 22.65 17.34
CA ARG A 225 -43.29 21.89 17.83
C ARG A 225 -42.86 20.44 18.02
N ASP A 226 -42.15 19.90 17.03
CA ASP A 226 -41.68 18.51 17.11
C ASP A 226 -40.75 18.33 18.30
N ILE A 227 -39.94 19.33 18.59
CA ILE A 227 -39.02 19.26 19.71
C ILE A 227 -39.82 19.20 21.00
N GLN A 228 -40.92 19.95 21.03
CA GLN A 228 -41.80 20.00 22.20
C GLN A 228 -42.59 18.70 22.37
N ASN A 229 -43.08 18.16 21.26
CA ASN A 229 -43.84 16.91 21.31
C ASN A 229 -42.97 15.75 21.76
N PHE A 230 -41.80 15.62 21.15
CA PHE A 230 -40.86 14.55 21.48
C PHE A 230 -40.50 14.53 22.97
N LYS A 231 -40.28 15.72 23.53
CA LYS A 231 -39.92 15.84 24.93
C LYS A 231 -41.03 15.41 25.88
N GLU A 232 -42.26 15.71 25.52
CA GLU A 232 -43.41 15.37 26.35
C GLU A 232 -43.84 13.91 26.22
N GLU A 233 -43.90 13.41 24.98
CA GLU A 233 -44.31 12.03 24.74
C GLU A 233 -43.36 11.01 25.33
N ASN A 234 -42.15 11.45 25.68
CA ASN A 234 -41.15 10.54 26.25
C ASN A 234 -40.77 10.93 27.67
N ALA A 235 -41.48 11.90 28.23
CA ALA A 235 -41.21 12.36 29.59
C ALA A 235 -39.72 12.68 29.74
N LEU A 236 -39.19 13.44 28.80
CA LEU A 236 -37.78 13.81 28.81
C LEU A 236 -37.58 15.25 29.25
N ASP A 237 -36.38 15.55 29.76
CA ASP A 237 -36.04 16.89 30.20
C ASP A 237 -35.03 17.46 29.21
N LYS A 238 -33.84 16.85 29.18
CA LYS A 238 -32.79 17.28 28.27
C LYS A 238 -32.95 16.61 26.91
N VAL A 239 -32.65 17.37 25.86
CA VAL A 239 -32.75 16.87 24.48
C VAL A 239 -31.62 17.49 23.67
N ILE A 240 -31.03 16.72 22.77
CA ILE A 240 -29.93 17.21 21.95
C ILE A 240 -30.18 16.93 20.47
N VAL A 241 -30.02 17.96 19.64
CA VAL A 241 -30.22 17.82 18.20
C VAL A 241 -28.87 17.75 17.49
N LEU A 242 -28.74 16.80 16.58
CA LEU A 242 -27.51 16.60 15.82
C LEU A 242 -27.86 16.46 14.34
N TRP A 243 -27.11 17.16 13.50
CA TRP A 243 -27.35 17.11 12.06
C TRP A 243 -26.44 16.08 11.39
N THR A 244 -27.06 15.11 10.71
CA THR A 244 -26.30 14.07 10.02
C THR A 244 -26.91 13.89 8.64
N ALA A 245 -27.53 14.96 8.14
CA ALA A 245 -28.17 14.93 6.82
C ALA A 245 -27.18 15.32 5.74
N ASN A 246 -27.52 14.99 4.49
CA ASN A 246 -26.66 15.31 3.36
C ASN A 246 -26.13 16.74 3.42
N THR A 247 -24.95 16.95 2.84
CA THR A 247 -24.31 18.25 2.85
C THR A 247 -25.04 19.30 2.00
N GLU A 248 -25.22 20.48 2.57
CA GLU A 248 -25.87 21.59 1.87
C GLU A 248 -24.78 22.42 1.22
N ARG A 249 -25.17 23.45 0.48
CA ARG A 249 -24.20 24.32 -0.15
C ARG A 249 -23.87 25.43 0.85
N TYR A 250 -22.67 25.99 0.76
CA TYR A 250 -22.29 27.06 1.67
C TYR A 250 -23.16 28.28 1.40
N VAL A 251 -23.82 28.78 2.44
CA VAL A 251 -24.67 29.96 2.29
C VAL A 251 -23.79 31.20 2.28
N GLU A 252 -24.31 32.29 1.74
CA GLU A 252 -23.55 33.54 1.67
C GLU A 252 -23.87 34.45 2.85
N VAL A 253 -22.86 35.15 3.33
CA VAL A 253 -23.01 36.06 4.47
C VAL A 253 -23.15 37.50 3.97
N SER A 254 -24.25 38.15 4.34
CA SER A 254 -24.49 39.52 3.93
C SER A 254 -25.03 40.36 5.09
N PRO A 255 -24.71 41.66 5.10
CA PRO A 255 -25.16 42.58 6.17
C PRO A 255 -26.67 42.81 6.15
N GLY A 256 -27.27 42.83 7.33
CA GLY A 256 -28.70 43.05 7.44
C GLY A 256 -29.51 41.81 7.09
N VAL A 257 -28.85 40.82 6.50
CA VAL A 257 -29.52 39.58 6.12
C VAL A 257 -29.35 38.49 7.18
N ASN A 258 -28.26 37.74 7.09
CA ASN A 258 -27.99 36.65 8.02
C ASN A 258 -26.70 36.86 8.80
N ASP A 259 -26.46 38.11 9.20
CA ASP A 259 -25.26 38.45 9.97
C ASP A 259 -25.61 38.75 11.41
N THR A 260 -26.72 39.44 11.62
CA THR A 260 -27.17 39.81 12.95
C THR A 260 -28.33 38.91 13.38
N MSE A 261 -28.51 38.75 14.69
CA MSE A 261 -29.58 37.93 15.22
C MSE A 261 -30.92 38.35 14.66
O MSE A 261 -31.59 37.58 13.97
CB MSE A 261 -29.61 38.04 16.75
CG MSE A 261 -30.59 37.09 17.42
SE MSE A 261 -30.92 37.57 19.25
CE MSE A 261 -29.09 37.73 19.86
N GLU A 262 -31.33 39.57 14.97
CA GLU A 262 -32.60 40.11 14.51
C GLU A 262 -32.72 40.10 12.99
N ASN A 263 -31.59 40.16 12.30
CA ASN A 263 -31.60 40.15 10.84
C ASN A 263 -31.93 38.74 10.35
N LEU A 264 -31.37 37.74 11.02
CA LEU A 264 -31.59 36.35 10.67
C LEU A 264 -33.06 36.01 10.81
N LEU A 265 -33.62 36.28 11.99
CA LEU A 265 -35.02 36.01 12.28
C LEU A 265 -35.95 36.53 11.19
N GLN A 266 -35.80 37.80 10.85
CA GLN A 266 -36.62 38.41 9.81
C GLN A 266 -36.34 37.78 8.46
N SER A 267 -35.06 37.54 8.17
CA SER A 267 -34.67 36.93 6.90
C SER A 267 -35.40 35.61 6.73
N ILE A 268 -35.80 35.02 7.86
CA ILE A 268 -36.52 33.76 7.85
C ILE A 268 -37.98 34.01 7.48
N LYS A 269 -38.61 34.94 8.20
CA LYS A 269 -40.00 35.28 7.96
C LYS A 269 -40.18 35.78 6.53
N ASN A 270 -39.10 36.30 5.94
CA ASN A 270 -39.14 36.81 4.58
C ASN A 270 -38.76 35.72 3.59
N ASP A 271 -38.57 34.51 4.10
CA ASP A 271 -38.19 33.36 3.29
C ASP A 271 -37.02 33.73 2.38
N HIS A 272 -35.98 34.30 2.97
CA HIS A 272 -34.80 34.71 2.23
C HIS A 272 -34.07 33.53 1.60
N GLU A 273 -33.44 33.78 0.46
CA GLU A 273 -32.71 32.74 -0.28
C GLU A 273 -31.46 32.29 0.49
N GLU A 274 -31.09 33.04 1.52
CA GLU A 274 -29.92 32.70 2.31
C GLU A 274 -30.21 31.90 3.57
N ILE A 275 -31.44 31.41 3.70
CA ILE A 275 -31.85 30.61 4.84
C ILE A 275 -32.03 29.15 4.43
N ALA A 276 -31.17 28.28 4.95
CA ALA A 276 -31.20 26.86 4.67
C ALA A 276 -31.99 26.12 5.73
N PRO A 277 -32.45 24.90 5.43
CA PRO A 277 -33.23 24.14 6.42
C PRO A 277 -32.41 23.92 7.70
N SER A 278 -31.10 23.75 7.55
CA SER A 278 -30.23 23.54 8.70
C SER A 278 -30.26 24.80 9.56
N THR A 279 -30.24 25.95 8.90
CA THR A 279 -30.28 27.23 9.59
C THR A 279 -31.55 27.25 10.44
N ILE A 280 -32.63 26.75 9.86
CA ILE A 280 -33.91 26.70 10.54
C ILE A 280 -33.87 25.71 11.71
N PHE A 281 -33.43 24.49 11.44
CA PHE A 281 -33.34 23.48 12.48
C PHE A 281 -32.50 24.00 13.65
N ALA A 282 -31.36 24.61 13.32
CA ALA A 282 -30.48 25.15 14.34
C ALA A 282 -31.22 26.20 15.15
N ALA A 283 -31.76 27.21 14.48
CA ALA A 283 -32.50 28.27 15.15
C ALA A 283 -33.58 27.69 16.06
N ALA A 284 -34.37 26.77 15.52
CA ALA A 284 -35.45 26.15 16.28
C ALA A 284 -34.89 25.47 17.52
N SER A 285 -33.73 24.83 17.38
CA SER A 285 -33.10 24.14 18.50
C SER A 285 -32.69 25.16 19.56
N ILE A 286 -32.11 26.26 19.11
CA ILE A 286 -31.66 27.32 20.01
C ILE A 286 -32.84 27.96 20.73
N LEU A 287 -33.93 28.17 20.00
CA LEU A 287 -35.13 28.79 20.56
C LEU A 287 -35.77 27.89 21.62
N GLU A 288 -35.36 26.63 21.66
CA GLU A 288 -35.90 25.67 22.63
C GLU A 288 -34.89 25.35 23.72
N GLY A 289 -33.82 26.12 23.79
CA GLY A 289 -32.79 25.88 24.79
C GLY A 289 -32.17 24.52 24.62
N VAL A 290 -32.26 23.99 23.41
CA VAL A 290 -31.71 22.67 23.09
C VAL A 290 -30.43 22.81 22.27
N PRO A 291 -29.33 22.22 22.76
CA PRO A 291 -28.04 22.29 22.04
C PRO A 291 -28.11 21.65 20.66
N TYR A 292 -27.54 22.34 19.67
CA TYR A 292 -27.52 21.87 18.30
C TYR A 292 -26.09 21.63 17.83
N ILE A 293 -25.88 20.54 17.10
CA ILE A 293 -24.56 20.21 16.58
C ILE A 293 -24.63 20.00 15.08
N ASN A 294 -23.61 20.47 14.36
CA ASN A 294 -23.56 20.33 12.92
C ASN A 294 -22.52 19.30 12.49
N GLY A 295 -23.00 18.12 12.11
CA GLY A 295 -22.11 17.06 11.69
C GLY A 295 -21.76 17.13 10.21
N SER A 296 -22.15 18.22 9.57
CA SER A 296 -21.87 18.40 8.15
C SER A 296 -21.03 19.64 7.88
N PRO A 297 -20.29 19.64 6.76
CA PRO A 297 -19.43 20.76 6.35
C PRO A 297 -20.23 21.89 5.74
N GLN A 298 -20.98 22.62 6.56
CA GLN A 298 -21.80 23.72 6.09
C GLN A 298 -21.72 24.89 7.07
N ASN A 299 -21.51 26.09 6.54
CA ASN A 299 -21.43 27.28 7.37
C ASN A 299 -22.81 27.60 7.91
N THR A 300 -23.43 26.62 8.56
CA THR A 300 -24.76 26.76 9.14
C THR A 300 -24.80 27.76 10.28
N PHE A 301 -23.74 27.79 11.07
CA PHE A 301 -23.68 28.70 12.21
C PHE A 301 -23.25 30.12 11.81
N VAL A 302 -23.98 30.72 10.89
CA VAL A 302 -23.69 32.08 10.44
C VAL A 302 -23.66 32.99 11.67
N PRO A 303 -22.97 34.13 11.58
CA PRO A 303 -22.88 35.06 12.71
C PRO A 303 -24.23 35.41 13.33
N GLY A 304 -25.29 35.26 12.54
CA GLY A 304 -26.63 35.54 13.03
C GLY A 304 -27.04 34.56 14.11
N LEU A 305 -26.93 33.27 13.79
CA LEU A 305 -27.30 32.21 14.72
C LEU A 305 -26.42 32.22 15.96
N VAL A 306 -25.12 32.45 15.76
CA VAL A 306 -24.17 32.50 16.88
C VAL A 306 -24.68 33.48 17.92
N GLN A 307 -24.92 34.71 17.50
CA GLN A 307 -25.44 35.74 18.39
C GLN A 307 -26.77 35.29 18.97
N LEU A 308 -27.56 34.61 18.15
CA LEU A 308 -28.86 34.10 18.56
C LEU A 308 -28.69 33.14 19.75
N ALA A 309 -27.66 32.31 19.67
CA ALA A 309 -27.38 31.34 20.72
C ALA A 309 -26.91 32.04 21.99
N GLU A 310 -25.97 32.97 21.82
CA GLU A 310 -25.43 33.73 22.95
C GLU A 310 -26.54 34.36 23.77
N HIS A 311 -27.56 34.88 23.08
CA HIS A 311 -28.70 35.51 23.74
C HIS A 311 -29.55 34.50 24.51
N GLU A 312 -29.87 33.38 23.86
CA GLU A 312 -30.68 32.35 24.47
C GLU A 312 -29.95 31.50 25.51
N GLY A 313 -28.62 31.51 25.45
CA GLY A 313 -27.85 30.72 26.40
C GLY A 313 -27.98 29.25 26.04
N THR A 314 -27.87 28.98 24.74
CA THR A 314 -27.96 27.62 24.23
C THR A 314 -26.62 27.19 23.64
N PHE A 315 -26.26 25.93 23.87
CA PHE A 315 -25.00 25.39 23.37
C PHE A 315 -25.05 25.05 21.89
N ILE A 316 -23.99 25.43 21.18
CA ILE A 316 -23.89 25.14 19.74
C ILE A 316 -22.44 24.78 19.44
N ALA A 317 -22.24 24.05 18.36
CA ALA A 317 -20.90 23.63 17.95
C ALA A 317 -21.01 22.64 16.81
N GLY A 318 -19.89 22.39 16.13
CA GLY A 318 -19.92 21.44 15.04
C GLY A 318 -19.17 21.80 13.78
N ASP A 319 -19.83 21.60 12.65
CA ASP A 319 -19.30 21.83 11.31
C ASP A 319 -18.43 20.68 10.85
N ASP A 320 -19.09 19.70 10.22
CA ASP A 320 -18.43 18.52 9.68
C ASP A 320 -17.92 17.57 10.76
N LEU A 321 -18.14 16.29 10.55
CA LEU A 321 -17.73 15.25 11.49
C LEU A 321 -16.33 14.74 11.10
N LYS A 322 -15.41 14.76 12.06
CA LYS A 322 -14.04 14.31 11.81
C LYS A 322 -14.01 12.81 11.52
N SER A 323 -13.65 12.45 10.30
CA SER A 323 -13.59 11.05 9.89
C SER A 323 -12.40 10.33 10.52
N GLY A 324 -12.30 9.04 10.22
CA GLY A 324 -11.22 8.23 10.76
C GLY A 324 -9.87 8.51 10.13
N GLN A 325 -9.84 8.63 8.80
CA GLN A 325 -8.60 8.90 8.09
C GLN A 325 -8.07 10.29 8.41
N THR A 326 -8.96 11.27 8.45
CA THR A 326 -8.58 12.64 8.74
C THR A 326 -7.88 12.72 10.10
N LYS A 327 -8.18 11.76 10.97
CA LYS A 327 -7.58 11.72 12.29
C LYS A 327 -6.14 11.22 12.16
N LEU A 328 -5.95 10.16 11.38
CA LEU A 328 -4.61 9.61 11.16
C LEU A 328 -3.72 10.71 10.59
N LYS A 329 -4.30 11.58 9.78
CA LYS A 329 -3.56 12.68 9.18
C LYS A 329 -3.03 13.56 10.29
N SER A 330 -3.95 14.09 11.12
CA SER A 330 -3.60 14.96 12.23
C SER A 330 -2.57 14.33 13.15
N VAL A 331 -2.55 13.00 13.20
CA VAL A 331 -1.62 12.27 14.04
C VAL A 331 -0.25 12.13 13.38
N LEU A 332 -0.23 11.60 12.17
CA LEU A 332 1.02 11.41 11.43
C LEU A 332 1.73 12.73 11.20
N ALA A 333 1.01 13.70 10.64
CA ALA A 333 1.57 15.02 10.37
C ALA A 333 2.23 15.58 11.62
N GLN A 334 1.49 15.57 12.73
CA GLN A 334 2.03 16.07 13.99
C GLN A 334 3.24 15.25 14.41
N PHE A 335 3.14 13.94 14.25
CA PHE A 335 4.22 13.03 14.60
C PHE A 335 5.53 13.45 13.93
N LEU A 336 5.50 13.59 12.61
CA LEU A 336 6.68 13.97 11.85
C LEU A 336 7.29 15.29 12.29
N VAL A 337 6.54 16.38 12.14
CA VAL A 337 7.02 17.70 12.52
C VAL A 337 7.53 17.74 13.96
N ASP A 338 6.90 16.97 14.83
CA ASP A 338 7.31 16.93 16.23
C ASP A 338 8.64 16.19 16.36
N ALA A 339 8.97 15.42 15.32
CA ALA A 339 10.20 14.66 15.30
C ALA A 339 11.29 15.43 14.55
N GLY A 340 10.96 16.62 14.10
CA GLY A 340 11.91 17.44 13.37
C GLY A 340 11.90 17.18 11.88
N ILE A 341 11.01 16.30 11.44
CA ILE A 341 10.90 15.96 10.02
C ILE A 341 9.97 16.97 9.32
N LYS A 342 10.42 17.48 8.19
CA LYS A 342 9.65 18.47 7.44
C LYS A 342 8.90 17.90 6.23
N PRO A 343 7.61 17.59 6.41
CA PRO A 343 6.83 17.05 5.28
C PRO A 343 6.73 18.13 4.19
N VAL A 344 6.59 17.70 2.94
CA VAL A 344 6.50 18.65 1.83
C VAL A 344 5.39 18.29 0.85
N SER A 345 4.89 17.07 0.94
CA SER A 345 3.83 16.61 0.04
C SER A 345 2.83 15.72 0.78
N ILE A 346 1.58 16.14 0.79
CA ILE A 346 0.53 15.37 1.46
C ILE A 346 -0.65 15.21 0.49
N ALA A 347 -0.84 13.98 0.01
CA ALA A 347 -1.92 13.69 -0.92
C ALA A 347 -2.86 12.62 -0.39
N SER A 348 -4.12 13.00 -0.19
CA SER A 348 -5.13 12.09 0.31
C SER A 348 -6.18 11.81 -0.76
N TYR A 349 -6.58 10.55 -0.88
CA TYR A 349 -7.57 10.15 -1.87
C TYR A 349 -8.59 9.22 -1.25
N ASN A 350 -9.85 9.65 -1.21
CA ASN A 350 -10.93 8.86 -0.63
C ASN A 350 -12.01 8.53 -1.65
N HIS A 351 -12.80 7.50 -1.35
CA HIS A 351 -13.90 7.10 -2.22
C HIS A 351 -14.74 6.00 -1.57
N LEU A 352 -16.05 6.22 -1.52
CA LEU A 352 -16.98 5.27 -0.94
C LEU A 352 -18.25 5.18 -1.79
N GLY A 353 -19.32 4.63 -1.23
CA GLY A 353 -20.56 4.50 -1.99
C GLY A 353 -21.84 4.70 -1.23
N ASN A 354 -21.82 5.54 -0.20
CA ASN A 354 -23.02 5.81 0.60
C ASN A 354 -23.96 6.70 -0.20
N ASN A 355 -25.16 6.95 0.34
CA ASN A 355 -26.13 7.81 -0.33
C ASN A 355 -25.56 9.21 -0.37
N ASP A 356 -24.74 9.53 0.62
CA ASP A 356 -24.10 10.84 0.72
C ASP A 356 -22.99 10.92 -0.32
N GLY A 357 -22.53 9.76 -0.78
CA GLY A 357 -21.48 9.72 -1.77
C GLY A 357 -21.96 10.23 -3.11
N TYR A 358 -23.27 10.19 -3.31
CA TYR A 358 -23.87 10.65 -4.56
C TYR A 358 -24.18 12.14 -4.43
N ASN A 359 -24.29 12.61 -3.19
CA ASN A 359 -24.56 14.01 -2.90
C ASN A 359 -23.28 14.83 -3.04
N LEU A 360 -22.16 14.19 -2.77
CA LEU A 360 -20.86 14.84 -2.86
C LEU A 360 -20.33 14.72 -4.29
N SER A 361 -21.10 14.04 -5.14
CA SER A 361 -20.73 13.84 -6.53
C SER A 361 -21.36 14.89 -7.43
N ALA A 362 -22.04 15.86 -6.81
CA ALA A 362 -22.69 16.93 -7.56
C ALA A 362 -22.14 18.28 -7.12
N PRO A 363 -21.07 18.76 -7.78
CA PRO A 363 -20.45 20.04 -7.45
C PRO A 363 -21.33 21.24 -7.80
N LYS A 364 -21.13 22.34 -7.08
CA LYS A 364 -21.89 23.57 -7.31
C LYS A 364 -21.13 24.52 -8.21
N SER A 375 -6.66 24.70 8.07
CA SER A 375 -6.54 23.25 8.13
C SER A 375 -5.45 22.83 9.11
N VAL A 376 -5.34 21.54 9.36
CA VAL A 376 -4.34 21.01 10.28
C VAL A 376 -2.93 21.34 9.81
N ILE A 377 -2.65 21.04 8.55
CA ILE A 377 -1.34 21.28 7.95
C ILE A 377 -0.89 22.73 8.13
N ASP A 378 -1.85 23.64 8.24
CA ASP A 378 -1.55 25.06 8.41
C ASP A 378 -1.00 25.39 9.79
N ASP A 379 -1.65 24.86 10.84
CA ASP A 379 -1.21 25.11 12.21
C ASP A 379 0.16 24.51 12.47
N ILE A 380 0.47 23.43 11.76
CA ILE A 380 1.74 22.73 11.92
C ILE A 380 2.89 23.50 11.27
N ILE A 381 2.60 24.20 10.17
CA ILE A 381 3.61 24.98 9.46
C ILE A 381 4.01 26.23 10.24
N ALA A 382 3.04 26.84 10.92
CA ALA A 382 3.29 28.05 11.69
C ALA A 382 3.96 27.76 13.03
N SER A 383 3.82 26.52 13.51
CA SER A 383 4.41 26.12 14.78
C SER A 383 5.92 25.97 14.71
N ASN A 384 6.40 25.50 13.56
CA ASN A 384 7.84 25.30 13.39
C ASN A 384 8.38 26.16 12.25
N ASP A 385 8.91 27.32 12.59
CA ASP A 385 9.47 28.23 11.61
C ASP A 385 10.91 27.85 11.27
N ILE A 386 11.36 26.74 11.82
CA ILE A 386 12.72 26.26 11.57
C ILE A 386 12.73 25.49 10.26
N LEU A 387 11.67 24.70 10.05
CA LEU A 387 11.53 23.90 8.84
C LEU A 387 10.80 24.68 7.76
N TYR A 388 9.82 25.49 8.17
CA TYR A 388 9.05 26.27 7.22
C TYR A 388 9.26 27.77 7.42
N ASN A 389 10.10 28.36 6.58
CA ASN A 389 10.41 29.78 6.65
C ASN A 389 10.71 30.34 5.26
N ASP A 390 10.95 31.65 5.19
CA ASP A 390 11.24 32.30 3.91
C ASP A 390 12.65 31.99 3.42
N LYS A 391 13.06 30.72 3.49
CA LYS A 391 14.39 30.34 3.04
C LYS A 391 14.50 28.87 2.67
N LEU A 392 13.67 28.04 3.29
CA LEU A 392 13.69 26.61 3.02
C LEU A 392 12.37 26.11 2.46
N GLY A 393 11.33 26.94 2.55
CA GLY A 393 10.03 26.56 2.05
C GLY A 393 8.99 26.71 3.13
N LYS A 394 7.92 27.45 2.84
CA LYS A 394 6.87 27.67 3.82
C LYS A 394 5.53 27.13 3.31
N LYS A 395 5.59 26.26 2.31
CA LYS A 395 4.39 25.67 1.74
C LYS A 395 4.42 24.15 1.86
N VAL A 396 3.25 23.54 1.73
CA VAL A 396 3.11 22.09 1.82
C VAL A 396 1.98 21.63 0.89
N ASP A 397 2.33 21.22 -0.32
CA ASP A 397 1.34 20.77 -1.28
C ASP A 397 0.43 19.70 -0.69
N HIS A 398 -0.84 20.06 -0.51
CA HIS A 398 -1.82 19.15 0.04
C HIS A 398 -3.07 19.13 -0.83
N CYS A 399 -3.50 17.93 -1.20
CA CYS A 399 -4.69 17.77 -2.04
C CYS A 399 -5.55 16.63 -1.53
N ILE A 400 -6.86 16.83 -1.59
CA ILE A 400 -7.81 15.81 -1.14
C ILE A 400 -8.78 15.51 -2.26
N VAL A 401 -8.83 14.25 -2.68
CA VAL A 401 -9.72 13.83 -3.75
C VAL A 401 -10.66 12.73 -3.29
N ILE A 402 -11.95 13.04 -3.23
CA ILE A 402 -12.95 12.07 -2.79
C ILE A 402 -13.87 11.67 -3.94
N LYS A 403 -13.64 10.48 -4.48
CA LYS A 403 -14.45 9.97 -5.59
C LYS A 403 -15.66 9.19 -5.08
N TYR A 404 -16.47 8.71 -6.01
CA TYR A 404 -17.67 7.95 -5.67
C TYR A 404 -17.71 6.58 -6.34
N MSE A 405 -17.56 5.54 -5.53
CA MSE A 405 -17.61 4.17 -6.04
C MSE A 405 -18.69 3.37 -5.33
O MSE A 405 -18.46 2.76 -4.28
CB MSE A 405 -16.25 3.48 -5.84
CG MSE A 405 -15.41 3.30 -7.09
SE MSE A 405 -15.03 4.92 -8.00
CE MSE A 405 -13.47 5.43 -6.99
N LYS A 406 -19.88 3.38 -5.92
CA LYS A 406 -21.02 2.67 -5.35
C LYS A 406 -20.73 1.19 -5.10
N PRO A 407 -20.01 0.52 -6.02
CA PRO A 407 -19.70 -0.90 -5.85
C PRO A 407 -18.69 -1.19 -4.73
N VAL A 408 -18.86 -0.51 -3.60
CA VAL A 408 -17.98 -0.71 -2.46
C VAL A 408 -18.80 -0.60 -1.17
N GLY A 409 -20.06 -0.22 -1.31
CA GLY A 409 -20.93 -0.10 -0.17
C GLY A 409 -20.48 0.96 0.82
N ASP A 410 -20.85 0.78 2.08
CA ASP A 410 -20.48 1.73 3.13
C ASP A 410 -18.99 1.63 3.43
N SER A 411 -18.33 0.65 2.83
CA SER A 411 -16.90 0.45 3.02
C SER A 411 -16.11 1.50 2.23
N LYS A 412 -15.48 2.43 2.95
CA LYS A 412 -14.70 3.46 2.30
C LYS A 412 -13.22 3.09 2.25
N VAL A 413 -12.55 3.51 1.18
CA VAL A 413 -11.13 3.23 1.01
C VAL A 413 -10.36 4.55 0.93
N ALA A 414 -9.48 4.78 1.91
CA ALA A 414 -8.69 6.00 1.94
C ALA A 414 -7.21 5.70 1.76
N MSE A 415 -6.50 6.62 1.11
CA MSE A 415 -5.07 6.46 0.85
C MSE A 415 -4.36 7.79 0.95
O MSE A 415 -4.71 8.75 0.26
CB MSE A 415 -4.87 5.87 -0.55
CG MSE A 415 -5.57 4.54 -0.76
SE MSE A 415 -6.08 4.26 -2.59
CE MSE A 415 -7.71 5.30 -2.58
N ASP A 416 -3.35 7.86 1.82
CA ASP A 416 -2.57 9.08 2.01
C ASP A 416 -1.11 8.84 1.64
N GLU A 417 -0.47 9.86 1.09
CA GLU A 417 0.93 9.75 0.69
C GLU A 417 1.76 10.91 1.24
N TYR A 418 2.50 10.67 2.32
CA TYR A 418 3.33 11.70 2.91
C TYR A 418 4.76 11.64 2.39
N TYR A 419 5.21 12.73 1.78
CA TYR A 419 6.56 12.82 1.25
C TYR A 419 7.27 13.91 2.04
N SER A 420 8.29 13.52 2.80
CA SER A 420 9.03 14.47 3.61
C SER A 420 10.52 14.53 3.29
N GLU A 421 11.13 15.67 3.58
CA GLU A 421 12.55 15.87 3.34
C GLU A 421 13.31 15.52 4.60
N LEU A 422 14.36 14.72 4.46
CA LEU A 422 15.18 14.33 5.60
C LEU A 422 16.49 15.10 5.59
N MSE A 423 17.42 14.68 6.44
CA MSE A 423 18.72 15.32 6.55
C MSE A 423 19.57 15.10 5.31
O MSE A 423 19.57 14.02 4.72
CB MSE A 423 19.45 14.76 7.77
CG MSE A 423 20.88 15.23 7.93
SE MSE A 423 21.82 14.06 9.13
CE MSE A 423 21.33 14.92 10.79
N LEU A 424 20.31 16.14 4.92
CA LEU A 424 21.20 16.07 3.77
C LEU A 424 20.55 15.54 2.50
N GLY A 425 19.53 16.23 2.02
CA GLY A 425 18.86 15.81 0.80
C GLY A 425 18.15 14.47 0.91
N GLY A 426 17.99 13.97 2.12
CA GLY A 426 17.31 12.71 2.32
C GLY A 426 15.82 12.85 2.10
N HIS A 427 15.10 11.74 2.02
CA HIS A 427 13.66 11.76 1.81
C HIS A 427 12.96 10.60 2.51
N ASN A 428 11.69 10.81 2.83
CA ASN A 428 10.89 9.80 3.50
C ASN A 428 9.50 9.71 2.88
N ARG A 429 9.15 8.53 2.38
CA ARG A 429 7.86 8.31 1.75
C ARG A 429 7.00 7.35 2.55
N ILE A 430 5.91 7.86 3.13
CA ILE A 430 5.00 7.06 3.93
C ILE A 430 3.63 6.94 3.26
N SER A 431 3.15 5.71 3.13
CA SER A 431 1.86 5.46 2.50
C SER A 431 0.86 4.88 3.50
N ILE A 432 -0.32 5.48 3.59
CA ILE A 432 -1.35 5.02 4.51
C ILE A 432 -2.54 4.47 3.74
N HIS A 433 -2.87 3.21 4.00
CA HIS A 433 -3.99 2.56 3.34
C HIS A 433 -5.01 2.12 4.40
N ASN A 434 -6.07 2.91 4.57
CA ASN A 434 -7.10 2.61 5.55
C ASN A 434 -8.39 2.11 4.89
N VAL A 435 -8.93 1.03 5.44
CA VAL A 435 -10.16 0.43 4.92
C VAL A 435 -11.09 0.05 6.08
N CYS A 436 -12.36 0.43 5.97
CA CYS A 436 -13.34 0.13 7.01
C CYS A 436 -14.71 0.68 6.65
N GLU A 437 -15.74 0.18 7.33
CA GLU A 437 -17.10 0.65 7.11
C GLU A 437 -17.24 2.01 7.78
N ASP A 438 -17.10 3.06 6.97
CA ASP A 438 -17.17 4.44 7.42
C ASP A 438 -18.19 4.72 8.54
N SER A 439 -19.44 4.33 8.32
CA SER A 439 -20.49 4.57 9.31
C SER A 439 -20.24 3.93 10.67
N LEU A 440 -19.44 2.87 10.70
CA LEU A 440 -19.14 2.21 11.96
C LEU A 440 -18.10 2.99 12.75
N LEU A 441 -17.54 4.01 12.13
CA LEU A 441 -16.54 4.87 12.78
C LEU A 441 -17.21 6.16 13.20
N ALA A 442 -18.08 6.67 12.34
CA ALA A 442 -18.80 7.91 12.59
C ALA A 442 -19.84 7.74 13.71
N THR A 443 -20.62 6.67 13.66
CA THR A 443 -21.64 6.42 14.67
C THR A 443 -21.06 6.50 16.07
N PRO A 444 -19.99 5.75 16.34
CA PRO A 444 -19.38 5.76 17.67
C PRO A 444 -18.93 7.17 18.04
N LEU A 445 -18.48 7.89 17.02
CA LEU A 445 -18.03 9.27 17.19
C LEU A 445 -19.19 10.19 17.52
N ILE A 446 -20.32 9.98 16.84
CA ILE A 446 -21.50 10.80 17.09
C ILE A 446 -21.93 10.63 18.54
N ILE A 447 -21.83 9.40 19.03
CA ILE A 447 -22.20 9.10 20.41
C ILE A 447 -21.37 9.94 21.38
N ASP A 448 -20.08 10.08 21.09
CA ASP A 448 -19.19 10.86 21.95
C ASP A 448 -19.63 12.31 22.03
N LEU A 449 -19.97 12.89 20.88
CA LEU A 449 -20.41 14.28 20.82
C LEU A 449 -21.62 14.48 21.73
N LEU A 450 -22.58 13.58 21.64
CA LEU A 450 -23.80 13.65 22.44
C LEU A 450 -23.52 13.44 23.92
N VAL A 451 -22.70 12.44 24.23
CA VAL A 451 -22.36 12.13 25.61
C VAL A 451 -21.61 13.28 26.28
N MSE A 452 -20.68 13.88 25.54
CA MSE A 452 -19.90 15.00 26.06
C MSE A 452 -20.69 16.30 26.10
O MSE A 452 -20.51 17.10 27.01
CB MSE A 452 -18.63 15.20 25.22
CG MSE A 452 -17.46 14.32 25.64
SE MSE A 452 -16.97 14.61 27.48
CE MSE A 452 -16.44 16.47 27.38
N THR A 453 -21.54 16.50 25.10
CA THR A 453 -22.35 17.72 25.03
C THR A 453 -23.26 17.85 26.24
N GLU A 454 -24.00 16.79 26.55
CA GLU A 454 -24.92 16.81 27.68
C GLU A 454 -24.15 17.02 28.98
N PHE A 455 -22.87 16.63 28.99
CA PHE A 455 -22.03 16.79 30.17
C PHE A 455 -21.77 18.27 30.43
N CYS A 456 -21.28 18.96 29.40
CA CYS A 456 -20.99 20.39 29.51
C CYS A 456 -22.23 21.17 29.91
N THR A 457 -23.40 20.60 29.63
CA THR A 457 -24.67 21.23 29.98
C THR A 457 -24.83 21.27 31.49
N ARG A 458 -24.22 20.31 32.17
CA ARG A 458 -24.28 20.25 33.63
C ARG A 458 -23.06 20.88 34.28
N VAL A 459 -22.32 21.66 33.50
CA VAL A 459 -21.11 22.31 34.02
C VAL A 459 -21.22 23.83 33.98
N SER A 460 -20.88 24.46 35.09
CA SER A 460 -20.91 25.91 35.21
C SER A 460 -19.68 26.36 36.00
N TYR A 461 -19.14 27.53 35.64
CA TYR A 461 -17.95 28.05 36.31
C TYR A 461 -18.16 29.43 36.92
N LYS A 462 -17.16 29.88 37.67
CA LYS A 462 -17.20 31.20 38.31
C LYS A 462 -15.80 31.78 38.39
N LYS A 463 -15.54 32.81 37.58
CA LYS A 463 -14.24 33.46 37.55
C LYS A 463 -13.98 34.22 38.85
N VAL A 464 -13.16 33.62 39.71
CA VAL A 464 -12.83 34.21 41.01
C VAL A 464 -12.16 35.58 40.93
N ASP A 465 -12.64 36.50 41.76
CA ASP A 465 -12.09 37.84 41.83
C ASP A 465 -11.30 37.93 43.14
N PRO A 466 -9.99 38.22 43.04
CA PRO A 466 -9.14 38.31 44.24
C PRO A 466 -9.60 39.37 45.24
N VAL A 467 -10.23 40.42 44.74
CA VAL A 467 -10.71 41.50 45.60
C VAL A 467 -12.11 41.25 46.15
N LYS A 468 -13.07 41.00 45.27
CA LYS A 468 -14.44 40.75 45.67
C LYS A 468 -14.80 39.28 45.60
N GLU A 469 -15.07 38.66 46.75
CA GLU A 469 -15.42 37.26 46.79
C GLU A 469 -16.90 37.10 46.44
N ASP A 470 -17.26 35.93 45.90
CA ASP A 470 -18.62 35.64 45.52
C ASP A 470 -19.13 36.62 44.46
N ALA A 471 -18.20 37.30 43.81
CA ALA A 471 -18.55 38.27 42.76
C ALA A 471 -19.22 37.51 41.62
N GLY A 472 -20.37 38.02 41.18
CA GLY A 472 -21.09 37.38 40.10
C GLY A 472 -21.49 35.96 40.48
N LYS A 473 -22.12 35.24 39.55
CA LYS A 473 -22.53 33.87 39.83
C LYS A 473 -22.06 32.93 38.73
N PHE A 474 -22.27 31.64 38.93
CA PHE A 474 -21.86 30.63 37.95
C PHE A 474 -22.41 30.90 36.56
N GLU A 475 -21.55 30.73 35.56
CA GLU A 475 -21.92 30.94 34.16
C GLU A 475 -21.76 29.63 33.40
N ASN A 476 -22.40 29.55 32.24
CA ASN A 476 -22.31 28.37 31.38
C ASN A 476 -21.21 28.60 30.35
N PHE A 477 -20.72 27.52 29.75
CA PHE A 477 -19.67 27.62 28.75
C PHE A 477 -20.11 28.54 27.61
N TYR A 478 -19.12 29.08 26.90
CA TYR A 478 -19.40 29.95 25.77
C TYR A 478 -20.20 29.09 24.79
N PRO A 479 -21.38 29.57 24.36
CA PRO A 479 -22.25 28.85 23.42
C PRO A 479 -21.53 27.86 22.51
N VAL A 480 -20.44 28.29 21.90
CA VAL A 480 -19.67 27.43 21.00
C VAL A 480 -18.76 26.51 21.80
N LEU A 481 -19.14 25.23 21.88
CA LEU A 481 -18.35 24.24 22.62
C LEU A 481 -17.17 23.72 21.81
N THR A 482 -16.05 24.41 21.90
CA THR A 482 -14.84 24.00 21.19
C THR A 482 -14.28 22.72 21.79
N PHE A 483 -14.74 22.40 22.99
CA PHE A 483 -14.32 21.19 23.70
C PHE A 483 -14.69 19.93 22.95
N LEU A 484 -15.48 20.10 21.88
CA LEU A 484 -15.91 18.99 21.07
C LEU A 484 -15.20 18.95 19.73
N SER A 485 -14.26 19.88 19.53
CA SER A 485 -13.50 19.96 18.29
C SER A 485 -12.69 18.70 18.00
N TYR A 486 -12.61 17.81 18.99
CA TYR A 486 -11.87 16.56 18.83
C TYR A 486 -12.57 15.68 17.80
N TRP A 487 -13.89 15.76 17.79
CA TRP A 487 -14.72 14.97 16.89
C TRP A 487 -15.16 15.77 15.66
N LEU A 488 -14.86 17.06 15.66
CA LEU A 488 -15.25 17.94 14.56
C LEU A 488 -14.08 18.26 13.64
N LYS A 489 -14.29 18.10 12.34
CA LYS A 489 -13.25 18.36 11.34
C LYS A 489 -12.90 19.85 11.24
N ALA A 490 -13.90 20.69 11.05
CA ALA A 490 -13.70 22.13 10.96
C ALA A 490 -14.34 22.82 12.15
N PRO A 491 -13.68 22.75 13.32
CA PRO A 491 -14.18 23.36 14.55
C PRO A 491 -14.34 24.87 14.48
N LEU A 492 -15.53 25.35 14.84
CA LEU A 492 -15.81 26.78 14.84
C LEU A 492 -15.25 27.35 16.14
N THR A 493 -14.88 28.62 16.12
CA THR A 493 -14.32 29.26 17.31
C THR A 493 -14.87 30.66 17.51
N ARG A 494 -14.34 31.34 18.52
CA ARG A 494 -14.78 32.70 18.83
C ARG A 494 -14.10 33.66 17.86
N PRO A 495 -14.78 34.75 17.49
CA PRO A 495 -14.19 35.72 16.56
C PRO A 495 -12.84 36.23 17.05
N GLY A 496 -11.80 35.97 16.27
CA GLY A 496 -10.47 36.40 16.64
C GLY A 496 -9.55 35.25 16.99
N PHE A 497 -10.08 34.27 17.72
CA PHE A 497 -9.30 33.11 18.12
C PHE A 497 -8.98 32.19 16.95
N HIS A 498 -7.84 31.51 17.03
CA HIS A 498 -7.43 30.56 16.00
C HIS A 498 -7.87 29.15 16.40
N PRO A 499 -8.26 28.34 15.42
CA PRO A 499 -8.71 26.97 15.68
C PRO A 499 -7.55 26.06 16.10
N VAL A 500 -7.88 25.05 16.90
CA VAL A 500 -6.87 24.09 17.37
C VAL A 500 -7.25 22.71 16.83
N ASN A 501 -6.48 22.23 15.86
CA ASN A 501 -6.77 20.94 15.24
C ASN A 501 -5.89 19.80 15.75
N GLY A 502 -4.94 20.12 16.62
CA GLY A 502 -4.07 19.08 17.15
C GLY A 502 -4.89 18.02 17.86
N LEU A 503 -5.12 16.89 17.20
CA LEU A 503 -5.91 15.80 17.76
C LEU A 503 -5.52 15.47 19.20
N ASN A 504 -4.24 15.20 19.42
CA ASN A 504 -3.75 14.85 20.74
C ASN A 504 -3.96 15.98 21.75
N LYS A 505 -3.76 17.23 21.30
CA LYS A 505 -3.93 18.37 22.19
C LYS A 505 -5.39 18.53 22.60
N GLN A 506 -6.30 18.11 21.73
CA GLN A 506 -7.74 18.19 21.99
C GLN A 506 -8.10 17.11 23.00
N ARG A 507 -7.49 15.95 22.82
CA ARG A 507 -7.71 14.79 23.70
C ARG A 507 -7.28 15.17 25.12
N THR A 508 -6.07 15.69 25.24
CA THR A 508 -5.53 16.08 26.53
C THR A 508 -6.39 17.16 27.19
N ALA A 509 -6.91 18.08 26.38
CA ALA A 509 -7.75 19.14 26.91
C ALA A 509 -8.91 18.52 27.70
N LEU A 510 -9.51 17.49 27.12
CA LEU A 510 -10.62 16.79 27.75
C LEU A 510 -10.15 16.10 29.03
N GLU A 511 -8.97 15.50 28.97
CA GLU A 511 -8.42 14.82 30.14
C GLU A 511 -8.32 15.77 31.32
N ASN A 512 -7.43 16.75 31.20
CA ASN A 512 -7.21 17.74 32.25
C ASN A 512 -8.52 18.37 32.73
N PHE A 513 -9.45 18.56 31.80
CA PHE A 513 -10.74 19.15 32.15
C PHE A 513 -11.47 18.25 33.15
N LEU A 514 -11.54 16.96 32.84
CA LEU A 514 -12.21 16.00 33.72
C LEU A 514 -11.41 15.83 35.01
N ARG A 515 -10.08 15.79 34.87
CA ARG A 515 -9.20 15.61 36.01
C ARG A 515 -9.28 16.77 37.00
N LEU A 516 -9.34 18.00 36.47
CA LEU A 516 -9.40 19.18 37.33
C LEU A 516 -10.71 19.25 38.11
N LEU A 517 -11.77 18.69 37.53
CA LEU A 517 -13.08 18.70 38.18
C LEU A 517 -13.10 17.80 39.41
N ILE A 518 -12.15 16.87 39.47
CA ILE A 518 -12.07 15.95 40.61
C ILE A 518 -10.87 16.26 41.49
N GLY A 519 -10.28 17.43 41.29
CA GLY A 519 -9.13 17.85 42.09
C GLY A 519 -7.79 17.27 41.69
N LEU A 520 -7.62 16.99 40.40
CA LEU A 520 -6.36 16.44 39.92
C LEU A 520 -5.66 17.35 38.92
N PRO A 521 -4.34 17.54 39.07
CA PRO A 521 -3.54 18.39 38.19
C PRO A 521 -3.39 17.78 36.80
N SER A 522 -3.03 18.60 35.82
CA SER A 522 -2.84 18.13 34.46
C SER A 522 -1.65 17.19 34.37
N GLN A 523 -1.76 16.16 33.54
CA GLN A 523 -0.69 15.18 33.36
C GLN A 523 0.59 15.86 32.91
N ASN A 524 1.72 15.46 33.51
CA ASN A 524 3.02 16.04 33.16
C ASN A 524 3.98 14.97 32.66
N GLU A 525 3.68 13.71 32.97
CA GLU A 525 4.52 12.59 32.56
C GLU A 525 5.97 12.76 33.03
N LEU A 526 6.16 13.52 34.09
CA LEU A 526 7.50 13.76 34.62
C LEU A 526 8.07 12.54 35.34
N ARG A 527 7.18 11.76 35.96
CA ARG A 527 7.58 10.55 36.67
C ARG A 527 8.89 10.76 37.45
N PHE A 528 8.88 11.73 38.36
CA PHE A 528 10.06 12.03 39.17
C PHE A 528 10.39 10.98 40.21
N GLU A 529 9.53 9.97 40.35
CA GLU A 529 9.77 8.91 41.33
C GLU A 529 10.80 7.94 40.79
N GLU A 530 10.99 7.96 39.46
CA GLU A 530 11.94 7.09 38.80
C GLU A 530 13.18 7.88 38.38
N ARG A 531 12.95 8.94 37.62
CA ARG A 531 14.03 9.79 37.12
C ARG A 531 14.90 10.35 38.25
N LEU A 532 14.26 10.78 39.34
CA LEU A 532 14.98 11.34 40.48
C LEU A 532 15.16 10.40 41.65
N LEU A 533 15.51 10.97 42.80
CA LEU A 533 15.73 10.21 44.04
C LEU A 533 16.95 9.31 43.90
N THR B 10 18.75 33.33 19.49
CA THR B 10 17.36 33.07 19.99
C THR B 10 17.38 32.49 21.39
N SER B 11 16.73 33.17 22.32
CA SER B 11 16.67 32.74 23.71
C SER B 11 15.30 33.08 24.30
N VAL B 12 15.01 32.53 25.47
CA VAL B 12 13.73 32.77 26.13
C VAL B 12 13.92 33.14 27.60
N LYS B 13 13.21 34.15 28.06
CA LYS B 13 13.29 34.60 29.44
C LYS B 13 11.91 34.68 30.09
N VAL B 14 11.71 33.86 31.11
CA VAL B 14 10.44 33.81 31.83
C VAL B 14 10.48 34.63 33.11
N VAL B 15 9.52 35.53 33.26
CA VAL B 15 9.44 36.38 34.45
C VAL B 15 8.73 35.64 35.58
N THR B 16 9.49 34.84 36.32
CA THR B 16 8.94 34.07 37.43
C THR B 16 9.83 34.17 38.66
N ASP B 17 9.20 34.20 39.83
CA ASP B 17 9.94 34.30 41.08
C ASP B 17 10.42 32.93 41.57
N LYS B 18 10.43 31.96 40.66
CA LYS B 18 10.87 30.60 41.01
C LYS B 18 12.30 30.38 40.52
N CYS B 19 12.77 31.24 39.62
CA CYS B 19 14.11 31.11 39.06
C CYS B 19 15.07 32.21 39.52
N THR B 20 16.21 31.80 40.05
CA THR B 20 17.23 32.74 40.52
C THR B 20 18.61 32.29 40.03
N TYR B 21 19.48 33.27 39.79
CA TYR B 21 20.83 32.98 39.30
C TYR B 21 21.88 33.17 40.39
N LYS B 22 23.07 32.61 40.15
CA LYS B 22 24.19 32.71 41.08
C LYS B 22 25.40 31.96 40.53
N ASP B 23 26.54 32.63 40.51
CA ASP B 23 27.77 32.02 39.99
C ASP B 23 27.55 31.29 38.67
N ASN B 24 26.92 31.97 37.72
CA ASN B 24 26.65 31.40 36.41
C ASN B 24 25.80 30.14 36.48
N GLU B 25 24.81 30.14 37.36
CA GLU B 25 23.93 28.98 37.50
C GLU B 25 22.45 29.36 37.51
N LEU B 26 21.59 28.35 37.49
CA LEU B 26 20.15 28.57 37.50
C LEU B 26 19.45 27.71 38.54
N LEU B 27 18.79 28.35 39.48
CA LEU B 27 18.05 27.66 40.53
C LEU B 27 16.57 27.87 40.29
N THR B 28 15.79 26.79 40.39
CA THR B 28 14.35 26.89 40.18
C THR B 28 13.55 25.95 41.07
N LYS B 29 12.47 26.47 41.65
CA LYS B 29 11.63 25.66 42.51
C LYS B 29 10.53 25.01 41.68
N TYR B 30 10.03 23.87 42.15
CA TYR B 30 8.98 23.15 41.44
C TYR B 30 8.24 22.19 42.36
N SER B 31 6.92 22.24 42.33
CA SER B 31 6.10 21.36 43.16
C SER B 31 5.61 20.18 42.33
N TYR B 32 6.32 19.06 42.44
CA TYR B 32 5.96 17.87 41.69
C TYR B 32 4.65 17.27 42.21
N GLU B 33 3.59 17.47 41.45
CA GLU B 33 2.28 16.94 41.82
C GLU B 33 2.03 15.62 41.11
N ASN B 34 1.39 14.69 41.82
CA ASN B 34 1.07 13.39 41.27
C ASN B 34 -0.08 12.80 42.08
N ALA B 35 -0.20 11.47 42.09
CA ALA B 35 -1.26 10.82 42.84
C ALA B 35 -1.11 9.31 42.89
N VAL B 36 -1.32 8.75 44.08
CA VAL B 36 -1.23 7.30 44.28
C VAL B 36 -2.63 6.72 44.18
N VAL B 37 -2.76 5.59 43.48
CA VAL B 37 -4.06 4.96 43.29
C VAL B 37 -4.11 3.55 43.88
N THR B 38 -5.31 3.13 44.27
CA THR B 38 -5.53 1.80 44.83
C THR B 38 -6.94 1.34 44.44
N LYS B 39 -7.00 0.34 43.55
CA LYS B 39 -8.28 -0.18 43.09
C LYS B 39 -8.96 -1.04 44.15
N THR B 40 -10.23 -0.73 44.42
CA THR B 40 -10.99 -1.48 45.41
C THR B 40 -11.70 -2.64 44.71
N ALA B 41 -11.70 -3.81 45.34
CA ALA B 41 -12.36 -4.98 44.77
C ALA B 41 -13.82 -4.66 44.50
N SER B 42 -14.30 -3.58 45.11
CA SER B 42 -15.68 -3.14 44.96
C SER B 42 -15.88 -2.44 43.61
N GLY B 43 -14.76 -2.10 42.96
CA GLY B 43 -14.84 -1.43 41.69
C GLY B 43 -14.80 0.08 41.85
N ARG B 44 -14.04 0.54 42.84
CA ARG B 44 -13.92 1.97 43.10
C ARG B 44 -12.45 2.38 43.20
N PHE B 45 -12.08 3.44 42.49
CA PHE B 45 -10.70 3.92 42.52
C PHE B 45 -10.51 4.94 43.64
N ASP B 46 -9.42 4.80 44.38
CA ASP B 46 -9.11 5.73 45.46
C ASP B 46 -7.83 6.49 45.11
N VAL B 47 -7.99 7.76 44.74
CA VAL B 47 -6.86 8.60 44.36
C VAL B 47 -6.47 9.54 45.49
N THR B 48 -5.20 9.52 45.86
CA THR B 48 -4.68 10.38 46.92
C THR B 48 -3.55 11.22 46.36
N PRO B 49 -3.82 12.50 46.06
CA PRO B 49 -2.81 13.41 45.52
C PRO B 49 -1.48 13.34 46.25
N THR B 50 -0.40 13.59 45.51
CA THR B 50 0.94 13.56 46.08
C THR B 50 1.72 14.79 45.66
N VAL B 51 2.34 15.46 46.61
CA VAL B 51 3.12 16.66 46.34
C VAL B 51 4.55 16.52 46.86
N GLN B 52 5.50 17.05 46.12
CA GLN B 52 6.90 17.01 46.51
C GLN B 52 7.66 18.18 45.89
N ASP B 53 8.01 19.16 46.71
CA ASP B 53 8.73 20.34 46.24
C ASP B 53 10.19 20.01 45.92
N TYR B 54 10.69 20.58 44.83
CA TYR B 54 12.07 20.37 44.41
C TYR B 54 12.75 21.68 44.09
N VAL B 55 14.08 21.62 43.97
CA VAL B 55 14.90 22.78 43.64
C VAL B 55 15.97 22.31 42.67
N PHE B 56 15.81 22.65 41.39
CA PHE B 56 16.77 22.23 40.38
C PHE B 56 17.86 23.26 40.09
N LYS B 57 19.08 22.75 39.92
CA LYS B 57 20.23 23.59 39.62
C LYS B 57 20.73 23.24 38.23
N LEU B 58 20.74 24.23 37.34
CA LEU B 58 21.19 24.01 35.98
C LEU B 58 22.50 24.73 35.69
N ASP B 59 23.53 23.96 35.35
CA ASP B 59 24.83 24.54 35.03
C ASP B 59 24.67 25.30 33.72
N LEU B 60 24.68 26.62 33.81
CA LEU B 60 24.51 27.46 32.63
C LEU B 60 25.73 27.51 31.71
N LYS B 61 26.83 26.89 32.13
CA LYS B 61 28.03 26.90 31.30
C LYS B 61 28.18 25.60 30.51
N LYS B 62 27.77 25.64 29.25
CA LYS B 62 27.86 24.49 28.37
C LYS B 62 29.25 24.45 27.74
N PRO B 63 29.76 23.25 27.43
CA PRO B 63 31.08 23.11 26.81
C PRO B 63 31.17 23.86 25.49
N GLU B 64 32.28 24.55 25.28
CA GLU B 64 32.48 25.30 24.04
C GLU B 64 32.60 24.29 22.91
N LYS B 65 33.00 23.08 23.26
CA LYS B 65 33.16 21.98 22.31
C LYS B 65 32.94 20.65 23.05
N LEU B 66 32.01 19.85 22.55
CA LEU B 66 31.71 18.56 23.17
C LEU B 66 32.48 17.43 22.47
N GLY B 67 32.99 16.49 23.27
CA GLY B 67 33.73 15.38 22.71
C GLY B 67 32.86 14.15 22.55
N ILE B 68 32.74 13.65 21.33
CA ILE B 68 31.94 12.46 21.06
C ILE B 68 32.79 11.32 20.52
N MSE B 69 32.67 10.15 21.16
CA MSE B 69 33.40 8.97 20.74
C MSE B 69 32.42 7.83 20.48
O MSE B 69 31.86 7.26 21.41
CB MSE B 69 34.41 8.56 21.81
CG MSE B 69 35.51 9.58 22.06
SE MSE B 69 36.98 8.84 23.06
CE MSE B 69 36.15 8.78 24.79
N LEU B 70 32.22 7.53 19.20
CA LEU B 70 31.30 6.48 18.80
C LEU B 70 32.00 5.14 18.58
N ILE B 71 31.41 4.08 19.14
CA ILE B 71 31.95 2.74 18.99
C ILE B 71 31.32 2.16 17.73
N GLY B 72 32.05 2.22 16.62
CA GLY B 72 31.54 1.73 15.35
C GLY B 72 31.55 2.91 14.40
N LEU B 73 32.51 3.81 14.64
CA LEU B 73 32.69 5.02 13.87
C LEU B 73 32.61 4.80 12.36
N GLY B 74 33.25 3.73 11.88
CA GLY B 74 33.25 3.45 10.45
C GLY B 74 31.94 2.95 9.88
N GLY B 75 30.93 2.80 10.72
CA GLY B 75 29.63 2.33 10.24
C GLY B 75 28.84 3.38 9.48
N ASN B 76 27.60 3.05 9.12
CA ASN B 76 26.74 3.98 8.40
C ASN B 76 26.42 5.20 9.25
N ASN B 77 25.93 4.98 10.45
CA ASN B 77 25.59 6.08 11.34
C ASN B 77 26.83 6.87 11.72
N GLY B 78 27.91 6.16 12.03
CA GLY B 78 29.15 6.82 12.41
C GLY B 78 29.61 7.80 11.35
N SER B 79 29.79 7.31 10.13
CA SER B 79 30.22 8.16 9.03
C SER B 79 29.22 9.26 8.72
N THR B 80 27.93 8.92 8.72
CA THR B 80 26.89 9.89 8.43
C THR B 80 26.89 11.01 9.47
N LEU B 81 27.13 10.64 10.73
CA LEU B 81 27.16 11.62 11.81
C LEU B 81 28.28 12.63 11.60
N VAL B 82 29.50 12.12 11.45
CA VAL B 82 30.66 12.98 11.24
C VAL B 82 30.41 13.88 10.02
N ALA B 83 29.87 13.28 8.97
CA ALA B 83 29.59 13.99 7.74
C ALA B 83 28.63 15.16 8.00
N SER B 84 27.52 14.87 8.66
CA SER B 84 26.53 15.90 8.96
C SER B 84 27.15 17.03 9.78
N VAL B 85 28.01 16.68 10.72
CA VAL B 85 28.66 17.68 11.56
C VAL B 85 29.57 18.60 10.75
N LEU B 86 30.35 18.02 9.84
CA LEU B 86 31.26 18.81 9.00
C LEU B 86 30.50 19.66 8.00
N ALA B 87 29.56 19.04 7.29
CA ALA B 87 28.76 19.74 6.30
C ALA B 87 28.01 20.92 6.89
N ASN B 88 27.41 20.72 8.05
CA ASN B 88 26.66 21.78 8.72
C ASN B 88 27.56 22.86 9.29
N LYS B 89 28.60 22.46 9.99
CA LYS B 89 29.53 23.41 10.60
C LYS B 89 30.24 24.25 9.55
N HIS B 90 30.49 23.66 8.38
CA HIS B 90 31.18 24.36 7.30
C HIS B 90 30.25 24.75 6.16
N ASN B 91 28.94 24.69 6.42
CA ASN B 91 27.95 25.04 5.40
C ASN B 91 28.33 24.49 4.03
N VAL B 92 28.70 23.21 4.01
CA VAL B 92 29.10 22.56 2.77
C VAL B 92 27.90 22.23 1.89
N GLU B 93 27.53 23.17 1.02
CA GLU B 93 26.40 22.95 0.12
C GLU B 93 26.81 21.90 -0.90
N PHE B 94 25.85 21.13 -1.40
CA PHE B 94 26.15 20.09 -2.37
C PHE B 94 25.16 20.03 -3.52
N GLN B 95 25.63 19.53 -4.66
CA GLN B 95 24.80 19.41 -5.85
C GLN B 95 23.93 18.16 -5.82
N THR B 96 22.69 18.31 -6.25
CA THR B 96 21.73 17.21 -6.27
C THR B 96 20.90 17.26 -7.54
N LYS B 97 20.24 16.14 -7.85
CA LYS B 97 19.40 16.05 -9.03
C LYS B 97 18.35 17.16 -9.00
N GLU B 98 18.07 17.68 -7.82
CA GLU B 98 17.08 18.76 -7.66
C GLU B 98 17.74 20.11 -7.43
N GLY B 99 19.04 20.20 -7.74
CA GLY B 99 19.74 21.46 -7.56
C GLY B 99 20.61 21.52 -6.31
N VAL B 100 21.15 22.70 -6.03
CA VAL B 100 22.00 22.90 -4.86
C VAL B 100 21.19 22.92 -3.57
N LYS B 101 21.53 22.02 -2.65
CA LYS B 101 20.84 21.95 -1.37
C LYS B 101 21.77 22.33 -0.24
N GLN B 102 21.20 22.99 0.78
CA GLN B 102 21.95 23.42 1.95
C GLN B 102 21.87 22.36 3.04
N PRO B 103 22.98 22.18 3.79
CA PRO B 103 23.00 21.19 4.87
C PRO B 103 22.07 21.58 6.03
N ASN B 104 21.53 20.58 6.71
CA ASN B 104 20.64 20.80 7.83
C ASN B 104 20.55 19.55 8.70
N TYR B 105 19.94 19.69 9.87
CA TYR B 105 19.80 18.56 10.77
C TYR B 105 18.37 18.02 10.83
N PHE B 106 17.68 18.05 9.70
CA PHE B 106 16.31 17.54 9.66
C PHE B 106 16.31 16.13 10.25
N GLY B 107 15.31 15.83 11.06
CA GLY B 107 15.24 14.53 11.69
C GLY B 107 15.63 14.64 13.15
N SER B 108 16.21 15.78 13.51
CA SER B 108 16.63 16.03 14.88
C SER B 108 15.58 16.89 15.56
N MSE B 109 14.92 16.32 16.57
CA MSE B 109 13.88 17.04 17.29
C MSE B 109 14.52 18.10 18.19
O MSE B 109 13.88 19.08 18.57
CB MSE B 109 13.05 16.09 18.14
CG MSE B 109 13.67 15.74 19.48
SE MSE B 109 12.40 16.02 20.91
CE MSE B 109 11.81 17.79 20.41
N THR B 110 15.78 17.87 18.55
CA THR B 110 16.48 18.81 19.41
C THR B 110 17.08 19.95 18.58
N GLN B 111 17.06 19.79 17.27
CA GLN B 111 17.63 20.78 16.37
C GLN B 111 16.62 21.41 15.41
N CYS B 112 15.55 20.69 15.09
CA CYS B 112 14.55 21.21 14.17
C CYS B 112 13.13 21.18 14.69
N SER B 113 12.96 20.95 15.99
CA SER B 113 11.63 20.92 16.59
C SER B 113 11.36 22.16 17.42
N THR B 114 10.09 22.40 17.73
CA THR B 114 9.70 23.55 18.51
C THR B 114 8.74 23.18 19.64
N LEU B 115 8.64 24.06 20.63
CA LEU B 115 7.75 23.85 21.77
C LEU B 115 6.86 25.07 21.96
N LYS B 116 5.68 24.86 22.54
CA LYS B 116 4.74 25.94 22.78
C LYS B 116 5.02 26.58 24.13
N LEU B 117 5.33 27.87 24.12
CA LEU B 117 5.60 28.61 25.34
C LEU B 117 4.31 29.17 25.94
N GLY B 118 3.44 29.66 25.06
CA GLY B 118 2.17 30.22 25.51
C GLY B 118 1.41 30.83 24.36
N ILE B 119 0.54 31.80 24.67
CA ILE B 119 -0.26 32.47 23.66
C ILE B 119 0.11 33.95 23.58
N ASP B 120 -0.24 34.58 22.45
CA ASP B 120 0.06 35.99 22.25
C ASP B 120 -1.19 36.84 22.43
N ALA B 121 -1.17 38.05 21.85
CA ALA B 121 -2.29 38.97 21.95
C ALA B 121 -3.60 38.32 21.53
N GLU B 122 -3.66 37.88 20.27
CA GLU B 122 -4.86 37.23 19.74
C GLU B 122 -5.04 35.81 20.24
N GLY B 123 -4.51 35.54 21.43
CA GLY B 123 -4.62 34.22 22.01
C GLY B 123 -4.20 33.09 21.10
N ASN B 124 -3.18 33.32 20.28
CA ASN B 124 -2.69 32.29 19.38
C ASN B 124 -1.44 31.64 19.93
N ASP B 125 -1.29 30.34 19.70
CA ASP B 125 -0.14 29.61 20.20
C ASP B 125 1.17 30.17 19.64
N VAL B 126 2.15 30.32 20.51
CA VAL B 126 3.45 30.84 20.12
C VAL B 126 4.51 29.77 20.40
N TYR B 127 5.23 29.37 19.36
CA TYR B 127 6.27 28.35 19.51
C TYR B 127 7.69 28.90 19.42
N ALA B 128 8.62 28.14 19.99
CA ALA B 128 10.03 28.50 20.01
C ALA B 128 10.84 27.20 19.89
N PRO B 129 12.01 27.27 19.24
CA PRO B 129 12.86 26.09 19.07
C PRO B 129 13.19 25.34 20.36
N PHE B 130 13.06 24.02 20.29
CA PHE B 130 13.33 23.13 21.41
C PHE B 130 14.58 23.49 22.20
N ASN B 131 15.61 23.99 21.51
CA ASN B 131 16.86 24.33 22.15
C ASN B 131 17.03 25.81 22.48
N SER B 132 15.94 26.56 22.52
CA SER B 132 16.02 27.99 22.82
C SER B 132 15.61 28.32 24.25
N LEU B 133 15.01 27.35 24.93
CA LEU B 133 14.57 27.55 26.30
C LEU B 133 15.77 27.59 27.25
N LEU B 134 16.73 26.70 27.00
CA LEU B 134 17.93 26.62 27.82
C LEU B 134 19.15 26.30 26.96
N PRO B 135 20.33 26.79 27.36
CA PRO B 135 21.58 26.56 26.63
C PRO B 135 21.93 25.08 26.45
N MSE B 136 22.00 24.65 25.20
CA MSE B 136 22.34 23.26 24.88
C MSE B 136 23.50 23.26 23.89
O MSE B 136 23.66 24.19 23.11
CB MSE B 136 21.13 22.55 24.26
CG MSE B 136 19.84 22.73 25.04
SE MSE B 136 18.38 21.74 24.28
CE MSE B 136 18.02 20.56 25.78
N VAL B 137 24.30 22.19 23.92
CA VAL B 137 25.44 22.08 23.03
C VAL B 137 25.00 21.80 21.60
N SER B 138 25.56 22.56 20.66
CA SER B 138 25.22 22.41 19.25
C SER B 138 26.07 21.32 18.61
N PRO B 139 25.47 20.47 17.75
CA PRO B 139 26.22 19.41 17.08
C PRO B 139 27.35 19.97 16.24
N ASN B 140 27.22 21.24 15.84
CA ASN B 140 28.24 21.89 15.04
C ASN B 140 29.52 22.03 15.87
N ASP B 141 29.39 21.81 17.18
CA ASP B 141 30.53 21.90 18.08
C ASP B 141 30.91 20.52 18.61
N PHE B 142 30.62 19.50 17.81
CA PHE B 142 30.93 18.12 18.17
C PHE B 142 32.29 17.71 17.62
N VAL B 143 33.18 17.27 18.49
CA VAL B 143 34.49 16.81 18.07
C VAL B 143 34.38 15.29 18.08
N VAL B 144 34.03 14.72 16.94
CA VAL B 144 33.82 13.28 16.83
C VAL B 144 35.05 12.43 16.51
N SER B 145 35.08 11.25 17.13
CA SER B 145 36.15 10.28 16.95
C SER B 145 35.56 8.95 17.43
N GLY B 146 36.39 7.93 17.61
CA GLY B 146 35.86 6.66 18.08
C GLY B 146 36.66 5.42 17.71
N TRP B 147 36.02 4.27 17.90
CA TRP B 147 36.62 2.98 17.61
C TRP B 147 35.86 2.26 16.51
N ASP B 148 36.45 1.19 15.98
CA ASP B 148 35.84 0.39 14.92
C ASP B 148 36.84 -0.69 14.51
N ILE B 149 36.39 -1.94 14.47
CA ILE B 149 37.26 -3.06 14.11
C ILE B 149 37.75 -3.02 12.66
N ASN B 150 37.54 -1.87 12.00
CA ASN B 150 37.98 -1.70 10.62
C ASN B 150 38.75 -0.38 10.51
N ASN B 151 39.83 -0.39 9.74
CA ASN B 151 40.67 0.80 9.57
C ASN B 151 40.30 1.76 8.45
N ALA B 152 39.19 1.51 7.76
CA ALA B 152 38.77 2.38 6.67
C ALA B 152 38.52 3.80 7.21
N ASP B 153 39.15 4.79 6.60
CA ASP B 153 38.96 6.17 7.03
C ASP B 153 37.49 6.55 6.77
N LEU B 154 37.02 7.61 7.42
CA LEU B 154 35.63 8.02 7.25
C LEU B 154 35.19 8.31 5.83
N TYR B 155 36.13 8.53 4.92
CA TYR B 155 35.76 8.78 3.54
C TYR B 155 35.39 7.45 2.90
N GLU B 156 36.26 6.46 3.10
CA GLU B 156 36.05 5.13 2.56
C GLU B 156 34.79 4.53 3.18
N ALA B 157 34.68 4.66 4.50
CA ALA B 157 33.54 4.14 5.23
C ALA B 157 32.26 4.77 4.71
N MSE B 158 32.34 6.03 4.31
CA MSE B 158 31.20 6.75 3.78
C MSE B 158 30.81 6.26 2.39
O MSE B 158 29.62 6.22 2.04
CB MSE B 158 31.51 8.25 3.73
CG MSE B 158 30.40 9.12 3.16
SE MSE B 158 30.81 10.98 3.40
CE MSE B 158 32.29 11.09 2.16
N GLN B 159 31.80 5.86 1.60
CA GLN B 159 31.54 5.36 0.26
C GLN B 159 30.83 4.02 0.27
N ARG B 160 31.24 3.13 1.16
CA ARG B 160 30.64 1.80 1.26
C ARG B 160 29.26 1.83 1.91
N SER B 161 28.97 2.89 2.65
CA SER B 161 27.68 3.02 3.30
C SER B 161 26.60 3.39 2.28
N GLN B 162 27.03 4.07 1.21
CA GLN B 162 26.13 4.49 0.14
C GLN B 162 24.90 5.19 0.73
N VAL B 163 25.14 6.10 1.66
CA VAL B 163 24.06 6.83 2.31
C VAL B 163 23.87 8.25 1.79
N LEU B 164 24.97 8.99 1.64
CA LEU B 164 24.89 10.37 1.18
C LEU B 164 25.16 10.57 -0.31
N GLU B 165 24.70 11.70 -0.83
CA GLU B 165 24.88 12.06 -2.22
C GLU B 165 26.35 11.95 -2.61
N TYR B 166 26.62 11.62 -3.86
CA TYR B 166 27.99 11.49 -4.33
C TYR B 166 28.73 12.81 -4.25
N ASP B 167 28.06 13.89 -4.68
CA ASP B 167 28.67 15.21 -4.66
C ASP B 167 29.04 15.66 -3.25
N LEU B 168 28.13 15.46 -2.31
CA LEU B 168 28.38 15.85 -0.93
C LEU B 168 29.59 15.09 -0.40
N GLN B 169 29.67 13.80 -0.76
CA GLN B 169 30.77 12.97 -0.33
C GLN B 169 32.09 13.51 -0.86
N GLN B 170 32.10 13.93 -2.12
CA GLN B 170 33.30 14.46 -2.74
C GLN B 170 33.72 15.80 -2.15
N ARG B 171 32.75 16.60 -1.74
CA ARG B 171 33.07 17.91 -1.15
C ARG B 171 33.57 17.75 0.28
N LEU B 172 33.35 16.57 0.85
CA LEU B 172 33.79 16.28 2.22
C LEU B 172 34.95 15.29 2.21
N LYS B 173 35.26 14.76 1.04
CA LYS B 173 36.33 13.79 0.89
C LYS B 173 37.63 14.17 1.59
N ALA B 174 38.14 15.35 1.29
CA ALA B 174 39.39 15.84 1.88
C ALA B 174 39.41 15.70 3.40
N LYS B 175 38.43 16.29 4.06
CA LYS B 175 38.34 16.24 5.51
C LYS B 175 38.06 14.83 6.04
N MSE B 176 37.09 14.15 5.45
CA MSE B 176 36.73 12.80 5.87
C MSE B 176 37.92 11.84 5.85
O MSE B 176 38.11 11.04 6.77
CB MSE B 176 35.62 12.25 4.97
CG MSE B 176 34.29 12.98 5.11
SE MSE B 176 33.47 12.75 6.84
CE MSE B 176 32.44 11.15 6.46
N SER B 177 38.71 11.91 4.78
CA SER B 177 39.88 11.04 4.62
C SER B 177 40.87 11.12 5.78
N LEU B 178 40.87 12.27 6.47
CA LEU B 178 41.79 12.48 7.58
C LEU B 178 41.36 11.80 8.88
N VAL B 179 40.08 11.47 8.99
CA VAL B 179 39.55 10.85 10.20
C VAL B 179 39.62 9.32 10.15
N LYS B 180 40.45 8.74 11.02
CA LYS B 180 40.59 7.29 11.11
C LYS B 180 40.07 6.79 12.45
N PRO B 181 39.28 5.71 12.44
CA PRO B 181 38.75 5.16 13.68
C PRO B 181 39.80 4.35 14.43
N LEU B 182 39.91 4.60 15.73
CA LEU B 182 40.88 3.91 16.57
C LEU B 182 40.61 2.41 16.58
N PRO B 183 41.65 1.60 16.83
CA PRO B 183 41.46 0.14 16.86
C PRO B 183 40.50 -0.20 17.99
N SER B 184 39.74 -1.27 17.83
CA SER B 184 38.78 -1.65 18.85
C SER B 184 38.94 -3.09 19.34
N ILE B 185 38.06 -3.47 20.26
CA ILE B 185 38.06 -4.80 20.83
C ILE B 185 37.17 -5.70 19.99
N TYR B 186 37.62 -6.92 19.73
CA TYR B 186 36.83 -7.85 18.93
C TYR B 186 36.80 -9.28 19.46
N TYR B 187 35.64 -9.68 19.96
CA TYR B 187 35.42 -11.02 20.49
C TYR B 187 34.41 -11.68 19.54
N PRO B 188 34.90 -12.50 18.59
CA PRO B 188 34.09 -13.19 17.59
C PRO B 188 32.81 -13.89 18.07
N ASP B 189 32.85 -14.48 19.26
CA ASP B 189 31.69 -15.19 19.78
C ASP B 189 30.53 -14.30 20.22
N PHE B 190 30.55 -13.03 19.83
CA PHE B 190 29.47 -12.12 20.20
C PHE B 190 28.75 -11.51 19.00
N ILE B 191 29.19 -11.85 17.79
CA ILE B 191 28.56 -11.32 16.59
C ILE B 191 28.60 -12.34 15.45
N ALA B 192 28.22 -11.89 14.26
CA ALA B 192 28.21 -12.76 13.09
C ALA B 192 29.60 -13.33 12.82
N ALA B 193 29.66 -14.65 12.65
CA ALA B 193 30.91 -15.34 12.39
C ALA B 193 31.65 -14.74 11.20
N ASN B 194 30.91 -14.05 10.34
CA ASN B 194 31.50 -13.43 9.15
C ASN B 194 31.93 -11.99 9.39
N GLN B 195 32.93 -11.81 10.25
CA GLN B 195 33.45 -10.49 10.57
C GLN B 195 34.98 -10.56 10.56
N ASP B 196 35.50 -11.76 10.31
CA ASP B 196 36.93 -12.00 10.28
C ASP B 196 37.62 -11.20 9.18
N GLU B 197 36.86 -10.78 8.18
CA GLU B 197 37.42 -10.02 7.07
C GLU B 197 37.48 -8.52 7.38
N ARG B 198 36.44 -8.01 8.03
CA ARG B 198 36.38 -6.60 8.38
C ARG B 198 37.29 -6.32 9.58
N ALA B 199 37.38 -7.30 10.48
CA ALA B 199 38.20 -7.17 11.69
C ALA B 199 39.69 -7.10 11.36
N ASN B 200 40.19 -5.88 11.18
CA ASN B 200 41.60 -5.65 10.88
C ASN B 200 42.05 -4.37 11.57
N ASN B 201 41.38 -4.08 12.68
CA ASN B 201 41.69 -2.89 13.47
C ASN B 201 41.36 -3.20 14.93
N CYS B 202 42.03 -4.21 15.46
CA CYS B 202 41.82 -4.64 16.84
C CYS B 202 43.01 -4.39 17.74
N ILE B 203 42.76 -4.32 19.04
CA ILE B 203 43.82 -4.09 20.02
C ILE B 203 44.10 -5.38 20.77
N ASN B 204 43.20 -6.33 20.66
CA ASN B 204 43.34 -7.62 21.32
C ASN B 204 43.98 -8.65 20.40
N LEU B 205 45.29 -8.50 20.20
CA LEU B 205 46.05 -9.41 19.33
C LEU B 205 47.17 -10.06 20.14
N ASP B 206 47.40 -11.35 19.89
CA ASP B 206 48.45 -12.07 20.60
C ASP B 206 49.83 -11.69 20.06
N GLU B 207 50.85 -12.44 20.48
CA GLU B 207 52.22 -12.18 20.04
C GLU B 207 52.34 -12.15 18.53
N LYS B 208 51.79 -13.17 17.87
CA LYS B 208 51.84 -13.26 16.41
C LYS B 208 51.03 -12.14 15.77
N GLY B 209 49.76 -12.05 16.15
CA GLY B 209 48.89 -11.03 15.59
C GLY B 209 47.51 -11.54 15.26
N ASN B 210 47.01 -12.46 16.08
CA ASN B 210 45.70 -13.03 15.88
C ASN B 210 44.72 -12.57 16.95
N VAL B 211 43.46 -12.41 16.57
CA VAL B 211 42.43 -11.97 17.51
C VAL B 211 42.36 -12.91 18.70
N THR B 212 42.40 -12.35 19.90
CA THR B 212 42.35 -13.14 21.12
C THR B 212 41.44 -12.51 22.17
N THR B 213 40.71 -13.35 22.89
CA THR B 213 39.81 -12.89 23.94
C THR B 213 40.56 -12.94 25.27
N ARG B 214 41.88 -12.91 25.18
CA ARG B 214 42.75 -12.98 26.36
C ARG B 214 43.30 -11.61 26.72
N GLY B 215 43.24 -11.26 28.00
CA GLY B 215 43.74 -9.98 28.45
C GLY B 215 42.69 -8.88 28.40
N LYS B 216 41.46 -9.22 28.74
CA LYS B 216 40.37 -8.26 28.71
C LYS B 216 40.62 -7.03 29.56
N TRP B 217 41.20 -7.21 30.75
CA TRP B 217 41.47 -6.07 31.62
C TRP B 217 42.45 -5.09 30.97
N THR B 218 43.38 -5.59 30.18
CA THR B 218 44.35 -4.73 29.51
C THR B 218 43.58 -3.94 28.44
N HIS B 219 42.62 -4.61 27.82
CA HIS B 219 41.79 -4.00 26.78
C HIS B 219 41.07 -2.82 27.40
N LEU B 220 40.47 -3.05 28.57
CA LEU B 220 39.74 -2.02 29.28
C LEU B 220 40.68 -0.85 29.57
N GLN B 221 41.91 -1.17 29.93
CA GLN B 221 42.91 -0.14 30.22
C GLN B 221 43.17 0.69 28.97
N ARG B 222 43.16 0.03 27.82
CA ARG B 222 43.40 0.70 26.54
C ARG B 222 42.30 1.72 26.23
N ILE B 223 41.05 1.28 26.26
CA ILE B 223 39.93 2.18 25.98
C ILE B 223 39.97 3.37 26.93
N ARG B 224 40.31 3.12 28.20
CA ARG B 224 40.40 4.19 29.18
C ARG B 224 41.41 5.22 28.71
N ARG B 225 42.58 4.74 28.29
CA ARG B 225 43.64 5.61 27.81
C ARG B 225 43.15 6.36 26.58
N ASP B 226 42.57 5.64 25.64
CA ASP B 226 42.07 6.25 24.41
C ASP B 226 41.16 7.44 24.73
N ILE B 227 40.31 7.28 25.73
CA ILE B 227 39.41 8.36 26.14
C ILE B 227 40.25 9.55 26.57
N GLN B 228 41.16 9.30 27.51
CA GLN B 228 42.05 10.33 28.04
C GLN B 228 42.79 11.06 26.94
N ASN B 229 43.42 10.31 26.04
CA ASN B 229 44.17 10.90 24.95
C ASN B 229 43.30 11.79 24.07
N PHE B 230 42.15 11.26 23.65
CA PHE B 230 41.22 12.01 22.81
C PHE B 230 40.87 13.32 23.48
N LYS B 231 40.57 13.26 24.78
CA LYS B 231 40.22 14.44 25.55
C LYS B 231 41.40 15.39 25.72
N GLU B 232 42.60 14.84 25.62
CA GLU B 232 43.81 15.63 25.78
C GLU B 232 44.25 16.26 24.46
N GLU B 233 44.33 15.46 23.40
CA GLU B 233 44.72 15.97 22.09
C GLU B 233 43.88 17.18 21.72
N ASN B 234 42.60 17.11 22.05
CA ASN B 234 41.66 18.20 21.80
C ASN B 234 41.37 18.78 23.17
N ALA B 235 41.67 20.05 23.38
CA ALA B 235 41.43 20.70 24.68
C ALA B 235 39.95 20.56 25.07
N LEU B 236 39.56 19.35 25.41
CA LEU B 236 38.18 19.05 25.79
C LEU B 236 38.07 18.70 27.27
N ASP B 237 36.89 18.94 27.84
CA ASP B 237 36.62 18.64 29.23
C ASP B 237 35.49 17.63 29.32
N LYS B 238 34.61 17.65 28.33
CA LYS B 238 33.47 16.75 28.29
C LYS B 238 33.55 15.76 27.13
N VAL B 239 33.19 14.52 27.39
CA VAL B 239 33.21 13.47 26.38
C VAL B 239 32.03 12.52 26.59
N ILE B 240 31.49 11.99 25.48
CA ILE B 240 30.36 11.07 25.55
C ILE B 240 30.63 9.86 24.65
N VAL B 241 30.39 8.67 25.19
CA VAL B 241 30.61 7.44 24.43
C VAL B 241 29.28 6.84 23.99
N LEU B 242 29.11 6.69 22.68
CA LEU B 242 27.89 6.16 22.09
C LEU B 242 28.22 4.89 21.30
N TRP B 243 27.64 3.76 21.71
CA TRP B 243 27.87 2.50 21.02
C TRP B 243 26.95 2.38 19.80
N THR B 244 27.55 2.34 18.62
CA THR B 244 26.79 2.21 17.39
C THR B 244 27.39 1.10 16.53
N ALA B 245 27.95 0.09 17.19
CA ALA B 245 28.55 -1.04 16.50
C ALA B 245 27.51 -2.13 16.27
N ASN B 246 27.85 -3.13 15.47
CA ASN B 246 26.92 -4.22 15.19
C ASN B 246 26.42 -4.86 16.48
N THR B 247 25.23 -5.45 16.41
CA THR B 247 24.60 -6.08 17.57
C THR B 247 25.36 -7.30 18.09
N GLU B 248 25.54 -7.35 19.41
CA GLU B 248 26.22 -8.47 20.05
C GLU B 248 25.14 -9.42 20.55
N ARG B 249 25.52 -10.64 20.87
CA ARG B 249 24.56 -11.61 21.37
C ARG B 249 24.31 -11.28 22.84
N TYR B 250 23.11 -11.59 23.32
CA TYR B 250 22.78 -11.34 24.71
C TYR B 250 23.72 -12.13 25.60
N VAL B 251 23.98 -11.62 26.81
CA VAL B 251 24.87 -12.29 27.73
C VAL B 251 24.11 -12.82 28.94
N GLU B 252 24.56 -13.97 29.46
CA GLU B 252 23.91 -14.58 30.61
C GLU B 252 24.29 -13.86 31.89
N VAL B 253 23.28 -13.54 32.70
CA VAL B 253 23.52 -12.86 33.97
C VAL B 253 23.78 -13.91 35.04
N SER B 254 25.03 -14.35 35.15
CA SER B 254 25.41 -15.38 36.12
C SER B 254 25.83 -14.79 37.46
N PRO B 255 25.33 -15.37 38.56
CA PRO B 255 25.66 -14.90 39.91
C PRO B 255 27.12 -15.19 40.26
N GLY B 256 27.79 -14.20 40.84
CA GLY B 256 29.18 -14.37 41.22
C GLY B 256 30.11 -13.97 40.08
N VAL B 257 29.53 -13.55 38.96
CA VAL B 257 30.32 -13.14 37.81
C VAL B 257 30.08 -11.67 37.47
N ASN B 258 28.93 -11.38 36.87
CA ASN B 258 28.59 -10.01 36.48
C ASN B 258 27.29 -9.55 37.15
N ASP B 259 27.16 -9.85 38.45
CA ASP B 259 25.97 -9.46 39.19
C ASP B 259 26.25 -8.29 40.13
N THR B 260 27.51 -8.11 40.51
CA THR B 260 27.89 -7.01 41.39
C THR B 260 29.15 -6.32 40.87
N MSE B 261 29.49 -5.18 41.46
CA MSE B 261 30.66 -4.42 41.05
C MSE B 261 31.93 -5.27 41.11
O MSE B 261 32.42 -5.73 40.08
CB MSE B 261 30.85 -3.19 41.95
CG MSE B 261 29.83 -2.10 41.75
SE MSE B 261 30.23 -0.53 42.81
CE MSE B 261 29.11 -0.92 44.34
N GLU B 262 32.44 -5.47 42.32
CA GLU B 262 33.65 -6.25 42.54
C GLU B 262 33.74 -7.50 41.66
N ASN B 263 32.63 -8.19 41.46
CA ASN B 263 32.63 -9.38 40.63
C ASN B 263 32.93 -9.04 39.18
N LEU B 264 32.16 -8.11 38.62
CA LEU B 264 32.33 -7.70 37.24
C LEU B 264 33.79 -7.46 36.89
N LEU B 265 34.42 -6.49 37.57
CA LEU B 265 35.81 -6.18 37.32
C LEU B 265 36.71 -7.41 37.44
N GLN B 266 36.39 -8.28 38.40
CA GLN B 266 37.16 -9.50 38.58
C GLN B 266 36.98 -10.41 37.38
N SER B 267 35.74 -10.58 36.96
CA SER B 267 35.42 -11.42 35.80
C SER B 267 36.27 -10.96 34.61
N ILE B 268 36.32 -9.65 34.40
CA ILE B 268 37.10 -9.09 33.29
C ILE B 268 38.56 -9.48 33.42
N LYS B 269 39.13 -9.27 34.61
CA LYS B 269 40.53 -9.61 34.86
C LYS B 269 40.79 -11.07 34.56
N ASN B 270 39.79 -11.91 34.79
CA ASN B 270 39.93 -13.34 34.54
C ASN B 270 39.45 -13.67 33.12
N ASP B 271 39.10 -12.63 32.37
CA ASP B 271 38.63 -12.79 31.01
C ASP B 271 37.46 -13.78 30.93
N HIS B 272 36.47 -13.58 31.78
CA HIS B 272 35.31 -14.46 31.80
C HIS B 272 34.51 -14.31 30.51
N GLU B 273 34.03 -15.43 30.00
CA GLU B 273 33.26 -15.45 28.75
C GLU B 273 32.04 -14.53 28.80
N GLU B 274 31.55 -14.26 30.01
CA GLU B 274 30.38 -13.41 30.18
C GLU B 274 30.66 -11.94 29.84
N ILE B 275 31.93 -11.59 29.74
CA ILE B 275 32.31 -10.21 29.42
C ILE B 275 32.41 -9.97 27.92
N ALA B 276 31.49 -9.15 27.40
CA ALA B 276 31.47 -8.80 25.99
C ALA B 276 32.25 -7.52 25.78
N PRO B 277 32.70 -7.23 24.55
CA PRO B 277 33.45 -6.00 24.33
C PRO B 277 32.67 -4.75 24.71
N SER B 278 31.36 -4.78 24.51
CA SER B 278 30.53 -3.63 24.86
C SER B 278 30.60 -3.43 26.37
N THR B 279 30.68 -4.55 27.09
CA THR B 279 30.77 -4.51 28.55
C THR B 279 32.02 -3.75 28.95
N ILE B 280 33.12 -4.04 28.27
CA ILE B 280 34.40 -3.40 28.54
C ILE B 280 34.36 -1.91 28.21
N PHE B 281 33.80 -1.56 27.06
CA PHE B 281 33.71 -0.16 26.67
C PHE B 281 32.91 0.62 27.70
N ALA B 282 31.74 0.08 28.05
CA ALA B 282 30.87 0.71 29.03
C ALA B 282 31.61 0.91 30.35
N ALA B 283 32.23 -0.15 30.86
CA ALA B 283 32.96 -0.08 32.11
C ALA B 283 34.05 0.99 32.05
N ALA B 284 34.82 0.99 30.96
CA ALA B 284 35.89 1.97 30.78
C ALA B 284 35.36 3.39 30.80
N SER B 285 34.19 3.59 30.22
CA SER B 285 33.58 4.91 30.18
C SER B 285 33.16 5.34 31.58
N ILE B 286 32.58 4.41 32.33
CA ILE B 286 32.14 4.69 33.69
C ILE B 286 33.33 5.00 34.59
N LEU B 287 34.43 4.28 34.39
CA LEU B 287 35.63 4.50 35.19
C LEU B 287 36.32 5.80 34.85
N GLU B 288 35.93 6.41 33.73
CA GLU B 288 36.52 7.68 33.32
C GLU B 288 35.54 8.82 33.57
N GLY B 289 34.40 8.50 34.18
CA GLY B 289 33.41 9.51 34.47
C GLY B 289 32.70 9.99 33.22
N VAL B 290 32.82 9.22 32.15
CA VAL B 290 32.20 9.56 30.88
C VAL B 290 30.87 8.84 30.71
N PRO B 291 29.81 9.58 30.31
CA PRO B 291 28.49 8.98 30.11
C PRO B 291 28.49 8.02 28.92
N TYR B 292 28.02 6.79 29.17
CA TYR B 292 27.99 5.77 28.13
C TYR B 292 26.56 5.53 27.63
N ILE B 293 26.37 5.57 26.32
CA ILE B 293 25.05 5.36 25.74
C ILE B 293 25.06 4.15 24.79
N ASN B 294 24.23 3.17 25.09
CA ASN B 294 24.15 1.97 24.27
C ASN B 294 23.04 2.09 23.23
N GLY B 295 23.41 2.18 21.96
CA GLY B 295 22.43 2.30 20.90
C GLY B 295 22.16 1.01 20.17
N SER B 296 22.39 -0.12 20.85
CA SER B 296 22.17 -1.43 20.25
C SER B 296 21.36 -2.34 21.16
N PRO B 297 20.66 -3.33 20.58
CA PRO B 297 19.84 -4.28 21.35
C PRO B 297 20.71 -5.29 22.07
N GLN B 298 21.34 -4.84 23.16
CA GLN B 298 22.24 -5.69 23.94
C GLN B 298 22.07 -5.43 25.43
N ASN B 299 21.99 -6.51 26.21
CA ASN B 299 21.85 -6.38 27.66
C ASN B 299 23.20 -6.02 28.25
N THR B 300 23.89 -5.11 27.57
CA THR B 300 25.21 -4.63 27.98
C THR B 300 25.21 -4.20 29.44
N PHE B 301 24.21 -3.42 29.83
CA PHE B 301 24.11 -2.92 31.19
C PHE B 301 23.64 -3.99 32.18
N VAL B 302 24.49 -4.96 32.45
CA VAL B 302 24.17 -6.01 33.39
C VAL B 302 24.12 -5.40 34.79
N PRO B 303 23.47 -6.07 35.75
CA PRO B 303 23.39 -5.53 37.11
C PRO B 303 24.74 -5.06 37.65
N GLY B 304 25.81 -5.69 37.18
CA GLY B 304 27.14 -5.32 37.61
C GLY B 304 27.48 -3.90 37.21
N LEU B 305 27.45 -3.63 35.91
CA LEU B 305 27.76 -2.30 35.39
C LEU B 305 26.85 -1.24 36.00
N VAL B 306 25.55 -1.51 36.00
CA VAL B 306 24.58 -0.57 36.56
C VAL B 306 25.00 -0.16 37.96
N GLN B 307 25.45 -1.12 38.75
CA GLN B 307 25.88 -0.87 40.12
C GLN B 307 27.12 0.02 40.10
N LEU B 308 28.05 -0.28 39.21
CA LEU B 308 29.29 0.49 39.08
C LEU B 308 28.98 1.93 38.70
N ALA B 309 27.95 2.11 37.88
CA ALA B 309 27.56 3.45 37.43
C ALA B 309 27.03 4.26 38.61
N GLU B 310 26.14 3.65 39.38
CA GLU B 310 25.55 4.31 40.55
C GLU B 310 26.66 4.77 41.49
N HIS B 311 27.65 3.91 41.69
CA HIS B 311 28.77 4.20 42.57
C HIS B 311 29.58 5.39 42.07
N GLU B 312 30.13 5.26 40.86
CA GLU B 312 30.94 6.30 40.25
C GLU B 312 30.14 7.57 39.95
N GLY B 313 28.82 7.46 39.97
CA GLY B 313 27.99 8.61 39.69
C GLY B 313 28.07 8.98 38.22
N THR B 314 28.28 7.98 37.38
CA THR B 314 28.40 8.18 35.94
C THR B 314 27.05 7.88 35.28
N PHE B 315 26.82 8.51 34.13
CA PHE B 315 25.58 8.32 33.40
C PHE B 315 25.60 7.20 32.38
N ILE B 316 24.49 6.46 32.31
CA ILE B 316 24.34 5.36 31.37
C ILE B 316 22.91 5.36 30.85
N ALA B 317 22.77 5.18 29.54
CA ALA B 317 21.46 5.16 28.90
C ALA B 317 21.55 4.38 27.62
N GLY B 318 20.50 3.66 27.27
CA GLY B 318 20.54 2.92 26.03
C GLY B 318 19.63 1.72 25.85
N ASP B 319 20.01 0.92 24.86
CA ASP B 319 19.31 -0.30 24.44
C ASP B 319 18.44 -0.05 23.22
N ASP B 320 19.09 -0.09 22.06
CA ASP B 320 18.45 0.12 20.76
C ASP B 320 17.99 1.55 20.50
N LEU B 321 18.50 2.10 19.41
CA LEU B 321 18.24 3.47 18.97
C LEU B 321 16.79 3.79 18.63
N LYS B 322 15.93 2.77 18.59
CA LYS B 322 14.52 2.97 18.24
C LYS B 322 14.40 3.59 16.85
N SER B 323 14.15 2.74 15.85
CA SER B 323 14.03 3.20 14.48
C SER B 323 12.83 4.13 14.30
N GLY B 324 12.80 4.83 13.16
CA GLY B 324 11.70 5.73 12.89
C GLY B 324 10.39 5.01 12.71
N GLN B 325 10.47 3.77 12.21
CA GLN B 325 9.27 2.97 12.00
C GLN B 325 8.68 2.49 13.33
N THR B 326 9.56 2.19 14.28
CA THR B 326 9.13 1.73 15.60
C THR B 326 8.34 2.84 16.28
N LYS B 327 8.72 4.09 15.99
CA LYS B 327 8.04 5.24 16.56
C LYS B 327 6.62 5.33 16.03
N LEU B 328 6.46 5.04 14.74
CA LEU B 328 5.15 5.09 14.10
C LEU B 328 4.22 4.03 14.70
N LYS B 329 4.71 2.81 14.82
CA LYS B 329 3.91 1.72 15.38
C LYS B 329 3.39 2.11 16.75
N SER B 330 4.23 2.79 17.53
CA SER B 330 3.86 3.23 18.87
C SER B 330 2.71 4.23 18.82
N VAL B 331 2.85 5.22 17.95
CA VAL B 331 1.83 6.25 17.80
C VAL B 331 0.51 5.67 17.30
N LEU B 332 0.56 4.99 16.16
CA LEU B 332 -0.63 4.37 15.57
C LEU B 332 -1.39 3.53 16.59
N ALA B 333 -0.70 2.56 17.18
CA ALA B 333 -1.31 1.68 18.17
C ALA B 333 -2.00 2.48 19.27
N GLN B 334 -1.27 3.44 19.85
CA GLN B 334 -1.83 4.28 20.91
C GLN B 334 -3.08 4.99 20.42
N PHE B 335 -2.98 5.61 19.24
CA PHE B 335 -4.10 6.33 18.66
C PHE B 335 -5.35 5.47 18.63
N LEU B 336 -5.24 4.29 18.03
CA LEU B 336 -6.37 3.37 17.92
C LEU B 336 -6.99 3.07 19.28
N VAL B 337 -6.18 2.61 20.21
CA VAL B 337 -6.65 2.27 21.54
C VAL B 337 -7.21 3.46 22.32
N ASP B 338 -6.65 4.65 22.09
CA ASP B 338 -7.15 5.84 22.78
C ASP B 338 -8.54 6.21 22.27
N ALA B 339 -8.79 5.89 20.99
CA ALA B 339 -10.07 6.19 20.36
C ALA B 339 -11.11 5.11 20.66
N GLY B 340 -10.71 4.10 21.41
CA GLY B 340 -11.64 3.02 21.75
C GLY B 340 -11.58 1.88 20.75
N ILE B 341 -10.74 2.01 19.73
CA ILE B 341 -10.60 0.98 18.72
C ILE B 341 -9.64 -0.10 19.25
N LYS B 342 -10.06 -1.35 19.13
CA LYS B 342 -9.26 -2.47 19.62
C LYS B 342 -8.52 -3.25 18.55
N PRO B 343 -7.23 -2.94 18.34
CA PRO B 343 -6.45 -3.65 17.32
C PRO B 343 -6.30 -5.10 17.77
N VAL B 344 -6.59 -6.03 16.87
CA VAL B 344 -6.51 -7.45 17.20
C VAL B 344 -5.29 -8.13 16.58
N SER B 345 -4.75 -7.53 15.52
CA SER B 345 -3.59 -8.09 14.85
C SER B 345 -2.68 -6.99 14.29
N ILE B 346 -1.37 -7.20 14.41
CA ILE B 346 -0.39 -6.23 13.92
C ILE B 346 0.78 -6.96 13.27
N ALA B 347 0.89 -6.83 11.95
CA ALA B 347 1.97 -7.47 11.20
C ALA B 347 3.00 -6.44 10.75
N SER B 348 4.25 -6.62 11.20
CA SER B 348 5.32 -5.70 10.85
C SER B 348 6.45 -6.43 10.11
N TYR B 349 6.50 -6.26 8.79
CA TYR B 349 7.52 -6.88 7.97
C TYR B 349 8.49 -5.84 7.43
N ASN B 350 9.74 -5.88 7.89
CA ASN B 350 10.75 -4.93 7.44
C ASN B 350 11.90 -5.64 6.73
N HIS B 351 12.60 -4.90 5.87
CA HIS B 351 13.74 -5.47 5.15
C HIS B 351 14.58 -4.37 4.50
N LEU B 352 15.90 -4.49 4.65
CA LEU B 352 16.85 -3.54 4.10
C LEU B 352 18.05 -4.29 3.52
N GLY B 353 19.11 -3.57 3.17
CA GLY B 353 20.28 -4.21 2.60
C GLY B 353 21.63 -3.64 2.94
N ASN B 354 21.77 -3.09 4.14
CA ASN B 354 23.05 -2.52 4.57
C ASN B 354 23.81 -3.51 5.43
N ASN B 355 25.03 -3.14 5.85
CA ASN B 355 25.85 -4.02 6.66
C ASN B 355 25.20 -4.32 8.01
N ASP B 356 24.16 -3.57 8.34
CA ASP B 356 23.43 -3.75 9.60
C ASP B 356 22.46 -4.92 9.48
N GLY B 357 21.67 -4.90 8.41
CA GLY B 357 20.71 -5.97 8.20
C GLY B 357 21.39 -7.25 7.76
N TYR B 358 22.69 -7.16 7.51
CA TYR B 358 23.46 -8.33 7.08
C TYR B 358 23.93 -9.08 8.32
N ASN B 359 24.33 -8.33 9.34
CA ASN B 359 24.80 -8.92 10.59
C ASN B 359 23.64 -9.61 11.29
N LEU B 360 22.44 -9.09 11.06
CA LEU B 360 21.23 -9.66 11.66
C LEU B 360 20.98 -11.04 11.08
N SER B 361 20.74 -11.09 9.77
CA SER B 361 20.50 -12.35 9.08
C SER B 361 21.81 -13.09 8.88
N ALA B 362 22.26 -13.76 9.94
CA ALA B 362 23.51 -14.52 9.89
C ALA B 362 23.30 -15.94 10.40
N PRO B 363 23.58 -16.94 9.54
CA PRO B 363 23.43 -18.35 9.91
C PRO B 363 24.52 -18.83 10.88
N LYS B 364 24.10 -19.31 12.04
CA LYS B 364 25.04 -19.81 13.04
C LYS B 364 24.65 -21.21 13.52
N SER B 375 7.45 -4.15 26.02
CA SER B 375 6.75 -4.12 24.73
C SER B 375 5.66 -3.06 24.74
N VAL B 376 5.71 -2.16 23.76
CA VAL B 376 4.73 -1.09 23.64
C VAL B 376 3.31 -1.64 23.60
N ILE B 377 3.06 -2.60 22.71
CA ILE B 377 1.75 -3.20 22.56
C ILE B 377 1.26 -3.78 23.89
N ASP B 378 2.17 -4.38 24.64
CA ASP B 378 1.84 -4.98 25.92
C ASP B 378 1.29 -3.98 26.94
N ASP B 379 1.92 -2.80 27.01
CA ASP B 379 1.48 -1.78 27.95
C ASP B 379 0.15 -1.18 27.54
N ILE B 380 -0.05 -1.00 26.24
CA ILE B 380 -1.30 -0.45 25.73
C ILE B 380 -2.46 -1.35 26.11
N ILE B 381 -2.23 -2.65 26.10
CA ILE B 381 -3.26 -3.62 26.44
C ILE B 381 -3.64 -3.52 27.91
N ALA B 382 -2.63 -3.49 28.78
CA ALA B 382 -2.83 -3.42 30.21
C ALA B 382 -3.45 -2.09 30.65
N SER B 383 -3.48 -1.11 29.75
CA SER B 383 -4.04 0.20 30.07
C SER B 383 -5.52 0.30 29.75
N ASN B 384 -6.02 -0.60 28.91
CA ASN B 384 -7.43 -0.59 28.54
C ASN B 384 -8.08 -1.94 28.83
N ASP B 385 -8.55 -2.12 30.05
CA ASP B 385 -9.19 -3.38 30.44
C ASP B 385 -10.60 -3.48 29.85
N ILE B 386 -11.04 -2.43 29.19
CA ILE B 386 -12.36 -2.42 28.57
C ILE B 386 -12.32 -3.25 27.29
N LEU B 387 -11.36 -2.93 26.42
CA LEU B 387 -11.20 -3.64 25.17
C LEU B 387 -10.49 -4.98 25.37
N TYR B 388 -9.52 -5.00 26.28
CA TYR B 388 -8.76 -6.22 26.55
C TYR B 388 -9.02 -6.80 27.93
N ASN B 389 -9.76 -7.91 27.95
CA ASN B 389 -10.08 -8.62 29.19
C ASN B 389 -10.39 -10.07 28.85
N ASP B 390 -10.38 -10.93 29.86
CA ASP B 390 -10.64 -12.35 29.66
C ASP B 390 -11.97 -12.66 28.99
N LYS B 391 -12.97 -11.80 29.17
CA LYS B 391 -14.28 -12.05 28.59
C LYS B 391 -14.37 -11.73 27.10
N LEU B 392 -13.57 -10.78 26.63
CA LEU B 392 -13.59 -10.40 25.22
C LEU B 392 -12.24 -10.66 24.55
N GLY B 393 -11.27 -11.08 25.32
CA GLY B 393 -9.95 -11.34 24.78
C GLY B 393 -8.96 -10.35 25.39
N LYS B 394 -7.76 -10.82 25.70
CA LYS B 394 -6.74 -9.97 26.31
C LYS B 394 -5.43 -10.07 25.53
N LYS B 395 -5.48 -10.67 24.35
CA LYS B 395 -4.29 -10.84 23.53
C LYS B 395 -4.32 -9.99 22.26
N VAL B 396 -3.16 -9.86 21.62
CA VAL B 396 -3.03 -9.10 20.39
C VAL B 396 -1.90 -9.71 19.57
N ASP B 397 -2.26 -10.32 18.43
CA ASP B 397 -1.25 -10.92 17.57
C ASP B 397 -0.33 -9.88 16.95
N HIS B 398 0.97 -10.14 17.02
CA HIS B 398 1.96 -9.23 16.47
C HIS B 398 3.22 -10.01 16.13
N CYS B 399 3.80 -9.72 14.98
CA CYS B 399 5.01 -10.40 14.55
C CYS B 399 5.98 -9.41 13.90
N ILE B 400 7.26 -9.57 14.18
CA ILE B 400 8.28 -8.69 13.62
C ILE B 400 9.19 -9.48 12.68
N VAL B 401 9.25 -9.06 11.43
CA VAL B 401 10.09 -9.73 10.44
C VAL B 401 11.12 -8.77 9.87
N ILE B 402 12.34 -9.27 9.70
CA ILE B 402 13.43 -8.46 9.16
C ILE B 402 14.28 -9.28 8.20
N LYS B 403 13.95 -9.19 6.91
CA LYS B 403 14.69 -9.91 5.87
C LYS B 403 15.82 -9.07 5.29
N TYR B 404 16.84 -9.74 4.78
CA TYR B 404 17.99 -9.05 4.19
C TYR B 404 17.94 -9.02 2.67
N MSE B 405 17.97 -7.82 2.12
CA MSE B 405 17.92 -7.62 0.68
C MSE B 405 19.01 -6.61 0.28
O MSE B 405 18.78 -5.40 0.21
CB MSE B 405 16.54 -7.13 0.25
CG MSE B 405 15.63 -8.12 -0.51
SE MSE B 405 15.18 -9.69 0.55
CE MSE B 405 14.72 -10.89 -0.91
N LYS B 406 20.22 -7.12 0.01
CA LYS B 406 21.33 -6.27 -0.36
C LYS B 406 21.01 -5.32 -1.53
N PRO B 407 20.32 -5.81 -2.58
CA PRO B 407 19.98 -4.97 -3.72
C PRO B 407 18.94 -3.90 -3.41
N VAL B 408 19.00 -3.35 -2.21
CA VAL B 408 18.09 -2.30 -1.78
C VAL B 408 18.87 -1.15 -1.16
N GLY B 409 20.10 -1.46 -0.75
CA GLY B 409 20.96 -0.45 -0.14
C GLY B 409 20.52 -0.07 1.25
N ASP B 410 20.98 1.08 1.73
CA ASP B 410 20.63 1.56 3.06
C ASP B 410 19.16 1.93 3.10
N SER B 411 18.54 1.99 1.93
CA SER B 411 17.13 2.33 1.82
C SER B 411 16.30 1.22 2.47
N LYS B 412 15.68 1.53 3.59
CA LYS B 412 14.88 0.57 4.33
C LYS B 412 13.41 0.57 3.92
N VAL B 413 12.82 -0.62 3.86
CA VAL B 413 11.41 -0.77 3.48
C VAL B 413 10.62 -1.36 4.64
N ALA B 414 9.78 -0.54 5.26
CA ALA B 414 8.97 -0.98 6.40
C ALA B 414 7.50 -1.13 6.02
N MSE B 415 6.92 -2.26 6.38
CA MSE B 415 5.52 -2.53 6.08
C MSE B 415 4.79 -3.03 7.32
O MSE B 415 5.20 -4.03 7.92
CB MSE B 415 5.41 -3.57 4.96
CG MSE B 415 5.99 -3.12 3.63
SE MSE B 415 6.12 -4.55 2.36
CE MSE B 415 7.98 -5.00 2.61
N ASP B 416 3.74 -2.32 7.71
CA ASP B 416 2.97 -2.71 8.89
C ASP B 416 1.49 -2.87 8.54
N GLU B 417 0.86 -3.88 9.14
CA GLU B 417 -0.55 -4.17 8.88
C GLU B 417 -1.34 -4.24 10.18
N TYR B 418 -2.26 -3.28 10.37
CA TYR B 418 -3.08 -3.26 11.57
C TYR B 418 -4.51 -3.70 11.27
N TYR B 419 -4.96 -4.73 11.98
CA TYR B 419 -6.32 -5.25 11.81
C TYR B 419 -7.05 -5.06 13.12
N SER B 420 -7.78 -3.94 13.24
CA SER B 420 -8.53 -3.63 14.44
C SER B 420 -9.99 -4.06 14.39
N GLU B 421 -10.57 -4.27 15.57
CA GLU B 421 -11.96 -4.69 15.70
C GLU B 421 -12.84 -3.47 15.94
N LEU B 422 -13.83 -3.27 15.08
CA LEU B 422 -14.74 -2.15 15.22
C LEU B 422 -16.08 -2.56 15.80
N MSE B 423 -16.90 -1.56 16.10
CA MSE B 423 -18.23 -1.76 16.68
C MSE B 423 -19.13 -2.66 15.85
O MSE B 423 -19.15 -2.57 14.62
CB MSE B 423 -18.90 -0.39 16.87
CG MSE B 423 -20.39 -0.48 17.14
SE MSE B 423 -21.27 1.15 16.58
CE MSE B 423 -21.34 2.06 18.27
N LEU B 424 -19.87 -3.51 16.53
CA LEU B 424 -20.81 -4.43 15.90
C LEU B 424 -20.24 -5.31 14.80
N GLY B 425 -19.22 -6.10 15.14
CA GLY B 425 -18.62 -7.00 14.16
C GLY B 425 -17.83 -6.31 13.07
N GLY B 426 -17.78 -4.98 13.10
CA GLY B 426 -17.04 -4.25 12.10
C GLY B 426 -15.55 -4.50 12.21
N HIS B 427 -14.79 -4.09 11.19
CA HIS B 427 -13.35 -4.27 11.19
C HIS B 427 -12.65 -3.14 10.45
N ASN B 428 -11.43 -2.83 10.88
CA ASN B 428 -10.64 -1.77 10.26
C ASN B 428 -9.24 -2.27 9.96
N ARG B 429 -8.80 -2.05 8.72
CA ARG B 429 -7.47 -2.49 8.29
C ARG B 429 -6.63 -1.32 7.78
N ILE B 430 -5.50 -1.08 8.45
CA ILE B 430 -4.60 0.00 8.09
C ILE B 430 -3.25 -0.54 7.63
N SER B 431 -2.87 -0.19 6.41
CA SER B 431 -1.61 -0.64 5.83
C SER B 431 -0.62 0.52 5.76
N ILE B 432 0.53 0.35 6.40
CA ILE B 432 1.55 1.39 6.41
C ILE B 432 2.78 0.98 5.60
N HIS B 433 3.17 1.81 4.64
CA HIS B 433 4.34 1.53 3.83
C HIS B 433 5.36 2.65 4.06
N ASN B 434 6.44 2.33 4.77
CA ASN B 434 7.46 3.31 5.07
C ASN B 434 8.76 3.02 4.31
N VAL B 435 9.27 4.03 3.61
CA VAL B 435 10.50 3.92 2.85
C VAL B 435 11.36 5.14 3.07
N CYS B 436 12.62 4.92 3.46
CA CYS B 436 13.54 6.02 3.71
C CYS B 436 14.96 5.50 3.89
N GLU B 437 15.93 6.40 3.78
CA GLU B 437 17.33 6.05 3.96
C GLU B 437 17.57 5.85 5.45
N ASP B 438 17.38 4.60 5.89
CA ASP B 438 17.53 4.20 7.29
C ASP B 438 18.56 4.99 8.09
N SER B 439 19.76 5.12 7.58
CA SER B 439 20.83 5.84 8.27
C SER B 439 20.54 7.33 8.45
N LEU B 440 19.80 7.91 7.52
CA LEU B 440 19.48 9.34 7.61
C LEU B 440 18.44 9.66 8.67
N LEU B 441 17.92 8.63 9.33
CA LEU B 441 16.94 8.80 10.40
C LEU B 441 17.63 8.59 11.74
N ALA B 442 18.43 7.52 11.80
CA ALA B 442 19.16 7.17 13.01
C ALA B 442 20.18 8.25 13.39
N THR B 443 20.94 8.71 12.41
CA THR B 443 21.95 9.74 12.63
C THR B 443 21.38 10.94 13.37
N PRO B 444 20.33 11.56 12.81
CA PRO B 444 19.70 12.73 13.44
C PRO B 444 19.27 12.40 14.86
N LEU B 445 18.80 11.18 15.04
CA LEU B 445 18.35 10.70 16.35
C LEU B 445 19.53 10.57 17.30
N ILE B 446 20.65 10.07 16.80
CA ILE B 446 21.84 9.91 17.64
C ILE B 446 22.30 11.26 18.15
N ILE B 447 22.16 12.29 17.32
CA ILE B 447 22.55 13.63 17.70
C ILE B 447 21.72 14.11 18.88
N ASP B 448 20.43 13.76 18.88
CA ASP B 448 19.55 14.16 19.97
C ASP B 448 20.05 13.57 21.29
N LEU B 449 20.29 12.27 21.30
CA LEU B 449 20.79 11.60 22.50
C LEU B 449 22.02 12.29 23.05
N LEU B 450 22.96 12.60 22.16
CA LEU B 450 24.19 13.27 22.55
C LEU B 450 23.89 14.64 23.15
N VAL B 451 23.02 15.40 22.48
CA VAL B 451 22.64 16.72 22.94
C VAL B 451 21.95 16.68 24.30
N MSE B 452 20.99 15.77 24.46
CA MSE B 452 20.25 15.65 25.70
C MSE B 452 21.08 15.06 26.85
O MSE B 452 20.89 15.43 28.01
CB MSE B 452 19.00 14.80 25.50
CG MSE B 452 17.90 15.50 24.75
SE MSE B 452 17.47 17.20 25.57
CE MSE B 452 16.73 16.54 27.22
N THR B 453 22.01 14.17 26.52
CA THR B 453 22.85 13.55 27.53
C THR B 453 23.73 14.58 28.25
N GLU B 454 24.43 15.39 27.48
CA GLU B 454 25.30 16.41 28.05
C GLU B 454 24.48 17.43 28.83
N PHE B 455 23.29 17.75 28.33
CA PHE B 455 22.42 18.71 29.01
C PHE B 455 22.07 18.20 30.39
N CYS B 456 21.64 16.94 30.45
CA CYS B 456 21.27 16.32 31.72
C CYS B 456 22.44 16.27 32.67
N THR B 457 23.65 16.26 32.12
CA THR B 457 24.86 16.22 32.92
C THR B 457 25.03 17.53 33.70
N ARG B 458 24.47 18.61 33.17
CA ARG B 458 24.55 19.91 33.82
C ARG B 458 23.31 20.21 34.66
N VAL B 459 22.63 19.15 35.11
CA VAL B 459 21.44 19.32 35.92
C VAL B 459 21.52 18.57 37.24
N SER B 460 21.20 19.26 38.33
CA SER B 460 21.21 18.68 39.65
C SER B 460 19.90 19.03 40.36
N TYR B 461 19.44 18.16 41.24
CA TYR B 461 18.18 18.40 41.95
C TYR B 461 18.28 18.18 43.46
N LYS B 462 17.47 18.93 44.20
CA LYS B 462 17.43 18.84 45.66
C LYS B 462 15.99 18.68 46.13
N LYS B 463 15.72 17.59 46.84
CA LYS B 463 14.38 17.31 47.36
C LYS B 463 14.13 18.14 48.60
N VAL B 464 13.61 19.35 48.40
CA VAL B 464 13.34 20.24 49.53
C VAL B 464 12.12 19.86 50.35
N ASP B 465 12.30 19.73 51.67
CA ASP B 465 11.20 19.41 52.57
C ASP B 465 10.62 20.73 53.13
N PRO B 466 9.44 20.69 53.76
CA PRO B 466 8.86 21.94 54.28
C PRO B 466 9.27 22.38 55.69
N VAL B 467 9.72 21.44 56.53
CA VAL B 467 10.08 21.76 57.91
C VAL B 467 11.51 22.30 58.15
N LYS B 468 12.44 22.01 57.24
CA LYS B 468 13.81 22.48 57.42
C LYS B 468 14.33 23.26 56.21
N GLU B 469 14.77 24.49 56.47
CA GLU B 469 15.31 25.38 55.45
C GLU B 469 16.69 24.93 54.98
N ASP B 470 16.93 25.07 53.67
CA ASP B 470 18.21 24.69 53.07
C ASP B 470 18.68 23.32 53.52
N ALA B 471 17.74 22.40 53.72
CA ALA B 471 18.06 21.05 54.15
C ALA B 471 18.50 20.18 52.99
N GLY B 472 19.73 19.70 53.05
CA GLY B 472 20.26 18.84 52.01
C GLY B 472 21.07 19.55 50.95
N LYS B 473 21.89 18.79 50.24
CA LYS B 473 22.74 19.31 49.17
C LYS B 473 22.15 18.88 47.82
N PHE B 474 22.68 19.44 46.74
CA PHE B 474 22.20 19.12 45.40
C PHE B 474 22.73 17.79 44.91
N GLU B 475 21.82 16.99 44.35
CA GLU B 475 22.18 15.67 43.86
C GLU B 475 22.12 15.66 42.33
N ASN B 476 22.45 14.53 41.72
CA ASN B 476 22.43 14.41 40.27
C ASN B 476 21.38 13.39 39.83
N PHE B 477 21.00 13.48 38.55
CA PHE B 477 20.01 12.57 37.99
C PHE B 477 20.42 11.12 38.21
N TYR B 478 19.43 10.27 38.46
CA TYR B 478 19.69 8.85 38.67
C TYR B 478 20.53 8.37 37.48
N PRO B 479 21.60 7.59 37.76
CA PRO B 479 22.49 7.06 36.72
C PRO B 479 21.82 6.77 35.38
N VAL B 480 20.67 6.10 35.42
CA VAL B 480 19.94 5.76 34.20
C VAL B 480 19.06 6.92 33.75
N LEU B 481 19.52 7.66 32.74
CA LEU B 481 18.77 8.79 32.22
C LEU B 481 17.54 8.33 31.45
N THR B 482 16.48 8.00 32.18
CA THR B 482 15.24 7.55 31.56
C THR B 482 14.69 8.64 30.63
N PHE B 483 15.17 9.87 30.83
CA PHE B 483 14.74 11.01 30.02
C PHE B 483 15.19 10.90 28.57
N LEU B 484 15.72 9.74 28.20
CA LEU B 484 16.19 9.51 26.84
C LEU B 484 15.42 8.37 26.19
N SER B 485 14.42 7.85 26.90
CA SER B 485 13.61 6.75 26.41
C SER B 485 12.88 7.07 25.11
N TYR B 486 12.81 8.36 24.77
CA TYR B 486 12.15 8.78 23.53
C TYR B 486 12.93 8.27 22.33
N TRP B 487 14.23 8.11 22.50
CA TRP B 487 15.11 7.65 21.44
C TRP B 487 15.58 6.22 21.67
N LEU B 488 14.96 5.52 22.61
CA LEU B 488 15.34 4.15 22.92
C LEU B 488 14.18 3.17 22.80
N LYS B 489 14.40 2.08 22.08
CA LYS B 489 13.40 1.04 21.86
C LYS B 489 13.15 0.23 23.12
N ALA B 490 14.22 0.02 23.90
CA ALA B 490 14.12 -0.73 25.14
C ALA B 490 14.64 0.14 26.30
N PRO B 491 13.87 1.17 26.68
CA PRO B 491 14.23 2.08 27.76
C PRO B 491 14.66 1.38 29.04
N LEU B 492 15.87 1.67 29.49
CA LEU B 492 16.42 1.08 30.69
C LEU B 492 15.72 1.69 31.90
N THR B 493 15.29 0.85 32.83
CA THR B 493 14.60 1.32 34.03
C THR B 493 15.22 0.73 35.28
N ARG B 494 15.16 1.48 36.38
CA ARG B 494 15.70 1.02 37.65
C ARG B 494 14.83 -0.10 38.20
N PRO B 495 15.43 -1.04 38.95
CA PRO B 495 14.69 -2.16 39.54
C PRO B 495 13.40 -1.76 40.26
N GLY B 496 12.26 -2.16 39.68
CA GLY B 496 10.98 -1.84 40.28
C GLY B 496 10.02 -1.18 39.32
N PHE B 497 10.41 -0.03 38.78
CA PHE B 497 9.57 0.72 37.85
C PHE B 497 9.43 0.05 36.49
N HIS B 498 8.29 0.29 35.84
CA HIS B 498 8.03 -0.27 34.53
C HIS B 498 8.28 0.81 33.48
N PRO B 499 9.04 0.48 32.42
CA PRO B 499 9.36 1.42 31.35
C PRO B 499 8.15 1.99 30.63
N VAL B 500 8.26 3.26 30.23
CA VAL B 500 7.17 3.94 29.52
C VAL B 500 7.52 3.90 28.03
N ASN B 501 6.61 3.36 27.23
CA ASN B 501 6.82 3.24 25.78
C ASN B 501 6.03 4.25 24.97
N GLY B 502 5.09 4.92 25.62
CA GLY B 502 4.27 5.90 24.92
C GLY B 502 5.12 7.04 24.38
N LEU B 503 5.43 6.98 23.08
CA LEU B 503 6.24 7.99 22.43
C LEU B 503 5.83 9.42 22.79
N ASN B 504 4.62 9.80 22.37
CA ASN B 504 4.12 11.14 22.62
C ASN B 504 4.20 11.54 24.09
N LYS B 505 4.03 10.58 25.01
CA LYS B 505 4.11 10.90 26.42
C LYS B 505 5.55 11.19 26.80
N GLN B 506 6.48 10.48 26.16
CA GLN B 506 7.90 10.68 26.41
C GLN B 506 8.30 12.05 25.89
N ARG B 507 7.70 12.45 24.78
CA ARG B 507 7.96 13.75 24.15
C ARG B 507 7.53 14.87 25.09
N THR B 508 6.34 14.71 25.67
CA THR B 508 5.80 15.71 26.59
C THR B 508 6.65 15.80 27.86
N ALA B 509 7.14 14.66 28.33
CA ALA B 509 7.96 14.64 29.53
C ALA B 509 9.11 15.63 29.39
N LEU B 510 9.76 15.62 28.23
CA LEU B 510 10.87 16.52 27.95
C LEU B 510 10.39 17.97 27.99
N GLU B 511 9.33 18.25 27.25
CA GLU B 511 8.78 19.60 27.19
C GLU B 511 8.57 20.14 28.60
N ASN B 512 7.77 19.45 29.40
CA ASN B 512 7.50 19.88 30.76
C ASN B 512 8.78 20.03 31.56
N PHE B 513 9.73 19.12 31.36
CA PHE B 513 10.98 19.17 32.08
C PHE B 513 11.70 20.49 31.79
N LEU B 514 11.86 20.81 30.51
CA LEU B 514 12.52 22.05 30.12
C LEU B 514 11.69 23.24 30.59
N ARG B 515 10.37 23.08 30.56
CA ARG B 515 9.44 24.13 30.98
C ARG B 515 9.61 24.47 32.45
N LEU B 516 9.45 23.48 33.31
CA LEU B 516 9.56 23.68 34.75
C LEU B 516 10.90 24.31 35.12
N LEU B 517 11.93 24.02 34.34
CA LEU B 517 13.26 24.57 34.61
C LEU B 517 13.27 26.08 34.50
N ILE B 518 12.54 26.62 33.52
CA ILE B 518 12.48 28.07 33.34
C ILE B 518 11.25 28.67 34.01
N GLY B 519 10.74 27.97 35.02
CA GLY B 519 9.58 28.45 35.75
C GLY B 519 8.25 28.43 35.02
N LEU B 520 7.96 27.32 34.33
CA LEU B 520 6.70 27.20 33.60
C LEU B 520 5.97 25.91 33.94
N PRO B 521 4.65 26.00 34.17
CA PRO B 521 3.82 24.84 34.51
C PRO B 521 3.66 23.88 33.33
N SER B 522 3.00 22.76 33.57
CA SER B 522 2.78 21.78 32.51
C SER B 522 1.69 22.27 31.57
N GLN B 523 1.77 21.82 30.31
CA GLN B 523 0.79 22.20 29.31
C GLN B 523 -0.55 21.56 29.66
N ASN B 524 -1.60 22.38 29.72
CA ASN B 524 -2.94 21.89 30.06
C ASN B 524 -3.86 21.91 28.85
N GLU B 525 -3.53 22.76 27.87
CA GLU B 525 -4.34 22.89 26.65
C GLU B 525 -5.82 23.16 26.94
N LEU B 526 -6.10 23.61 28.16
CA LEU B 526 -7.48 23.92 28.55
C LEU B 526 -8.00 25.16 27.82
N ARG B 527 -7.08 26.02 27.41
CA ARG B 527 -7.43 27.24 26.68
C ARG B 527 -8.69 27.92 27.21
N PHE B 528 -8.77 28.11 28.52
CA PHE B 528 -9.92 28.75 29.13
C PHE B 528 -10.16 30.16 28.59
N GLU B 529 -9.15 30.71 27.94
CA GLU B 529 -9.26 32.05 27.35
C GLU B 529 -10.40 32.06 26.34
N GLU B 530 -10.56 30.94 25.63
CA GLU B 530 -11.59 30.79 24.61
C GLU B 530 -12.84 30.08 25.11
N ARG B 531 -12.67 28.92 25.72
CA ARG B 531 -13.79 28.13 26.22
C ARG B 531 -14.64 28.80 27.28
N LEU B 532 -14.04 29.68 28.08
CA LEU B 532 -14.78 30.38 29.12
C LEU B 532 -14.92 31.87 28.81
N LEU B 533 -15.28 32.65 29.83
CA LEU B 533 -15.46 34.09 29.67
C LEU B 533 -16.65 34.37 28.75
N THR C 10 -25.59 -23.69 -26.36
CA THR C 10 -24.48 -22.74 -26.63
C THR C 10 -23.21 -23.50 -27.01
N SER C 11 -23.22 -24.10 -28.20
CA SER C 11 -22.07 -24.85 -28.70
C SER C 11 -21.38 -24.07 -29.81
N VAL C 12 -20.31 -24.65 -30.36
CA VAL C 12 -19.56 -24.00 -31.42
C VAL C 12 -19.33 -24.92 -32.63
N LYS C 13 -19.97 -24.60 -33.74
CA LYS C 13 -19.82 -25.38 -34.96
C LYS C 13 -18.80 -24.72 -35.88
N VAL C 14 -17.79 -25.49 -36.27
CA VAL C 14 -16.73 -24.97 -37.15
C VAL C 14 -16.69 -25.75 -38.44
N VAL C 15 -16.71 -25.04 -39.56
CA VAL C 15 -16.65 -25.67 -40.88
C VAL C 15 -15.20 -25.99 -41.20
N THR C 16 -14.86 -27.28 -41.18
CA THR C 16 -13.49 -27.68 -41.46
C THR C 16 -13.37 -29.09 -42.03
N ASP C 17 -12.31 -29.30 -42.80
CA ASP C 17 -12.03 -30.60 -43.40
C ASP C 17 -11.02 -31.33 -42.53
N LYS C 18 -10.73 -30.76 -41.37
CA LYS C 18 -9.79 -31.33 -40.42
C LYS C 18 -10.53 -32.06 -39.31
N CYS C 19 -11.83 -31.78 -39.18
CA CYS C 19 -12.64 -32.40 -38.15
C CYS C 19 -13.77 -33.25 -38.74
N THR C 20 -13.88 -34.49 -38.25
CA THR C 20 -14.91 -35.40 -38.70
C THR C 20 -15.62 -36.03 -37.50
N TYR C 21 -16.94 -35.94 -37.49
CA TYR C 21 -17.72 -36.52 -36.39
C TYR C 21 -18.36 -37.83 -36.83
N LYS C 22 -18.04 -38.90 -36.10
CA LYS C 22 -18.58 -40.22 -36.41
C LYS C 22 -18.80 -41.03 -35.14
N ASP C 23 -19.78 -41.92 -35.18
CA ASP C 23 -20.11 -42.79 -34.04
C ASP C 23 -19.94 -42.07 -32.70
N ASN C 24 -20.38 -40.82 -32.65
CA ASN C 24 -20.28 -40.01 -31.44
C ASN C 24 -18.85 -39.80 -30.96
N GLU C 25 -17.97 -39.45 -31.88
CA GLU C 25 -16.58 -39.18 -31.56
C GLU C 25 -16.01 -38.14 -32.52
N LEU C 26 -15.00 -37.41 -32.05
CA LEU C 26 -14.39 -36.37 -32.86
C LEU C 26 -12.96 -36.69 -33.28
N LEU C 27 -12.75 -36.81 -34.59
CA LEU C 27 -11.44 -37.08 -35.14
C LEU C 27 -10.92 -35.81 -35.81
N THR C 28 -9.79 -35.31 -35.32
CA THR C 28 -9.21 -34.08 -35.86
C THR C 28 -7.74 -34.22 -36.22
N LYS C 29 -7.36 -33.65 -37.35
CA LYS C 29 -5.98 -33.69 -37.82
C LYS C 29 -5.29 -32.41 -37.37
N TYR C 30 -3.99 -32.48 -37.12
CA TYR C 30 -3.23 -31.32 -36.68
C TYR C 30 -1.74 -31.43 -36.96
N SER C 31 -1.16 -30.36 -37.48
CA SER C 31 0.27 -30.32 -37.79
C SER C 31 1.00 -29.50 -36.73
N TYR C 32 1.76 -30.19 -35.90
CA TYR C 32 2.51 -29.55 -34.83
C TYR C 32 3.83 -28.97 -35.30
N GLU C 33 3.87 -27.66 -35.44
CA GLU C 33 5.06 -26.95 -35.87
C GLU C 33 5.84 -26.43 -34.67
N ASN C 34 7.17 -26.44 -34.79
CA ASN C 34 8.05 -25.97 -33.72
C ASN C 34 9.43 -25.70 -34.30
N ALA C 35 10.46 -25.73 -33.46
CA ALA C 35 11.82 -25.47 -33.95
C ALA C 35 12.92 -25.84 -32.96
N VAL C 36 13.97 -26.46 -33.49
CA VAL C 36 15.11 -26.85 -32.66
C VAL C 36 16.21 -25.81 -32.90
N VAL C 37 16.92 -25.44 -31.83
CA VAL C 37 17.97 -24.43 -31.99
C VAL C 37 19.30 -24.82 -31.35
N THR C 38 20.39 -24.28 -31.91
CA THR C 38 21.74 -24.53 -31.42
C THR C 38 22.56 -23.24 -31.50
N LYS C 39 23.19 -22.89 -30.39
CA LYS C 39 23.99 -21.68 -30.31
C LYS C 39 25.37 -21.85 -30.96
N THR C 40 25.83 -20.78 -31.61
CA THR C 40 27.12 -20.79 -32.29
C THR C 40 28.16 -20.00 -31.49
N ALA C 41 29.43 -20.30 -31.71
CA ALA C 41 30.51 -19.61 -31.01
C ALA C 41 30.46 -18.11 -31.31
N SER C 42 30.04 -17.77 -32.52
CA SER C 42 29.95 -16.38 -32.94
C SER C 42 28.69 -15.72 -32.37
N GLY C 43 27.97 -16.44 -31.53
CA GLY C 43 26.76 -15.90 -30.92
C GLY C 43 25.56 -15.97 -31.85
N ARG C 44 25.70 -16.70 -32.94
CA ARG C 44 24.63 -16.85 -33.92
C ARG C 44 23.71 -18.01 -33.57
N PHE C 45 22.41 -17.83 -33.79
CA PHE C 45 21.43 -18.87 -33.50
C PHE C 45 20.99 -19.59 -34.77
N ASP C 46 21.06 -20.91 -34.74
CA ASP C 46 20.64 -21.72 -35.88
C ASP C 46 19.34 -22.43 -35.56
N VAL C 47 18.25 -21.96 -36.16
CA VAL C 47 16.93 -22.54 -35.92
C VAL C 47 16.53 -23.51 -37.03
N THR C 48 16.09 -24.70 -36.63
CA THR C 48 15.68 -25.72 -37.58
C THR C 48 14.21 -26.04 -37.35
N PRO C 49 13.33 -25.57 -38.25
CA PRO C 49 11.88 -25.79 -38.17
C PRO C 49 11.52 -27.25 -37.89
N THR C 50 10.26 -27.48 -37.54
CA THR C 50 9.79 -28.82 -37.22
C THR C 50 8.29 -28.98 -37.47
N VAL C 51 7.90 -30.19 -37.86
CA VAL C 51 6.50 -30.51 -38.13
C VAL C 51 6.24 -31.98 -37.83
N GLN C 52 5.03 -32.27 -37.36
CA GLN C 52 4.62 -33.64 -37.04
C GLN C 52 3.10 -33.72 -37.01
N ASP C 53 2.53 -34.37 -38.02
CA ASP C 53 1.08 -34.51 -38.11
C ASP C 53 0.53 -35.43 -37.01
N TYR C 54 -0.66 -35.10 -36.53
CA TYR C 54 -1.33 -35.88 -35.50
C TYR C 54 -2.80 -36.04 -35.85
N VAL C 55 -3.46 -36.94 -35.13
CA VAL C 55 -4.89 -37.20 -35.31
C VAL C 55 -5.46 -37.45 -33.94
N PHE C 56 -6.23 -36.51 -33.42
CA PHE C 56 -6.82 -36.64 -32.09
C PHE C 56 -8.25 -37.17 -32.12
N LYS C 57 -8.55 -38.03 -31.15
CA LYS C 57 -9.88 -38.61 -31.01
C LYS C 57 -10.45 -38.13 -29.68
N LEU C 58 -11.59 -37.44 -29.74
CA LEU C 58 -12.20 -36.92 -28.53
C LEU C 58 -13.53 -37.60 -28.21
N ASP C 59 -13.56 -38.35 -27.12
CA ASP C 59 -14.78 -39.03 -26.71
C ASP C 59 -15.77 -37.93 -26.34
N LEU C 60 -16.80 -37.77 -27.16
CA LEU C 60 -17.81 -36.73 -26.92
C LEU C 60 -18.83 -37.09 -25.84
N LYS C 61 -18.78 -38.32 -25.35
CA LYS C 61 -19.71 -38.76 -24.32
C LYS C 61 -19.24 -38.35 -22.92
N LYS C 62 -19.63 -37.16 -22.49
CA LYS C 62 -19.26 -36.68 -21.17
C LYS C 62 -20.16 -37.31 -20.12
N PRO C 63 -19.60 -37.66 -18.96
CA PRO C 63 -20.38 -38.29 -17.88
C PRO C 63 -21.58 -37.44 -17.47
N GLU C 64 -22.71 -38.11 -17.21
CA GLU C 64 -23.92 -37.40 -16.80
C GLU C 64 -23.65 -36.87 -15.41
N LYS C 65 -22.81 -37.60 -14.67
CA LYS C 65 -22.44 -37.24 -13.31
C LYS C 65 -21.00 -37.65 -13.04
N LEU C 66 -20.16 -36.68 -12.69
CA LEU C 66 -18.75 -36.96 -12.42
C LEU C 66 -18.59 -37.20 -10.92
N GLY C 67 -17.84 -38.24 -10.57
CA GLY C 67 -17.62 -38.55 -9.16
C GLY C 67 -16.34 -37.96 -8.63
N ILE C 68 -16.45 -37.15 -7.59
CA ILE C 68 -15.28 -36.53 -6.98
C ILE C 68 -15.14 -36.91 -5.50
N MSE C 69 -13.99 -37.47 -5.15
CA MSE C 69 -13.72 -37.85 -3.77
C MSE C 69 -12.52 -37.04 -3.28
O MSE C 69 -11.41 -37.18 -3.80
CB MSE C 69 -13.39 -39.35 -3.68
CG MSE C 69 -14.53 -40.25 -4.10
SE MSE C 69 -14.22 -42.10 -3.61
CE MSE C 69 -12.79 -42.49 -4.83
N LEU C 70 -12.77 -36.18 -2.30
CA LEU C 70 -11.71 -35.33 -1.76
C LEU C 70 -11.13 -35.81 -0.44
N ILE C 71 -9.82 -35.92 -0.41
CA ILE C 71 -9.11 -36.34 0.81
C ILE C 71 -8.96 -35.06 1.63
N GLY C 72 -9.82 -34.90 2.63
CA GLY C 72 -9.79 -33.72 3.46
C GLY C 72 -11.09 -32.97 3.20
N LEU C 73 -12.15 -33.75 3.00
CA LEU C 73 -13.48 -33.23 2.73
C LEU C 73 -13.94 -32.19 3.75
N GLY C 74 -13.69 -32.48 5.03
CA GLY C 74 -14.11 -31.56 6.08
C GLY C 74 -13.27 -30.31 6.25
N GLY C 75 -12.37 -30.06 5.31
CA GLY C 75 -11.52 -28.88 5.40
C GLY C 75 -12.16 -27.64 4.80
N ASN C 76 -11.40 -26.55 4.76
CA ASN C 76 -11.90 -25.30 4.21
C ASN C 76 -12.29 -25.45 2.75
N ASN C 77 -11.36 -25.91 1.92
CA ASN C 77 -11.63 -26.08 0.50
C ASN C 77 -12.66 -27.19 0.28
N GLY C 78 -12.52 -28.27 1.03
CA GLY C 78 -13.44 -29.38 0.91
C GLY C 78 -14.88 -28.99 1.15
N SER C 79 -15.12 -28.29 2.24
CA SER C 79 -16.48 -27.86 2.59
C SER C 79 -17.00 -26.82 1.59
N THR C 80 -16.16 -25.85 1.26
CA THR C 80 -16.52 -24.79 0.33
C THR C 80 -16.88 -25.33 -1.05
N LEU C 81 -16.17 -26.37 -1.49
CA LEU C 81 -16.42 -26.96 -2.80
C LEU C 81 -17.80 -27.60 -2.86
N VAL C 82 -18.10 -28.48 -1.91
CA VAL C 82 -19.39 -29.15 -1.86
C VAL C 82 -20.49 -28.09 -1.80
N ALA C 83 -20.26 -27.06 -0.99
CA ALA C 83 -21.24 -25.98 -0.84
C ALA C 83 -21.49 -25.26 -2.16
N SER C 84 -20.41 -24.89 -2.86
CA SER C 84 -20.53 -24.20 -4.13
C SER C 84 -21.35 -25.04 -5.11
N VAL C 85 -21.14 -26.35 -5.08
CA VAL C 85 -21.85 -27.26 -5.96
C VAL C 85 -23.35 -27.27 -5.66
N LEU C 86 -23.70 -27.34 -4.39
CA LEU C 86 -25.10 -27.37 -3.99
C LEU C 86 -25.81 -26.04 -4.24
N ALA C 87 -25.12 -24.93 -3.97
CA ALA C 87 -25.69 -23.60 -4.17
C ALA C 87 -26.02 -23.33 -5.63
N ASN C 88 -25.06 -23.57 -6.51
CA ASN C 88 -25.27 -23.35 -7.94
C ASN C 88 -26.23 -24.37 -8.54
N LYS C 89 -26.08 -25.62 -8.13
CA LYS C 89 -26.94 -26.70 -8.62
C LYS C 89 -28.41 -26.47 -8.29
N HIS C 90 -28.69 -26.11 -7.04
CA HIS C 90 -30.06 -25.88 -6.60
C HIS C 90 -30.45 -24.41 -6.55
N ASN C 91 -29.67 -23.56 -7.23
CA ASN C 91 -29.96 -22.14 -7.28
C ASN C 91 -30.33 -21.58 -5.90
N VAL C 92 -29.45 -21.78 -4.93
CA VAL C 92 -29.71 -21.30 -3.58
C VAL C 92 -29.25 -19.86 -3.37
N GLU C 93 -30.17 -18.91 -3.61
CA GLU C 93 -29.85 -17.50 -3.43
C GLU C 93 -29.69 -17.27 -1.93
N PHE C 94 -28.86 -16.30 -1.55
CA PHE C 94 -28.65 -16.03 -0.14
C PHE C 94 -28.61 -14.55 0.21
N GLN C 95 -29.06 -14.23 1.43
CA GLN C 95 -29.08 -12.86 1.92
C GLN C 95 -27.69 -12.43 2.39
N THR C 96 -27.38 -11.16 2.19
CA THR C 96 -26.09 -10.62 2.61
C THR C 96 -26.24 -9.13 2.94
N LYS C 97 -25.23 -8.58 3.59
CA LYS C 97 -25.22 -7.17 3.97
C LYS C 97 -25.49 -6.26 2.77
N GLU C 98 -25.33 -6.80 1.58
CA GLU C 98 -25.54 -6.02 0.36
C GLU C 98 -26.72 -6.49 -0.48
N GLY C 99 -27.67 -7.16 0.16
CA GLY C 99 -28.85 -7.63 -0.55
C GLY C 99 -28.71 -9.06 -1.05
N VAL C 100 -29.79 -9.59 -1.62
CA VAL C 100 -29.80 -10.96 -2.12
C VAL C 100 -28.75 -11.15 -3.21
N LYS C 101 -28.07 -12.29 -3.17
CA LYS C 101 -27.04 -12.60 -4.15
C LYS C 101 -27.26 -14.01 -4.71
N GLN C 102 -26.96 -14.18 -6.01
CA GLN C 102 -27.12 -15.46 -6.66
C GLN C 102 -25.77 -16.20 -6.70
N PRO C 103 -25.80 -17.52 -6.47
CA PRO C 103 -24.56 -18.30 -6.49
C PRO C 103 -23.97 -18.39 -7.89
N ASN C 104 -22.64 -18.48 -7.96
CA ASN C 104 -21.94 -18.58 -9.23
C ASN C 104 -20.61 -19.27 -9.02
N TYR C 105 -19.81 -19.35 -10.07
CA TYR C 105 -18.51 -20.00 -10.00
C TYR C 105 -17.36 -19.04 -10.30
N PHE C 106 -17.54 -17.77 -9.96
CA PHE C 106 -16.49 -16.79 -10.20
C PHE C 106 -15.17 -17.32 -9.63
N GLY C 107 -14.07 -17.06 -10.32
CA GLY C 107 -12.79 -17.55 -9.87
C GLY C 107 -12.43 -18.81 -10.63
N SER C 108 -13.40 -19.33 -11.36
CA SER C 108 -13.21 -20.53 -12.17
C SER C 108 -13.09 -20.13 -13.63
N MSE C 109 -11.87 -20.16 -14.16
CA MSE C 109 -11.65 -19.79 -15.55
C MSE C 109 -12.37 -20.76 -16.48
O MSE C 109 -12.87 -20.36 -17.54
CB MSE C 109 -10.16 -19.79 -15.87
CG MSE C 109 -9.59 -21.17 -16.14
SE MSE C 109 -8.32 -21.13 -17.58
CE MSE C 109 -9.38 -20.13 -18.85
N THR C 110 -12.44 -22.02 -16.09
CA THR C 110 -13.08 -23.04 -16.91
C THR C 110 -14.60 -22.86 -16.93
N GLN C 111 -15.11 -22.16 -15.92
CA GLN C 111 -16.55 -21.95 -15.80
C GLN C 111 -16.98 -20.49 -16.03
N CYS C 112 -16.06 -19.55 -15.92
CA CYS C 112 -16.42 -18.14 -16.10
C CYS C 112 -15.55 -17.33 -17.05
N SER C 113 -14.52 -17.94 -17.63
CA SER C 113 -13.66 -17.21 -18.56
C SER C 113 -14.15 -17.42 -19.99
N THR C 114 -13.59 -16.67 -20.92
CA THR C 114 -13.98 -16.77 -22.32
C THR C 114 -12.75 -16.85 -23.23
N LEU C 115 -12.98 -17.28 -24.46
CA LEU C 115 -11.90 -17.40 -25.43
C LEU C 115 -12.29 -16.70 -26.75
N LYS C 116 -11.28 -16.30 -27.51
CA LYS C 116 -11.50 -15.63 -28.78
C LYS C 116 -11.64 -16.65 -29.92
N LEU C 117 -12.75 -16.58 -30.63
CA LEU C 117 -12.99 -17.50 -31.75
C LEU C 117 -12.65 -16.87 -33.09
N GLY C 118 -12.54 -15.55 -33.12
CA GLY C 118 -12.23 -14.86 -34.35
C GLY C 118 -12.92 -13.51 -34.47
N ILE C 119 -12.92 -12.95 -35.68
CA ILE C 119 -13.56 -11.67 -35.92
C ILE C 119 -14.95 -11.85 -36.51
N ASP C 120 -15.65 -10.74 -36.73
CA ASP C 120 -16.99 -10.78 -37.29
C ASP C 120 -17.12 -9.89 -38.52
N ALA C 121 -18.36 -9.54 -38.87
CA ALA C 121 -18.63 -8.69 -40.02
C ALA C 121 -17.79 -7.43 -40.01
N GLU C 122 -17.90 -6.65 -38.94
CA GLU C 122 -17.16 -5.41 -38.80
C GLU C 122 -15.67 -5.69 -38.60
N GLY C 123 -15.36 -6.89 -38.09
CA GLY C 123 -13.98 -7.24 -37.85
C GLY C 123 -13.60 -7.16 -36.39
N ASN C 124 -14.61 -7.18 -35.51
CA ASN C 124 -14.37 -7.11 -34.08
C ASN C 124 -14.25 -8.50 -33.47
N ASP C 125 -13.40 -8.61 -32.46
CA ASP C 125 -13.17 -9.88 -31.78
C ASP C 125 -14.45 -10.44 -31.17
N VAL C 126 -14.62 -11.75 -31.27
CA VAL C 126 -15.79 -12.44 -30.72
C VAL C 126 -15.33 -13.53 -29.78
N TYR C 127 -15.80 -13.48 -28.54
CA TYR C 127 -15.41 -14.48 -27.54
C TYR C 127 -16.55 -15.43 -27.18
N ALA C 128 -16.17 -16.62 -26.74
CA ALA C 128 -17.10 -17.66 -26.34
C ALA C 128 -16.59 -18.29 -25.04
N PRO C 129 -17.50 -18.69 -24.14
CA PRO C 129 -17.09 -19.31 -22.88
C PRO C 129 -16.09 -20.45 -23.06
N PHE C 130 -15.14 -20.53 -22.13
CA PHE C 130 -14.09 -21.54 -22.15
C PHE C 130 -14.63 -22.96 -22.28
N ASN C 131 -15.85 -23.20 -21.79
CA ASN C 131 -16.44 -24.53 -21.83
C ASN C 131 -17.55 -24.70 -22.87
N SER C 132 -17.48 -23.95 -23.97
CA SER C 132 -18.50 -24.04 -25.00
C SER C 132 -17.97 -24.63 -26.31
N LEU C 133 -16.64 -24.69 -26.43
CA LEU C 133 -16.02 -25.23 -27.64
C LEU C 133 -16.20 -26.74 -27.71
N LEU C 134 -15.94 -27.41 -26.60
CA LEU C 134 -16.05 -28.86 -26.53
C LEU C 134 -16.82 -29.29 -25.28
N PRO C 135 -17.39 -30.51 -25.30
CA PRO C 135 -18.16 -31.03 -24.16
C PRO C 135 -17.33 -31.23 -22.89
N MSE C 136 -17.66 -30.47 -21.86
CA MSE C 136 -16.98 -30.55 -20.58
C MSE C 136 -17.99 -30.76 -19.46
O MSE C 136 -19.15 -30.37 -19.57
CB MSE C 136 -16.19 -29.26 -20.30
CG MSE C 136 -14.97 -29.07 -21.18
SE MSE C 136 -13.95 -27.50 -20.71
CE MSE C 136 -12.55 -27.66 -22.02
N VAL C 137 -17.54 -31.39 -18.38
CA VAL C 137 -18.41 -31.67 -17.24
C VAL C 137 -18.69 -30.41 -16.43
N SER C 138 -19.94 -30.26 -16.01
CA SER C 138 -20.35 -29.11 -15.22
C SER C 138 -20.19 -29.43 -13.75
N PRO C 139 -19.62 -28.51 -12.97
CA PRO C 139 -19.44 -28.77 -11.54
C PRO C 139 -20.79 -29.03 -10.86
N ASN C 140 -21.86 -28.60 -11.52
CA ASN C 140 -23.21 -28.79 -10.99
C ASN C 140 -23.57 -30.27 -10.99
N ASP C 141 -22.85 -31.05 -11.79
CA ASP C 141 -23.11 -32.49 -11.89
C ASP C 141 -22.10 -33.27 -11.06
N PHE C 142 -21.47 -32.59 -10.10
CA PHE C 142 -20.48 -33.22 -9.24
C PHE C 142 -21.10 -33.91 -8.04
N VAL C 143 -20.80 -35.20 -7.89
CA VAL C 143 -21.28 -35.98 -6.75
C VAL C 143 -20.04 -36.11 -5.88
N VAL C 144 -20.00 -35.32 -4.80
CA VAL C 144 -18.83 -35.31 -3.92
C VAL C 144 -18.92 -36.14 -2.65
N SER C 145 -17.77 -36.70 -2.27
CA SER C 145 -17.61 -37.51 -1.08
C SER C 145 -16.12 -37.44 -0.76
N GLY C 146 -15.66 -38.28 0.17
CA GLY C 146 -14.24 -38.25 0.50
C GLY C 146 -13.88 -38.69 1.90
N TRP C 147 -12.61 -38.52 2.23
CA TRP C 147 -12.08 -38.91 3.54
C TRP C 147 -11.64 -37.70 4.34
N ASP C 148 -11.37 -37.91 5.62
CA ASP C 148 -10.93 -36.86 6.52
C ASP C 148 -10.75 -37.45 7.91
N ILE C 149 -9.63 -37.13 8.56
CA ILE C 149 -9.35 -37.65 9.89
C ILE C 149 -10.33 -37.14 10.94
N ASN C 150 -11.20 -36.21 10.54
CA ASN C 150 -12.21 -35.65 11.44
C ASN C 150 -13.58 -36.00 10.90
N ASN C 151 -14.48 -36.45 11.78
CA ASN C 151 -15.82 -36.87 11.38
C ASN C 151 -16.91 -35.80 11.30
N ALA C 152 -16.57 -34.55 11.61
CA ALA C 152 -17.56 -33.48 11.55
C ALA C 152 -18.25 -33.45 10.19
N ASP C 153 -19.57 -33.31 10.20
CA ASP C 153 -20.33 -33.26 8.95
C ASP C 153 -19.96 -31.96 8.24
N LEU C 154 -20.25 -31.88 6.95
CA LEU C 154 -19.90 -30.69 6.18
C LEU C 154 -20.58 -29.40 6.63
N TYR C 155 -21.70 -29.50 7.32
CA TYR C 155 -22.37 -28.29 7.80
C TYR C 155 -21.48 -27.72 8.90
N GLU C 156 -21.08 -28.59 9.82
CA GLU C 156 -20.22 -28.20 10.92
C GLU C 156 -18.87 -27.76 10.37
N ALA C 157 -18.51 -28.33 9.21
CA ALA C 157 -17.26 -28.00 8.56
C ALA C 157 -17.25 -26.53 8.16
N MSE C 158 -18.39 -26.06 7.65
CA MSE C 158 -18.49 -24.66 7.23
C MSE C 158 -18.35 -23.70 8.40
O MSE C 158 -17.57 -22.76 8.35
CB MSE C 158 -19.84 -24.40 6.55
CG MSE C 158 -20.05 -25.14 5.24
SE MSE C 158 -21.55 -24.40 4.28
CE MSE C 158 -22.97 -25.02 5.43
N GLN C 159 -19.11 -23.95 9.47
CA GLN C 159 -19.06 -23.11 10.65
C GLN C 159 -17.63 -22.99 11.15
N ARG C 160 -16.89 -24.09 11.03
CA ARG C 160 -15.50 -24.15 11.47
C ARG C 160 -14.57 -23.43 10.50
N SER C 161 -14.90 -23.44 9.22
CA SER C 161 -14.09 -22.79 8.21
C SER C 161 -14.30 -21.28 8.18
N GLN C 162 -15.49 -20.84 8.56
CA GLN C 162 -15.83 -19.41 8.57
C GLN C 162 -15.51 -18.78 7.22
N VAL C 163 -15.93 -19.43 6.15
CA VAL C 163 -15.67 -18.94 4.80
C VAL C 163 -16.88 -18.28 4.15
N LEU C 164 -18.01 -18.99 4.17
CA LEU C 164 -19.23 -18.51 3.54
C LEU C 164 -20.12 -17.68 4.47
N GLU C 165 -20.98 -16.86 3.86
CA GLU C 165 -21.92 -16.03 4.60
C GLU C 165 -22.73 -16.87 5.57
N TYR C 166 -23.07 -16.30 6.72
CA TYR C 166 -23.85 -17.02 7.72
C TYR C 166 -25.16 -17.51 7.13
N ASP C 167 -25.84 -16.63 6.40
CA ASP C 167 -27.13 -16.97 5.79
C ASP C 167 -27.01 -18.12 4.81
N LEU C 168 -25.99 -18.08 3.95
CA LEU C 168 -25.80 -19.14 2.96
C LEU C 168 -25.61 -20.47 3.69
N GLN C 169 -24.74 -20.46 4.71
CA GLN C 169 -24.49 -21.66 5.48
C GLN C 169 -25.78 -22.23 6.04
N GLN C 170 -26.65 -21.34 6.50
CA GLN C 170 -27.93 -21.74 7.06
C GLN C 170 -28.86 -22.35 6.02
N ARG C 171 -28.91 -21.75 4.84
CA ARG C 171 -29.78 -22.26 3.78
C ARG C 171 -29.29 -23.58 3.22
N LEU C 172 -28.04 -23.93 3.54
CA LEU C 172 -27.44 -25.17 3.08
C LEU C 172 -27.31 -26.18 4.22
N LYS C 173 -27.67 -25.74 5.43
CA LYS C 173 -27.58 -26.58 6.62
C LYS C 173 -28.18 -27.98 6.44
N ALA C 174 -29.41 -28.04 5.92
CA ALA C 174 -30.09 -29.31 5.72
C ALA C 174 -29.27 -30.29 4.87
N LYS C 175 -28.94 -29.87 3.65
CA LYS C 175 -28.18 -30.71 2.73
C LYS C 175 -26.76 -31.00 3.20
N MSE C 176 -26.08 -29.98 3.73
CA MSE C 176 -24.70 -30.14 4.21
C MSE C 176 -24.58 -31.12 5.38
O MSE C 176 -23.60 -31.86 5.46
CB MSE C 176 -24.13 -28.78 4.63
CG MSE C 176 -23.90 -27.80 3.48
SE MSE C 176 -22.53 -28.39 2.26
CE MSE C 176 -20.97 -27.78 3.21
N SER C 177 -25.57 -31.12 6.25
CA SER C 177 -25.56 -32.01 7.41
C SER C 177 -25.66 -33.47 7.01
N LEU C 178 -26.03 -33.71 5.76
CA LEU C 178 -26.17 -35.07 5.25
C LEU C 178 -24.85 -35.63 4.76
N VAL C 179 -23.87 -34.75 4.56
CA VAL C 179 -22.56 -35.16 4.07
C VAL C 179 -21.53 -35.32 5.18
N LYS C 180 -21.00 -36.54 5.30
CA LYS C 180 -20.00 -36.85 6.31
C LYS C 180 -18.81 -37.54 5.65
N PRO C 181 -17.58 -37.09 5.96
CA PRO C 181 -16.37 -37.68 5.38
C PRO C 181 -16.03 -39.06 5.94
N LEU C 182 -15.64 -39.98 5.06
CA LEU C 182 -15.28 -41.34 5.46
C LEU C 182 -14.01 -41.31 6.28
N PRO C 183 -13.81 -42.33 7.13
CA PRO C 183 -12.59 -42.36 7.94
C PRO C 183 -11.37 -42.47 7.02
N SER C 184 -10.29 -41.80 7.39
CA SER C 184 -9.10 -41.83 6.56
C SER C 184 -7.92 -42.42 7.29
N ILE C 185 -6.79 -42.47 6.59
CA ILE C 185 -5.55 -43.00 7.14
C ILE C 185 -4.84 -41.87 7.85
N TYR C 186 -4.37 -42.12 9.06
CA TYR C 186 -3.67 -41.09 9.83
C TYR C 186 -2.35 -41.54 10.42
N TYR C 187 -1.26 -41.11 9.79
CA TYR C 187 0.08 -41.43 10.27
C TYR C 187 0.63 -40.14 10.88
N PRO C 188 0.48 -39.98 12.20
CA PRO C 188 0.94 -38.80 12.95
C PRO C 188 2.36 -38.32 12.66
N ASP C 189 3.25 -39.23 12.28
CA ASP C 189 4.63 -38.85 12.01
C ASP C 189 4.83 -38.25 10.62
N PHE C 190 3.72 -37.98 9.92
CA PHE C 190 3.80 -37.39 8.59
C PHE C 190 3.20 -35.99 8.53
N ILE C 191 2.75 -35.50 9.68
CA ILE C 191 2.16 -34.17 9.76
C ILE C 191 2.96 -33.31 10.75
N ALA C 192 3.32 -32.11 10.33
CA ALA C 192 4.07 -31.19 11.16
C ALA C 192 3.43 -31.01 12.53
N ALA C 193 2.21 -30.48 12.53
CA ALA C 193 1.49 -30.25 13.78
C ALA C 193 0.80 -31.53 14.27
N ASN C 194 0.88 -31.77 15.57
CA ASN C 194 0.25 -32.94 16.17
C ASN C 194 -1.27 -32.75 16.12
N GLN C 195 -1.98 -33.77 15.65
CA GLN C 195 -3.43 -33.69 15.56
C GLN C 195 -4.12 -34.96 16.04
N ASP C 196 -3.94 -35.27 17.32
CA ASP C 196 -4.55 -36.46 17.91
C ASP C 196 -5.93 -36.14 18.46
N GLU C 197 -6.18 -34.85 18.70
CA GLU C 197 -7.46 -34.41 19.23
C GLU C 197 -8.48 -34.17 18.12
N ARG C 198 -8.00 -33.67 16.98
CA ARG C 198 -8.86 -33.39 15.83
C ARG C 198 -9.14 -34.66 15.04
N ALA C 199 -8.23 -35.63 15.16
CA ALA C 199 -8.37 -36.89 14.45
C ALA C 199 -9.23 -37.88 15.24
N ASN C 200 -10.42 -38.18 14.72
CA ASN C 200 -11.32 -39.12 15.37
C ASN C 200 -12.05 -39.93 14.31
N ASN C 201 -11.47 -39.93 13.12
CA ASN C 201 -12.07 -40.65 12.00
C ASN C 201 -10.95 -41.35 11.22
N CYS C 202 -10.35 -42.36 11.85
CA CYS C 202 -9.26 -43.10 11.24
C CYS C 202 -9.61 -44.57 10.95
N ILE C 203 -8.90 -45.15 9.99
CA ILE C 203 -9.09 -46.55 9.61
C ILE C 203 -7.94 -47.40 10.16
N ASN C 204 -6.77 -46.78 10.28
CA ASN C 204 -5.59 -47.45 10.79
C ASN C 204 -5.64 -47.59 12.30
N LEU C 205 -6.44 -48.54 12.78
CA LEU C 205 -6.60 -48.80 14.20
C LEU C 205 -6.26 -50.25 14.53
N ASP C 206 -5.38 -50.45 15.51
CA ASP C 206 -5.00 -51.80 15.91
C ASP C 206 -6.20 -52.46 16.60
N GLU C 207 -6.12 -53.77 16.79
CA GLU C 207 -7.20 -54.52 17.43
C GLU C 207 -7.69 -53.88 18.73
N LYS C 208 -6.79 -53.26 19.47
CA LYS C 208 -7.16 -52.62 20.73
C LYS C 208 -8.06 -51.41 20.48
N GLY C 209 -7.80 -50.69 19.40
CA GLY C 209 -8.59 -49.52 19.08
C GLY C 209 -7.83 -48.22 19.05
N ASN C 210 -6.53 -48.30 18.79
CA ASN C 210 -5.69 -47.11 18.73
C ASN C 210 -5.04 -46.93 17.36
N VAL C 211 -4.53 -45.73 17.12
CA VAL C 211 -3.89 -45.40 15.84
C VAL C 211 -2.54 -46.12 15.70
N THR C 212 -2.35 -46.77 14.56
CA THR C 212 -1.12 -47.49 14.29
C THR C 212 -0.71 -47.35 12.82
N THR C 213 0.59 -47.43 12.57
CA THR C 213 1.12 -47.31 11.22
C THR C 213 1.34 -48.70 10.62
N ARG C 214 0.99 -49.73 11.38
CA ARG C 214 1.15 -51.11 10.92
C ARG C 214 -0.10 -51.59 10.20
N GLY C 215 0.10 -52.43 9.19
CA GLY C 215 -1.04 -52.94 8.43
C GLY C 215 -1.43 -51.98 7.32
N LYS C 216 -0.44 -51.32 6.74
CA LYS C 216 -0.69 -50.35 5.68
C LYS C 216 -1.34 -50.95 4.44
N TRP C 217 -1.05 -52.22 4.16
CA TRP C 217 -1.64 -52.87 2.99
C TRP C 217 -3.14 -53.08 3.18
N THR C 218 -3.56 -53.31 4.41
CA THR C 218 -4.98 -53.52 4.69
C THR C 218 -5.67 -52.16 4.54
N HIS C 219 -4.92 -51.10 4.86
CA HIS C 219 -5.42 -49.73 4.76
C HIS C 219 -5.71 -49.38 3.30
N LEU C 220 -4.81 -49.81 2.43
CA LEU C 220 -4.96 -49.55 0.99
C LEU C 220 -6.16 -50.32 0.46
N GLN C 221 -6.27 -51.58 0.85
CA GLN C 221 -7.38 -52.42 0.42
C GLN C 221 -8.67 -51.71 0.80
N ARG C 222 -8.71 -51.19 2.03
CA ARG C 222 -9.88 -50.48 2.53
C ARG C 222 -10.24 -49.28 1.66
N ILE C 223 -9.26 -48.44 1.35
CA ILE C 223 -9.52 -47.26 0.53
C ILE C 223 -10.04 -47.70 -0.84
N ARG C 224 -9.53 -48.83 -1.33
CA ARG C 224 -9.98 -49.33 -2.62
C ARG C 224 -11.47 -49.62 -2.53
N ARG C 225 -11.87 -50.19 -1.40
CA ARG C 225 -13.28 -50.51 -1.15
C ARG C 225 -14.08 -49.21 -1.17
N ASP C 226 -13.55 -48.20 -0.49
CA ASP C 226 -14.21 -46.90 -0.42
C ASP C 226 -14.49 -46.36 -1.82
N ILE C 227 -13.54 -46.54 -2.72
CA ILE C 227 -13.70 -46.06 -4.10
C ILE C 227 -14.73 -46.92 -4.82
N GLN C 228 -14.62 -48.24 -4.66
CA GLN C 228 -15.53 -49.17 -5.28
C GLN C 228 -16.96 -48.95 -4.81
N ASN C 229 -17.13 -48.80 -3.50
CA ASN C 229 -18.44 -48.57 -2.93
C ASN C 229 -19.05 -47.29 -3.46
N PHE C 230 -18.28 -46.20 -3.38
CA PHE C 230 -18.74 -44.90 -3.86
C PHE C 230 -19.23 -45.00 -5.30
N LYS C 231 -18.50 -45.76 -6.12
CA LYS C 231 -18.85 -45.93 -7.52
C LYS C 231 -20.12 -46.76 -7.68
N GLU C 232 -20.27 -47.80 -6.88
CA GLU C 232 -21.45 -48.67 -6.93
C GLU C 232 -22.64 -47.94 -6.32
N GLU C 233 -22.43 -47.40 -5.13
CA GLU C 233 -23.45 -46.67 -4.38
C GLU C 233 -24.25 -45.79 -5.33
N ASN C 234 -23.55 -45.00 -6.12
CA ASN C 234 -24.17 -44.11 -7.10
C ASN C 234 -23.99 -44.77 -8.46
N ALA C 235 -24.69 -44.26 -9.48
CA ALA C 235 -24.57 -44.83 -10.81
C ALA C 235 -23.39 -44.19 -11.53
N LEU C 236 -22.24 -44.15 -10.85
CA LEU C 236 -21.04 -43.54 -11.40
C LEU C 236 -20.07 -44.55 -12.03
N ASP C 237 -19.46 -44.12 -13.13
CA ASP C 237 -18.49 -44.94 -13.84
C ASP C 237 -17.17 -44.20 -13.77
N LYS C 238 -17.25 -42.88 -13.88
CA LYS C 238 -16.09 -42.01 -13.83
C LYS C 238 -15.96 -41.36 -12.45
N VAL C 239 -14.75 -41.38 -11.91
CA VAL C 239 -14.47 -40.80 -10.60
C VAL C 239 -13.06 -40.26 -10.55
N ILE C 240 -12.88 -39.13 -9.85
CA ILE C 240 -11.57 -38.51 -9.72
C ILE C 240 -11.26 -38.24 -8.25
N VAL C 241 -10.01 -38.46 -7.86
CA VAL C 241 -9.60 -38.25 -6.48
C VAL C 241 -8.63 -37.06 -6.39
N LEU C 242 -8.96 -36.12 -5.50
CA LEU C 242 -8.15 -34.93 -5.31
C LEU C 242 -7.75 -34.81 -3.84
N TRP C 243 -6.46 -34.66 -3.59
CA TRP C 243 -5.96 -34.53 -2.22
C TRP C 243 -5.92 -33.05 -1.81
N THR C 244 -6.72 -32.71 -0.80
CA THR C 244 -6.76 -31.34 -0.30
C THR C 244 -6.61 -31.37 1.22
N ALA C 245 -5.83 -32.31 1.71
CA ALA C 245 -5.60 -32.44 3.16
C ALA C 245 -4.33 -31.70 3.54
N ASN C 246 -4.13 -31.51 4.84
CA ASN C 246 -2.95 -30.80 5.34
C ASN C 246 -1.67 -31.39 4.74
N THR C 247 -0.65 -30.54 4.63
CA THR C 247 0.63 -30.95 4.06
C THR C 247 1.39 -31.99 4.88
N GLU C 248 1.95 -32.98 4.19
CA GLU C 248 2.72 -34.03 4.85
C GLU C 248 4.20 -33.68 4.75
N ARG C 249 5.05 -34.54 5.31
CA ARG C 249 6.49 -34.31 5.26
C ARG C 249 7.05 -35.01 4.02
N TYR C 250 7.97 -34.35 3.34
CA TYR C 250 8.58 -34.94 2.15
C TYR C 250 9.26 -36.26 2.49
N VAL C 251 8.74 -37.35 1.95
CA VAL C 251 9.30 -38.67 2.19
C VAL C 251 10.54 -38.92 1.33
N GLU C 252 11.68 -39.08 1.98
CA GLU C 252 12.94 -39.33 1.28
C GLU C 252 12.84 -40.56 0.38
N VAL C 253 13.51 -40.51 -0.77
CA VAL C 253 13.48 -41.62 -1.71
C VAL C 253 14.70 -42.54 -1.57
N SER C 254 14.44 -43.83 -1.42
CA SER C 254 15.50 -44.82 -1.28
C SER C 254 15.41 -45.85 -2.42
N PRO C 255 16.56 -46.36 -2.87
CA PRO C 255 16.64 -47.34 -3.96
C PRO C 255 16.10 -48.72 -3.62
N GLY C 256 15.58 -48.89 -2.41
CA GLY C 256 15.05 -50.18 -2.02
C GLY C 256 13.57 -50.22 -1.69
N VAL C 257 12.88 -49.09 -1.84
CA VAL C 257 11.46 -49.04 -1.53
C VAL C 257 10.64 -48.16 -2.46
N ASN C 258 11.06 -46.91 -2.64
CA ASN C 258 10.35 -45.96 -3.49
C ASN C 258 10.74 -46.11 -4.97
N ASP C 259 12.02 -46.39 -5.21
CA ASP C 259 12.56 -46.55 -6.56
C ASP C 259 11.61 -47.08 -7.64
N THR C 260 11.08 -48.29 -7.44
CA THR C 260 10.20 -48.88 -8.44
C THR C 260 8.81 -49.29 -7.97
N MSE C 261 8.00 -49.72 -8.93
CA MSE C 261 6.63 -50.17 -8.69
C MSE C 261 6.58 -51.38 -7.78
O MSE C 261 5.90 -51.36 -6.74
CB MSE C 261 5.96 -50.51 -10.02
CG MSE C 261 4.50 -50.88 -9.91
SE MSE C 261 3.85 -51.66 -11.55
CE MSE C 261 4.61 -50.40 -12.79
N GLU C 262 7.28 -52.44 -8.16
CA GLU C 262 7.31 -53.67 -7.38
C GLU C 262 7.82 -53.44 -5.96
N ASN C 263 8.69 -52.45 -5.79
CA ASN C 263 9.23 -52.13 -4.48
C ASN C 263 8.20 -51.41 -3.63
N LEU C 264 7.61 -50.36 -4.17
CA LEU C 264 6.60 -49.58 -3.47
C LEU C 264 5.52 -50.49 -2.89
N LEU C 265 4.91 -51.29 -3.75
CA LEU C 265 3.87 -52.22 -3.31
C LEU C 265 4.36 -53.11 -2.18
N GLN C 266 5.55 -53.66 -2.33
CA GLN C 266 6.13 -54.50 -1.29
C GLN C 266 6.37 -53.69 -0.03
N SER C 267 6.97 -52.50 -0.21
CA SER C 267 7.25 -51.61 0.90
C SER C 267 5.97 -51.34 1.69
N ILE C 268 4.86 -51.19 0.97
CA ILE C 268 3.57 -50.94 1.60
C ILE C 268 3.18 -52.12 2.47
N LYS C 269 3.32 -53.33 1.92
CA LYS C 269 2.99 -54.54 2.65
C LYS C 269 3.90 -54.69 3.86
N ASN C 270 5.06 -54.06 3.80
CA ASN C 270 6.02 -54.12 4.89
C ASN C 270 5.88 -52.92 5.83
N ASP C 271 4.86 -52.10 5.59
CA ASP C 271 4.60 -50.93 6.41
C ASP C 271 5.84 -50.05 6.55
N HIS C 272 6.60 -49.89 5.47
CA HIS C 272 7.81 -49.09 5.50
C HIS C 272 7.52 -47.64 5.90
N GLU C 273 8.32 -47.13 6.83
CA GLU C 273 8.19 -45.77 7.33
C GLU C 273 8.15 -44.70 6.23
N GLU C 274 8.48 -45.10 5.00
CA GLU C 274 8.48 -44.16 3.88
C GLU C 274 7.18 -44.13 3.09
N ILE C 275 6.19 -44.88 3.54
CA ILE C 275 4.89 -44.92 2.87
C ILE C 275 3.91 -44.05 3.65
N ALA C 276 3.66 -42.85 3.13
CA ALA C 276 2.73 -41.91 3.75
C ALA C 276 1.30 -42.23 3.35
N PRO C 277 0.32 -41.71 4.10
CA PRO C 277 -1.08 -41.99 3.76
C PRO C 277 -1.42 -41.52 2.35
N SER C 278 -0.83 -40.39 1.94
CA SER C 278 -1.08 -39.87 0.60
C SER C 278 -0.58 -40.88 -0.41
N THR C 279 0.55 -41.50 -0.08
CA THR C 279 1.15 -42.51 -0.94
C THR C 279 0.14 -43.63 -1.17
N ILE C 280 -0.52 -44.03 -0.08
CA ILE C 280 -1.52 -45.10 -0.16
C ILE C 280 -2.72 -44.65 -0.98
N PHE C 281 -3.30 -43.50 -0.65
CA PHE C 281 -4.45 -43.01 -1.39
C PHE C 281 -4.17 -42.99 -2.88
N ALA C 282 -2.98 -42.52 -3.24
CA ALA C 282 -2.57 -42.44 -4.64
C ALA C 282 -2.60 -43.84 -5.25
N ALA C 283 -1.83 -44.75 -4.66
CA ALA C 283 -1.76 -46.13 -5.15
C ALA C 283 -3.16 -46.72 -5.26
N ALA C 284 -3.97 -46.52 -4.23
CA ALA C 284 -5.33 -47.02 -4.21
C ALA C 284 -6.11 -46.47 -5.40
N SER C 285 -5.96 -45.18 -5.64
CA SER C 285 -6.65 -44.52 -6.75
C SER C 285 -6.16 -45.08 -8.08
N ILE C 286 -4.84 -45.18 -8.22
CA ILE C 286 -4.24 -45.69 -9.44
C ILE C 286 -4.65 -47.14 -9.71
N LEU C 287 -4.73 -47.94 -8.66
CA LEU C 287 -5.11 -49.34 -8.80
C LEU C 287 -6.58 -49.51 -9.18
N GLU C 288 -7.37 -48.47 -8.97
CA GLU C 288 -8.79 -48.52 -9.31
C GLU C 288 -9.05 -47.84 -10.65
N GLY C 289 -7.99 -47.41 -11.31
CA GLY C 289 -8.14 -46.75 -12.59
C GLY C 289 -8.68 -45.34 -12.44
N VAL C 290 -8.63 -44.83 -11.22
CA VAL C 290 -9.12 -43.49 -10.91
C VAL C 290 -7.95 -42.50 -10.80
N PRO C 291 -7.99 -41.43 -11.60
CA PRO C 291 -6.93 -40.41 -11.58
C PRO C 291 -6.79 -39.75 -10.21
N TYR C 292 -5.55 -39.51 -9.80
CA TYR C 292 -5.25 -38.90 -8.51
C TYR C 292 -4.55 -37.56 -8.71
N ILE C 293 -5.06 -36.52 -8.03
CA ILE C 293 -4.46 -35.19 -8.14
C ILE C 293 -3.98 -34.71 -6.78
N ASN C 294 -2.69 -34.45 -6.67
CA ASN C 294 -2.10 -33.98 -5.42
C ASN C 294 -2.15 -32.45 -5.34
N GLY C 295 -3.08 -31.93 -4.53
CA GLY C 295 -3.22 -30.50 -4.38
C GLY C 295 -2.43 -29.90 -3.24
N SER C 296 -1.33 -30.56 -2.88
CA SER C 296 -0.48 -30.09 -1.79
C SER C 296 0.99 -30.31 -2.12
N PRO C 297 1.90 -29.54 -1.48
CA PRO C 297 3.34 -29.65 -1.70
C PRO C 297 3.91 -30.91 -1.06
N GLN C 298 3.71 -32.04 -1.73
CA GLN C 298 4.21 -33.32 -1.23
C GLN C 298 4.72 -34.17 -2.38
N ASN C 299 5.90 -34.77 -2.19
CA ASN C 299 6.47 -35.62 -3.22
C ASN C 299 5.75 -36.96 -3.22
N THR C 300 4.41 -36.89 -3.10
CA THR C 300 3.57 -38.08 -3.09
C THR C 300 3.91 -38.96 -4.27
N PHE C 301 3.92 -38.37 -5.46
CA PHE C 301 4.22 -39.08 -6.69
C PHE C 301 5.70 -39.41 -6.81
N VAL C 302 6.13 -40.43 -6.06
CA VAL C 302 7.52 -40.87 -6.11
C VAL C 302 7.69 -41.72 -7.35
N PRO C 303 8.94 -42.01 -7.75
CA PRO C 303 9.14 -42.84 -8.96
C PRO C 303 8.28 -44.10 -8.95
N GLY C 304 8.26 -44.79 -7.82
CA GLY C 304 7.46 -46.00 -7.70
C GLY C 304 6.03 -45.79 -8.13
N LEU C 305 5.37 -44.83 -7.51
CA LEU C 305 3.97 -44.53 -7.84
C LEU C 305 3.80 -44.18 -9.31
N VAL C 306 4.66 -43.28 -9.81
CA VAL C 306 4.61 -42.86 -11.20
C VAL C 306 4.58 -44.06 -12.12
N GLN C 307 5.57 -44.94 -11.98
CA GLN C 307 5.65 -46.14 -12.80
C GLN C 307 4.35 -46.92 -12.73
N LEU C 308 3.82 -47.09 -11.51
CA LEU C 308 2.58 -47.80 -11.32
C LEU C 308 1.48 -47.19 -12.17
N ALA C 309 1.44 -45.86 -12.19
CA ALA C 309 0.44 -45.13 -12.98
C ALA C 309 0.64 -45.42 -14.46
N GLU C 310 1.90 -45.55 -14.86
CA GLU C 310 2.24 -45.84 -16.26
C GLU C 310 1.75 -47.23 -16.63
N HIS C 311 2.04 -48.20 -15.77
CA HIS C 311 1.63 -49.58 -15.99
C HIS C 311 0.12 -49.71 -16.10
N GLU C 312 -0.58 -49.25 -15.08
CA GLU C 312 -2.04 -49.31 -15.04
C GLU C 312 -2.70 -48.36 -16.04
N GLY C 313 -1.95 -47.37 -16.51
CA GLY C 313 -2.50 -46.42 -17.47
C GLY C 313 -3.48 -45.48 -16.80
N THR C 314 -3.25 -45.20 -15.52
CA THR C 314 -4.12 -44.29 -14.77
C THR C 314 -3.46 -42.92 -14.69
N PHE C 315 -4.24 -41.87 -14.92
CA PHE C 315 -3.72 -40.51 -14.88
C PHE C 315 -3.38 -40.04 -13.48
N ILE C 316 -2.36 -39.19 -13.40
CA ILE C 316 -1.90 -38.62 -12.13
C ILE C 316 -1.29 -37.26 -12.45
N ALA C 317 -1.38 -36.33 -11.51
CA ALA C 317 -0.82 -35.00 -11.71
C ALA C 317 -1.02 -34.14 -10.48
N GLY C 318 -0.41 -32.95 -10.48
CA GLY C 318 -0.56 -32.06 -9.36
C GLY C 318 0.72 -31.56 -8.73
N ASP C 319 0.75 -31.61 -7.39
CA ASP C 319 1.87 -31.17 -6.57
C ASP C 319 1.74 -29.70 -6.20
N ASP C 320 0.96 -29.46 -5.14
CA ASP C 320 0.72 -28.13 -4.60
C ASP C 320 -0.16 -27.25 -5.50
N LEU C 321 -1.29 -26.81 -4.94
CA LEU C 321 -2.23 -25.96 -5.65
C LEU C 321 -1.66 -24.55 -5.79
N LYS C 322 -1.78 -23.97 -6.97
CA LYS C 322 -1.27 -22.63 -7.21
C LYS C 322 -2.19 -21.57 -6.61
N SER C 323 -1.61 -20.66 -5.84
CA SER C 323 -2.38 -19.60 -5.19
C SER C 323 -2.55 -18.37 -6.07
N GLY C 324 -3.64 -17.64 -5.84
CA GLY C 324 -3.90 -16.43 -6.61
C GLY C 324 -2.77 -15.47 -6.37
N GLN C 325 -2.12 -15.62 -5.22
CA GLN C 325 -0.99 -14.78 -4.83
C GLN C 325 0.20 -15.14 -5.71
N THR C 326 0.49 -16.45 -5.77
CA THR C 326 1.61 -16.95 -6.57
C THR C 326 1.39 -16.61 -8.04
N LYS C 327 0.16 -16.76 -8.51
CA LYS C 327 -0.18 -16.48 -9.90
C LYS C 327 0.12 -15.03 -10.25
N LEU C 328 -0.24 -14.13 -9.34
CA LEU C 328 -0.01 -12.71 -9.55
C LEU C 328 1.47 -12.38 -9.62
N LYS C 329 2.26 -12.94 -8.70
CA LYS C 329 3.70 -12.69 -8.71
C LYS C 329 4.31 -13.10 -10.04
N SER C 330 3.86 -14.22 -10.57
CA SER C 330 4.36 -14.73 -11.83
C SER C 330 4.05 -13.78 -12.99
N VAL C 331 2.83 -13.24 -12.98
CA VAL C 331 2.40 -12.31 -14.03
C VAL C 331 3.27 -11.06 -14.06
N LEU C 332 3.31 -10.33 -12.95
CA LEU C 332 4.11 -9.11 -12.86
C LEU C 332 5.57 -9.38 -13.21
N ALA C 333 6.14 -10.41 -12.61
CA ALA C 333 7.54 -10.77 -12.85
C ALA C 333 7.82 -10.88 -14.34
N GLN C 334 7.05 -11.70 -15.03
CA GLN C 334 7.22 -11.90 -16.46
C GLN C 334 6.95 -10.59 -17.21
N PHE C 335 5.92 -9.88 -16.78
CA PHE C 335 5.55 -8.60 -17.38
C PHE C 335 6.73 -7.64 -17.40
N LEU C 336 7.30 -7.39 -16.22
CA LEU C 336 8.43 -6.48 -16.09
C LEU C 336 9.59 -6.87 -17.01
N VAL C 337 10.00 -8.12 -16.93
CA VAL C 337 11.10 -8.61 -17.76
C VAL C 337 10.76 -8.53 -19.26
N ASP C 338 9.49 -8.71 -19.57
CA ASP C 338 9.02 -8.64 -20.96
C ASP C 338 9.07 -7.21 -21.49
N ALA C 339 9.21 -6.25 -20.59
CA ALA C 339 9.26 -4.84 -20.98
C ALA C 339 10.69 -4.29 -20.95
N GLY C 340 11.66 -5.18 -20.73
CA GLY C 340 13.04 -4.75 -20.68
C GLY C 340 13.48 -4.28 -19.31
N ILE C 341 12.57 -4.36 -18.35
CA ILE C 341 12.86 -3.94 -16.98
C ILE C 341 13.48 -5.11 -16.22
N LYS C 342 14.51 -4.83 -15.44
CA LYS C 342 15.20 -5.87 -14.68
C LYS C 342 14.92 -5.86 -13.18
N PRO C 343 13.98 -6.70 -12.72
CA PRO C 343 13.68 -6.75 -11.29
C PRO C 343 14.86 -7.35 -10.54
N VAL C 344 15.33 -6.67 -9.50
CA VAL C 344 16.48 -7.15 -8.74
C VAL C 344 16.11 -7.71 -7.37
N SER C 345 15.01 -7.21 -6.81
CA SER C 345 14.55 -7.66 -5.50
C SER C 345 13.05 -7.91 -5.47
N ILE C 346 12.65 -9.06 -4.94
CA ILE C 346 11.24 -9.42 -4.84
C ILE C 346 10.93 -10.04 -3.49
N ALA C 347 10.36 -9.23 -2.59
CA ALA C 347 10.01 -9.69 -1.25
C ALA C 347 8.50 -9.96 -1.18
N SER C 348 8.14 -11.08 -0.56
CA SER C 348 6.73 -11.46 -0.43
C SER C 348 6.42 -11.90 1.00
N TYR C 349 5.43 -11.26 1.61
CA TYR C 349 5.02 -11.60 2.97
C TYR C 349 3.52 -11.89 3.02
N ASN C 350 3.17 -13.08 3.47
CA ASN C 350 1.77 -13.50 3.54
C ASN C 350 1.42 -14.04 4.93
N HIS C 351 0.17 -13.86 5.35
CA HIS C 351 -0.29 -14.38 6.63
C HIS C 351 -1.80 -14.59 6.65
N LEU C 352 -2.21 -15.72 7.21
CA LEU C 352 -3.62 -16.07 7.31
C LEU C 352 -3.93 -16.75 8.63
N GLY C 353 -5.19 -17.14 8.82
CA GLY C 353 -5.58 -17.79 10.06
C GLY C 353 -6.37 -19.08 9.90
N ASN C 354 -6.16 -19.77 8.77
CA ASN C 354 -6.86 -21.02 8.53
C ASN C 354 -6.29 -22.14 9.39
N ASN C 355 -6.95 -23.30 9.37
CA ASN C 355 -6.50 -24.44 10.15
C ASN C 355 -5.12 -24.90 9.68
N ASP C 356 -4.86 -24.72 8.39
CA ASP C 356 -3.58 -25.11 7.82
C ASP C 356 -2.48 -24.24 8.41
N GLY C 357 -2.88 -23.10 8.99
CA GLY C 357 -1.92 -22.20 9.59
C GLY C 357 -1.10 -22.93 10.64
N TYR C 358 -1.70 -23.96 11.22
CA TYR C 358 -1.03 -24.77 12.24
C TYR C 358 -0.01 -25.68 11.58
N ASN C 359 -0.42 -26.36 10.52
CA ASN C 359 0.47 -27.26 9.80
C ASN C 359 1.60 -26.45 9.15
N LEU C 360 1.40 -25.13 9.09
CA LEU C 360 2.39 -24.23 8.51
C LEU C 360 3.06 -23.44 9.62
N SER C 361 3.18 -24.06 10.79
CA SER C 361 3.80 -23.44 11.95
C SER C 361 3.99 -24.46 13.06
N ALA C 362 5.15 -25.12 13.07
CA ALA C 362 5.45 -26.13 14.08
C ALA C 362 6.93 -26.53 14.01
N PRO C 363 7.43 -27.19 15.07
CA PRO C 363 8.83 -27.63 15.12
C PRO C 363 9.09 -28.86 14.25
N LYS C 364 8.90 -28.72 12.94
CA LYS C 364 9.11 -29.82 12.01
C LYS C 364 10.58 -29.97 11.66
N SER C 375 11.72 -22.58 -9.21
CA SER C 375 11.16 -21.24 -9.03
C SER C 375 10.84 -20.60 -10.38
N VAL C 376 9.73 -19.90 -10.44
CA VAL C 376 9.30 -19.21 -11.66
C VAL C 376 10.29 -18.10 -11.99
N ILE C 377 10.84 -17.49 -10.95
CA ILE C 377 11.80 -16.40 -11.12
C ILE C 377 13.06 -16.84 -11.85
N ASP C 378 13.54 -18.05 -11.55
CA ASP C 378 14.74 -18.57 -12.18
C ASP C 378 14.60 -18.75 -13.69
N ASP C 379 13.45 -19.28 -14.12
CA ASP C 379 13.21 -19.49 -15.54
C ASP C 379 13.24 -18.16 -16.30
N ILE C 380 12.74 -17.11 -15.67
CA ILE C 380 12.72 -15.78 -16.27
C ILE C 380 14.13 -15.25 -16.41
N ILE C 381 14.92 -15.42 -15.37
CA ILE C 381 16.31 -14.95 -15.36
C ILE C 381 17.09 -15.62 -16.47
N ALA C 382 16.90 -16.93 -16.61
CA ALA C 382 17.60 -17.71 -17.63
C ALA C 382 17.09 -17.42 -19.03
N SER C 383 15.93 -16.78 -19.11
CA SER C 383 15.34 -16.47 -20.40
C SER C 383 15.77 -15.09 -20.94
N ASN C 384 16.67 -14.44 -20.22
CA ASN C 384 17.14 -13.12 -20.65
C ASN C 384 18.58 -12.88 -20.23
N ASP C 385 19.52 -13.22 -21.10
CA ASP C 385 20.94 -13.02 -20.82
C ASP C 385 21.35 -11.59 -21.14
N ILE C 386 20.37 -10.75 -21.45
CA ILE C 386 20.62 -9.34 -21.75
C ILE C 386 20.58 -8.56 -20.44
N LEU C 387 19.63 -8.89 -19.59
CA LEU C 387 19.46 -8.24 -18.30
C LEU C 387 20.23 -8.99 -17.22
N TYR C 388 20.28 -10.32 -17.34
CA TYR C 388 20.97 -11.14 -16.37
C TYR C 388 22.15 -11.90 -16.96
N ASN C 389 23.36 -11.49 -16.58
CA ASN C 389 24.58 -12.12 -17.07
C ASN C 389 25.74 -11.84 -16.12
N ASP C 390 26.83 -12.58 -16.29
CA ASP C 390 28.01 -12.43 -15.45
C ASP C 390 28.64 -11.04 -15.52
N LYS C 391 28.11 -10.19 -16.39
CA LYS C 391 28.65 -8.85 -16.56
C LYS C 391 27.84 -7.77 -15.84
N LEU C 392 26.52 -7.95 -15.78
CA LEU C 392 25.64 -6.98 -15.13
C LEU C 392 25.00 -7.53 -13.87
N GLY C 393 24.92 -8.86 -13.78
CA GLY C 393 24.32 -9.50 -12.62
C GLY C 393 23.38 -10.60 -13.05
N LYS C 394 23.51 -11.77 -12.43
CA LYS C 394 22.68 -12.92 -12.77
C LYS C 394 21.77 -13.33 -11.62
N LYS C 395 21.79 -12.57 -10.54
CA LYS C 395 20.97 -12.89 -9.37
C LYS C 395 19.76 -11.98 -9.19
N VAL C 396 18.81 -12.45 -8.37
CA VAL C 396 17.58 -11.73 -8.06
C VAL C 396 17.11 -12.15 -6.68
N ASP C 397 17.33 -11.28 -5.69
CA ASP C 397 16.92 -11.58 -4.33
C ASP C 397 15.42 -11.80 -4.19
N HIS C 398 15.04 -13.01 -3.81
CA HIS C 398 13.65 -13.38 -3.62
C HIS C 398 13.50 -14.04 -2.26
N CYS C 399 12.31 -13.95 -1.69
CA CYS C 399 12.03 -14.55 -0.40
C CYS C 399 10.54 -14.51 -0.09
N ILE C 400 10.00 -15.64 0.33
CA ILE C 400 8.58 -15.74 0.66
C ILE C 400 8.41 -16.03 2.15
N VAL C 401 7.68 -15.17 2.84
CA VAL C 401 7.46 -15.34 4.27
C VAL C 401 5.97 -15.53 4.55
N ILE C 402 5.66 -16.58 5.32
CA ILE C 402 4.27 -16.87 5.66
C ILE C 402 4.11 -16.95 7.18
N LYS C 403 3.19 -16.14 7.71
CA LYS C 403 2.94 -16.11 9.14
C LYS C 403 1.50 -16.49 9.48
N TYR C 404 1.30 -16.99 10.69
CA TYR C 404 -0.02 -17.39 11.14
C TYR C 404 -0.63 -16.31 12.02
N MSE C 405 -1.80 -15.82 11.61
CA MSE C 405 -2.50 -14.79 12.39
C MSE C 405 -3.97 -15.19 12.51
O MSE C 405 -4.82 -14.79 11.69
CB MSE C 405 -2.38 -13.43 11.69
CG MSE C 405 -1.85 -12.27 12.54
SE MSE C 405 0.01 -12.47 13.02
CE MSE C 405 0.74 -11.07 11.92
N LYS C 406 -4.28 -15.97 13.54
CA LYS C 406 -5.63 -16.44 13.77
C LYS C 406 -6.72 -15.38 13.64
N PRO C 407 -6.52 -14.18 14.20
CA PRO C 407 -7.52 -13.11 14.10
C PRO C 407 -7.66 -12.53 12.69
N VAL C 408 -7.75 -13.41 11.71
CA VAL C 408 -7.90 -12.99 10.31
C VAL C 408 -8.86 -13.93 9.60
N GLY C 409 -9.22 -15.03 10.26
CA GLY C 409 -10.14 -16.00 9.67
C GLY C 409 -9.60 -16.58 8.38
N ASP C 410 -10.50 -16.88 7.45
CA ASP C 410 -10.11 -17.45 6.16
C ASP C 410 -9.39 -16.40 5.32
N SER C 411 -9.62 -15.13 5.66
CA SER C 411 -9.00 -14.02 4.94
C SER C 411 -7.48 -14.13 4.96
N LYS C 412 -6.87 -13.83 3.82
CA LYS C 412 -5.42 -13.89 3.68
C LYS C 412 -4.87 -12.56 3.18
N VAL C 413 -3.85 -12.04 3.84
CA VAL C 413 -3.25 -10.78 3.47
C VAL C 413 -1.89 -11.02 2.83
N ALA C 414 -1.80 -10.77 1.52
CA ALA C 414 -0.56 -10.96 0.78
C ALA C 414 0.05 -9.62 0.40
N MSE C 415 1.37 -9.54 0.49
CA MSE C 415 2.09 -8.31 0.17
C MSE C 415 3.38 -8.60 -0.59
O MSE C 415 4.27 -9.28 -0.08
CB MSE C 415 2.41 -7.53 1.45
CG MSE C 415 1.18 -7.09 2.22
SE MSE C 415 1.60 -6.57 4.03
CE MSE C 415 1.28 -8.27 4.89
N ASP C 416 3.48 -8.07 -1.81
CA ASP C 416 4.67 -8.26 -2.61
C ASP C 416 5.38 -6.94 -2.84
N GLU C 417 6.69 -6.99 -2.97
CA GLU C 417 7.49 -5.78 -3.16
C GLU C 417 8.52 -6.00 -4.25
N TYR C 418 8.27 -5.44 -5.43
CA TYR C 418 9.20 -5.58 -6.55
C TYR C 418 10.07 -4.33 -6.70
N TYR C 419 11.38 -4.52 -6.64
CA TYR C 419 12.32 -3.42 -6.80
C TYR C 419 13.10 -3.65 -8.09
N SER C 420 12.64 -3.04 -9.17
CA SER C 420 13.28 -3.19 -10.47
C SER C 420 14.38 -2.16 -10.71
N GLU C 421 15.13 -2.37 -11.79
CA GLU C 421 16.24 -1.51 -12.16
C GLU C 421 15.92 -0.84 -13.49
N LEU C 422 16.01 0.49 -13.53
CA LEU C 422 15.74 1.24 -14.75
C LEU C 422 17.03 1.73 -15.38
N MSE C 423 16.92 2.45 -16.50
CA MSE C 423 18.11 2.96 -17.18
C MSE C 423 18.73 4.17 -16.50
O MSE C 423 18.08 4.91 -15.76
CB MSE C 423 17.77 3.33 -18.63
CG MSE C 423 16.72 4.41 -18.77
SE MSE C 423 16.85 5.37 -20.45
CE MSE C 423 16.24 3.97 -21.64
N LEU C 424 20.02 4.37 -16.77
CA LEU C 424 20.77 5.49 -16.23
C LEU C 424 20.65 5.64 -14.72
N GLY C 425 20.85 4.54 -14.00
CA GLY C 425 20.77 4.58 -12.54
C GLY C 425 19.36 4.70 -11.99
N GLY C 426 18.37 4.50 -12.85
CA GLY C 426 16.99 4.60 -12.41
C GLY C 426 16.54 3.39 -11.62
N HIS C 427 15.45 3.54 -10.89
CA HIS C 427 14.89 2.46 -10.07
C HIS C 427 13.38 2.56 -9.99
N ASN C 428 12.72 1.40 -9.95
CA ASN C 428 11.27 1.34 -9.87
C ASN C 428 10.81 0.44 -8.73
N ARG C 429 9.87 0.94 -7.93
CA ARG C 429 9.35 0.17 -6.80
C ARG C 429 7.83 -0.02 -6.91
N ILE C 430 7.42 -1.29 -6.98
CA ILE C 430 6.01 -1.63 -7.09
C ILE C 430 5.59 -2.41 -5.84
N SER C 431 4.57 -1.91 -5.16
CA SER C 431 4.07 -2.55 -3.94
C SER C 431 2.67 -3.12 -4.16
N ILE C 432 2.54 -4.43 -4.04
CA ILE C 432 1.26 -5.10 -4.22
C ILE C 432 0.66 -5.44 -2.87
N HIS C 433 -0.67 -5.40 -2.77
CA HIS C 433 -1.37 -5.71 -1.54
C HIS C 433 -2.66 -6.45 -1.87
N ASN C 434 -2.62 -7.78 -1.80
CA ASN C 434 -3.78 -8.60 -2.11
C ASN C 434 -4.50 -9.05 -0.85
N VAL C 435 -5.83 -8.97 -0.87
CA VAL C 435 -6.65 -9.37 0.27
C VAL C 435 -7.92 -10.07 -0.21
N CYS C 436 -8.23 -11.21 0.39
CA CYS C 436 -9.41 -11.97 0.02
C CYS C 436 -9.51 -13.26 0.84
N GLU C 437 -10.64 -13.94 0.72
CA GLU C 437 -10.84 -15.21 1.42
C GLU C 437 -10.08 -16.28 0.66
N ASP C 438 -8.93 -16.66 1.19
CA ASP C 438 -8.05 -17.65 0.60
C ASP C 438 -8.76 -18.87 0.00
N SER C 439 -9.78 -19.38 0.69
CA SER C 439 -10.50 -20.54 0.23
C SER C 439 -11.48 -20.28 -0.92
N LEU C 440 -11.85 -19.02 -1.13
CA LEU C 440 -12.78 -18.70 -2.21
C LEU C 440 -12.10 -18.57 -3.57
N LEU C 441 -10.77 -18.62 -3.56
CA LEU C 441 -10.00 -18.55 -4.79
C LEU C 441 -9.50 -19.94 -5.12
N ALA C 442 -9.19 -20.71 -4.06
CA ALA C 442 -8.69 -22.06 -4.22
C ALA C 442 -9.82 -23.01 -4.68
N THR C 443 -10.96 -22.96 -3.99
CA THR C 443 -12.08 -23.81 -4.32
C THR C 443 -12.39 -23.76 -5.82
N PRO C 444 -12.44 -22.54 -6.38
CA PRO C 444 -12.74 -22.38 -7.81
C PRO C 444 -11.70 -23.07 -8.68
N LEU C 445 -10.46 -23.05 -8.21
CA LEU C 445 -9.36 -23.68 -8.94
C LEU C 445 -9.44 -25.20 -8.90
N ILE C 446 -9.84 -25.75 -7.75
CA ILE C 446 -9.97 -27.20 -7.64
C ILE C 446 -11.00 -27.69 -8.65
N ILE C 447 -12.05 -26.90 -8.85
CA ILE C 447 -13.10 -27.24 -9.79
C ILE C 447 -12.53 -27.33 -11.21
N ASP C 448 -11.64 -26.42 -11.56
CA ASP C 448 -11.04 -26.43 -12.89
C ASP C 448 -10.26 -27.73 -13.07
N LEU C 449 -9.37 -28.02 -12.12
CA LEU C 449 -8.57 -29.24 -12.15
C LEU C 449 -9.45 -30.44 -12.44
N LEU C 450 -10.54 -30.57 -11.69
CA LEU C 450 -11.47 -31.67 -11.84
C LEU C 450 -12.10 -31.68 -13.23
N VAL C 451 -12.56 -30.50 -13.66
CA VAL C 451 -13.20 -30.37 -14.97
C VAL C 451 -12.24 -30.71 -16.11
N MSE C 452 -11.02 -30.20 -16.03
CA MSE C 452 -10.02 -30.46 -17.06
C MSE C 452 -9.49 -31.89 -17.02
O MSE C 452 -9.36 -32.53 -18.06
CB MSE C 452 -8.85 -29.48 -16.94
CG MSE C 452 -9.14 -28.08 -17.48
SE MSE C 452 -9.68 -28.16 -19.34
CE MSE C 452 -8.05 -28.88 -20.09
N THR C 453 -9.19 -32.37 -15.81
CA THR C 453 -8.67 -33.72 -15.65
C THR C 453 -9.57 -34.74 -16.32
N GLU C 454 -10.88 -34.60 -16.12
CA GLU C 454 -11.85 -35.52 -16.71
C GLU C 454 -11.91 -35.32 -18.22
N PHE C 455 -11.67 -34.10 -18.68
CA PHE C 455 -11.70 -33.78 -20.10
C PHE C 455 -10.57 -34.52 -20.82
N CYS C 456 -9.36 -34.43 -20.27
CA CYS C 456 -8.19 -35.09 -20.85
C CYS C 456 -8.41 -36.60 -20.87
N THR C 457 -9.23 -37.08 -19.95
CA THR C 457 -9.56 -38.50 -19.86
C THR C 457 -10.22 -38.99 -21.15
N ARG C 458 -10.92 -38.09 -21.83
CA ARG C 458 -11.60 -38.45 -23.08
C ARG C 458 -10.81 -37.97 -24.29
N VAL C 459 -9.50 -37.82 -24.12
CA VAL C 459 -8.64 -37.36 -25.21
C VAL C 459 -7.58 -38.39 -25.57
N SER C 460 -7.64 -38.87 -26.81
CA SER C 460 -6.67 -39.86 -27.29
C SER C 460 -6.08 -39.33 -28.59
N TYR C 461 -4.79 -39.56 -28.80
CA TYR C 461 -4.11 -39.09 -30.00
C TYR C 461 -3.33 -40.17 -30.73
N LYS C 462 -3.03 -39.91 -32.00
CA LYS C 462 -2.29 -40.84 -32.84
C LYS C 462 -1.32 -40.10 -33.75
N LYS C 463 -0.04 -40.41 -33.62
CA LYS C 463 0.98 -39.76 -34.45
C LYS C 463 0.84 -40.26 -35.89
N VAL C 464 0.90 -39.35 -36.84
CA VAL C 464 0.75 -39.71 -38.25
C VAL C 464 2.08 -39.96 -38.96
N ASP C 465 2.20 -41.16 -39.53
CA ASP C 465 3.39 -41.55 -40.26
C ASP C 465 3.11 -41.25 -41.73
N PRO C 466 3.87 -40.31 -42.32
CA PRO C 466 3.69 -39.92 -43.73
C PRO C 466 3.90 -41.05 -44.74
N VAL C 467 4.74 -42.02 -44.38
CA VAL C 467 5.03 -43.13 -45.28
C VAL C 467 4.13 -44.35 -45.09
N LYS C 468 3.48 -44.44 -43.94
CA LYS C 468 2.58 -45.56 -43.67
C LYS C 468 1.20 -45.11 -43.22
N GLU C 469 0.19 -45.52 -43.96
CA GLU C 469 -1.20 -45.17 -43.67
C GLU C 469 -1.74 -45.89 -42.44
N ASP C 470 -2.54 -45.18 -41.65
CA ASP C 470 -3.15 -45.73 -40.44
C ASP C 470 -2.11 -46.47 -39.59
N ALA C 471 -0.90 -45.95 -39.56
CA ALA C 471 0.18 -46.56 -38.79
C ALA C 471 0.11 -46.17 -37.32
N GLY C 472 -0.06 -47.15 -36.45
CA GLY C 472 -0.13 -46.89 -35.03
C GLY C 472 -1.54 -46.78 -34.50
N LYS C 473 -1.69 -46.99 -33.19
CA LYS C 473 -2.99 -46.92 -32.53
C LYS C 473 -3.06 -45.62 -31.72
N PHE C 474 -4.27 -45.27 -31.29
CA PHE C 474 -4.46 -44.05 -30.49
C PHE C 474 -4.01 -44.29 -29.05
N GLU C 475 -3.17 -43.39 -28.55
CA GLU C 475 -2.66 -43.48 -27.20
C GLU C 475 -3.15 -42.30 -26.36
N ASN C 476 -3.38 -42.56 -25.06
CA ASN C 476 -3.84 -41.51 -24.16
C ASN C 476 -2.65 -40.66 -23.73
N PHE C 477 -2.94 -39.50 -23.14
CA PHE C 477 -1.89 -38.60 -22.67
C PHE C 477 -0.94 -39.34 -21.74
N TYR C 478 0.28 -38.85 -21.65
CA TYR C 478 1.27 -39.44 -20.75
C TYR C 478 0.67 -39.33 -19.35
N PRO C 479 0.66 -40.43 -18.58
CA PRO C 479 0.10 -40.46 -17.23
C PRO C 479 0.13 -39.13 -16.48
N VAL C 480 1.21 -38.38 -16.63
CA VAL C 480 1.35 -37.08 -15.97
C VAL C 480 0.75 -35.97 -16.83
N LEU C 481 -0.39 -35.43 -16.40
CA LEU C 481 -1.05 -34.36 -17.13
C LEU C 481 -0.42 -33.01 -16.81
N THR C 482 0.19 -32.39 -17.81
CA THR C 482 0.83 -31.09 -17.63
C THR C 482 -0.08 -29.93 -18.01
N PHE C 483 -1.09 -30.21 -18.84
CA PHE C 483 -2.04 -29.19 -19.27
C PHE C 483 -2.74 -28.56 -18.06
N LEU C 484 -2.48 -29.12 -16.88
CA LEU C 484 -3.08 -28.63 -15.64
C LEU C 484 -2.11 -27.77 -14.85
N SER C 485 -0.87 -27.66 -15.33
CA SER C 485 0.16 -26.87 -14.66
C SER C 485 -0.31 -25.46 -14.31
N TYR C 486 -1.31 -24.97 -15.04
CA TYR C 486 -1.86 -23.64 -14.81
C TYR C 486 -2.39 -23.51 -13.39
N TRP C 487 -2.76 -24.65 -12.80
CA TRP C 487 -3.31 -24.68 -11.45
C TRP C 487 -2.38 -25.32 -10.43
N LEU C 488 -1.21 -25.76 -10.88
CA LEU C 488 -0.25 -26.40 -9.98
C LEU C 488 1.04 -25.59 -9.88
N LYS C 489 1.46 -25.30 -8.65
CA LYS C 489 2.68 -24.52 -8.44
C LYS C 489 3.94 -25.33 -8.70
N ALA C 490 3.93 -26.60 -8.32
CA ALA C 490 5.08 -27.47 -8.53
C ALA C 490 4.68 -28.61 -9.47
N PRO C 491 4.33 -28.29 -10.72
CA PRO C 491 3.93 -29.29 -11.70
C PRO C 491 5.01 -30.32 -12.01
N LEU C 492 4.80 -31.55 -11.57
CA LEU C 492 5.76 -32.60 -11.83
C LEU C 492 5.81 -32.87 -13.33
N THR C 493 7.03 -32.97 -13.87
CA THR C 493 7.21 -33.23 -15.29
C THR C 493 7.94 -34.54 -15.50
N ARG C 494 7.71 -35.16 -16.65
CA ARG C 494 8.35 -36.43 -16.98
C ARG C 494 9.86 -36.29 -16.85
N PRO C 495 10.55 -37.38 -16.49
CA PRO C 495 12.01 -37.36 -16.33
C PRO C 495 12.74 -36.81 -17.54
N GLY C 496 13.41 -35.68 -17.35
CA GLY C 496 14.16 -35.07 -18.45
C GLY C 496 13.73 -33.65 -18.72
N PHE C 497 12.47 -33.48 -19.13
CA PHE C 497 11.93 -32.15 -19.43
C PHE C 497 11.94 -31.20 -18.24
N HIS C 498 11.77 -29.92 -18.53
CA HIS C 498 11.72 -28.88 -17.51
C HIS C 498 10.30 -28.35 -17.40
N PRO C 499 9.82 -28.13 -16.16
CA PRO C 499 8.47 -27.62 -15.92
C PRO C 499 8.31 -26.15 -16.28
N VAL C 500 7.22 -25.84 -16.97
CA VAL C 500 6.93 -24.46 -17.36
C VAL C 500 6.18 -23.80 -16.21
N ASN C 501 6.47 -22.53 -15.96
CA ASN C 501 5.81 -21.82 -14.88
C ASN C 501 5.16 -20.51 -15.32
N GLY C 502 5.33 -20.16 -16.59
CA GLY C 502 4.73 -18.94 -17.10
C GLY C 502 3.23 -19.09 -17.21
N LEU C 503 2.51 -18.47 -16.28
CA LEU C 503 1.05 -18.54 -16.25
C LEU C 503 0.43 -18.30 -17.62
N ASN C 504 0.62 -17.10 -18.16
CA ASN C 504 0.08 -16.75 -19.47
C ASN C 504 0.31 -17.82 -20.53
N LYS C 505 1.52 -18.36 -20.58
CA LYS C 505 1.83 -19.39 -21.56
C LYS C 505 1.00 -20.65 -21.32
N GLN C 506 0.81 -20.98 -20.05
CA GLN C 506 0.03 -22.16 -19.67
C GLN C 506 -1.42 -21.96 -20.11
N ARG C 507 -1.86 -20.71 -20.08
CA ARG C 507 -3.22 -20.35 -20.46
C ARG C 507 -3.38 -20.55 -21.97
N THR C 508 -2.43 -20.06 -22.74
CA THR C 508 -2.45 -20.19 -24.20
C THR C 508 -2.34 -21.65 -24.64
N ALA C 509 -1.60 -22.45 -23.87
CA ALA C 509 -1.43 -23.86 -24.20
C ALA C 509 -2.81 -24.51 -24.19
N LEU C 510 -3.62 -24.14 -23.21
CA LEU C 510 -4.97 -24.66 -23.09
C LEU C 510 -5.84 -24.09 -24.20
N GLU C 511 -5.69 -22.81 -24.48
CA GLU C 511 -6.47 -22.17 -25.53
C GLU C 511 -6.26 -22.90 -26.86
N ASN C 512 -5.00 -22.99 -27.27
CA ASN C 512 -4.66 -23.65 -28.52
C ASN C 512 -5.11 -25.10 -28.58
N PHE C 513 -4.87 -25.85 -27.51
CA PHE C 513 -5.27 -27.26 -27.49
C PHE C 513 -6.76 -27.41 -27.78
N LEU C 514 -7.58 -26.63 -27.10
CA LEU C 514 -9.02 -26.69 -27.31
C LEU C 514 -9.39 -26.26 -28.73
N ARG C 515 -8.70 -25.24 -29.24
CA ARG C 515 -8.96 -24.74 -30.58
C ARG C 515 -8.58 -25.76 -31.65
N LEU C 516 -7.37 -26.32 -31.55
CA LEU C 516 -6.92 -27.29 -32.53
C LEU C 516 -7.87 -28.48 -32.60
N LEU C 517 -8.45 -28.84 -31.45
CA LEU C 517 -9.38 -29.95 -31.38
C LEU C 517 -10.61 -29.71 -32.24
N ILE C 518 -10.98 -28.45 -32.41
CA ILE C 518 -12.14 -28.12 -33.23
C ILE C 518 -11.72 -27.61 -34.61
N GLY C 519 -10.46 -27.81 -34.95
CA GLY C 519 -9.95 -27.39 -36.25
C GLY C 519 -9.61 -25.92 -36.41
N LEU C 520 -9.24 -25.24 -35.33
CA LEU C 520 -8.89 -23.83 -35.43
C LEU C 520 -7.40 -23.60 -35.23
N PRO C 521 -6.78 -22.75 -36.06
CA PRO C 521 -5.36 -22.43 -36.00
C PRO C 521 -4.92 -21.84 -34.66
N SER C 522 -3.62 -21.72 -34.47
CA SER C 522 -3.07 -21.17 -33.24
C SER C 522 -3.47 -19.70 -33.18
N GLN C 523 -3.33 -19.10 -31.99
CA GLN C 523 -3.67 -17.70 -31.81
C GLN C 523 -2.52 -16.76 -32.19
N ASN C 524 -2.72 -15.99 -33.24
CA ASN C 524 -1.72 -15.03 -33.69
C ASN C 524 -2.41 -13.68 -33.82
N GLU C 525 -2.21 -12.82 -32.83
CA GLU C 525 -2.84 -11.51 -32.82
C GLU C 525 -2.62 -10.67 -34.08
N LEU C 526 -1.88 -11.22 -35.03
CA LEU C 526 -1.64 -10.52 -36.29
C LEU C 526 -2.98 -10.22 -36.94
N ARG C 527 -3.32 -8.94 -37.03
CA ARG C 527 -4.59 -8.54 -37.64
C ARG C 527 -4.37 -7.95 -39.02
N PHE C 528 -3.95 -8.80 -39.95
CA PHE C 528 -3.70 -8.38 -41.33
C PHE C 528 -4.95 -7.85 -42.02
N GLU C 529 -6.11 -8.13 -41.43
CA GLU C 529 -7.38 -7.66 -41.99
C GLU C 529 -7.56 -6.20 -41.61
N GLU C 530 -6.59 -5.68 -40.88
CA GLU C 530 -6.61 -4.29 -40.43
C GLU C 530 -5.25 -3.65 -40.69
N ARG C 531 -4.19 -4.37 -40.34
CA ARG C 531 -2.82 -3.88 -40.52
C ARG C 531 -2.39 -3.85 -41.99
N LEU C 532 -2.91 -4.77 -42.78
CA LEU C 532 -2.57 -4.84 -44.20
C LEU C 532 -3.67 -4.29 -45.11
N LEU C 533 -3.60 -4.67 -46.38
CA LEU C 533 -4.56 -4.22 -47.39
C LEU C 533 -4.57 -2.70 -47.47
N THR D 10 25.34 -11.78 -32.97
CA THR D 10 24.08 -12.48 -32.61
C THR D 10 23.00 -12.24 -33.65
N SER D 11 22.67 -13.30 -34.41
CA SER D 11 21.66 -13.22 -35.45
C SER D 11 20.90 -14.53 -35.52
N VAL D 12 19.77 -14.54 -36.24
CA VAL D 12 18.96 -15.74 -36.36
C VAL D 12 18.85 -16.22 -37.81
N LYS D 13 19.17 -17.49 -38.03
CA LYS D 13 19.10 -18.08 -39.35
C LYS D 13 18.19 -19.31 -39.33
N VAL D 14 16.99 -19.16 -39.88
CA VAL D 14 16.03 -20.26 -39.94
C VAL D 14 16.20 -21.05 -41.23
N VAL D 15 15.92 -22.35 -41.14
CA VAL D 15 16.04 -23.24 -42.29
C VAL D 15 14.67 -23.56 -42.87
N THR D 16 14.19 -22.71 -43.77
CA THR D 16 12.90 -22.90 -44.39
C THR D 16 12.89 -22.40 -45.83
N ASP D 17 12.06 -23.02 -46.66
CA ASP D 17 11.94 -22.65 -48.07
C ASP D 17 11.13 -21.37 -48.23
N LYS D 18 10.43 -20.98 -47.17
CA LYS D 18 9.60 -19.79 -47.18
C LYS D 18 10.41 -18.50 -47.31
N CYS D 19 11.74 -18.61 -47.27
CA CYS D 19 12.59 -17.44 -47.37
C CYS D 19 13.54 -17.44 -48.55
N THR D 20 13.65 -16.29 -49.21
CA THR D 20 14.53 -16.10 -50.36
C THR D 20 15.14 -14.71 -50.31
N TYR D 21 16.35 -14.58 -50.83
CA TYR D 21 17.05 -13.29 -50.84
C TYR D 21 17.28 -12.79 -52.26
N LYS D 22 16.71 -11.63 -52.57
CA LYS D 22 16.86 -11.04 -53.91
C LYS D 22 17.15 -9.55 -53.80
N ASP D 23 18.28 -9.11 -54.35
CA ASP D 23 18.67 -7.71 -54.31
C ASP D 23 18.73 -7.17 -52.89
N ASN D 24 19.53 -7.84 -52.05
CA ASN D 24 19.69 -7.45 -50.66
C ASN D 24 18.34 -7.26 -49.96
N GLU D 25 17.38 -8.10 -50.31
CA GLU D 25 16.05 -8.05 -49.71
C GLU D 25 15.61 -9.44 -49.28
N LEU D 26 14.65 -9.50 -48.36
CA LEU D 26 14.15 -10.76 -47.88
C LEU D 26 12.69 -10.97 -48.27
N LEU D 27 12.44 -12.03 -49.04
CA LEU D 27 11.09 -12.36 -49.48
C LEU D 27 10.62 -13.60 -48.73
N THR D 28 9.50 -13.47 -48.01
CA THR D 28 8.98 -14.59 -47.24
C THR D 28 7.50 -14.85 -47.50
N LYS D 29 7.16 -16.11 -47.74
CA LYS D 29 5.77 -16.49 -47.96
C LYS D 29 5.13 -16.75 -46.61
N TYR D 30 3.83 -16.49 -46.50
CA TYR D 30 3.11 -16.71 -45.26
C TYR D 30 1.62 -16.86 -45.50
N SER D 31 1.02 -17.87 -44.89
CA SER D 31 -0.42 -18.09 -45.03
C SER D 31 -1.12 -17.58 -43.78
N TYR D 32 -1.96 -16.56 -43.96
CA TYR D 32 -2.68 -15.96 -42.85
C TYR D 32 -4.01 -16.65 -42.57
N GLU D 33 -4.10 -17.27 -41.40
CA GLU D 33 -5.31 -17.98 -40.99
C GLU D 33 -6.11 -17.15 -39.99
N ASN D 34 -7.43 -17.32 -40.02
CA ASN D 34 -8.31 -16.60 -39.11
C ASN D 34 -9.69 -17.25 -39.18
N ALA D 35 -10.74 -16.48 -38.87
CA ALA D 35 -12.09 -17.01 -38.91
C ALA D 35 -13.15 -15.97 -38.58
N VAL D 36 -14.23 -15.98 -39.36
CA VAL D 36 -15.34 -15.06 -39.15
C VAL D 36 -16.38 -15.78 -38.30
N VAL D 37 -16.98 -15.08 -37.34
CA VAL D 37 -17.96 -15.69 -36.46
C VAL D 37 -19.31 -14.99 -36.47
N THR D 38 -20.37 -15.77 -36.21
CA THR D 38 -21.74 -15.27 -36.17
C THR D 38 -22.52 -16.05 -35.12
N LYS D 39 -23.44 -15.39 -34.43
CA LYS D 39 -24.24 -16.05 -33.41
C LYS D 39 -25.63 -16.43 -33.91
N THR D 40 -26.07 -17.63 -33.57
CA THR D 40 -27.39 -18.11 -33.98
C THR D 40 -28.32 -17.98 -32.78
N ALA D 41 -29.61 -18.26 -32.99
CA ALA D 41 -30.60 -18.16 -31.93
C ALA D 41 -30.11 -18.74 -30.60
N SER D 42 -29.76 -20.02 -30.60
CA SER D 42 -29.29 -20.69 -29.40
C SER D 42 -27.85 -20.32 -29.07
N GLY D 43 -27.49 -19.06 -29.27
CA GLY D 43 -26.14 -18.61 -28.98
C GLY D 43 -25.09 -19.56 -29.52
N ARG D 44 -25.37 -20.13 -30.69
CA ARG D 44 -24.47 -21.06 -31.35
C ARG D 44 -23.46 -20.34 -32.23
N PHE D 45 -22.18 -20.37 -31.83
CA PHE D 45 -21.14 -19.72 -32.61
C PHE D 45 -20.79 -20.50 -33.88
N ASP D 46 -21.00 -19.87 -35.02
CA ASP D 46 -20.69 -20.48 -36.31
C ASP D 46 -19.37 -19.95 -36.82
N VAL D 47 -18.30 -20.72 -36.61
CA VAL D 47 -16.98 -20.31 -37.05
C VAL D 47 -16.69 -20.78 -38.47
N THR D 48 -16.13 -19.88 -39.28
CA THR D 48 -15.80 -20.20 -40.66
C THR D 48 -14.36 -19.76 -40.94
N PRO D 49 -13.41 -20.70 -40.84
CA PRO D 49 -11.98 -20.46 -41.06
C PRO D 49 -11.68 -19.54 -42.24
N THR D 50 -10.48 -18.94 -42.22
CA THR D 50 -10.04 -18.04 -43.27
C THR D 50 -8.58 -18.29 -43.64
N VAL D 51 -8.27 -18.15 -44.92
CA VAL D 51 -6.91 -18.35 -45.41
C VAL D 51 -6.55 -17.27 -46.42
N GLN D 52 -5.29 -16.83 -46.39
CA GLN D 52 -4.82 -15.79 -47.29
C GLN D 52 -3.30 -15.79 -47.33
N ASP D 53 -2.73 -16.13 -48.49
CA ASP D 53 -1.28 -16.16 -48.64
C ASP D 53 -0.72 -14.77 -48.93
N TYR D 54 0.47 -14.51 -48.38
CA TYR D 54 1.16 -13.25 -48.58
C TYR D 54 2.63 -13.46 -48.89
N VAL D 55 3.30 -12.38 -49.24
CA VAL D 55 4.72 -12.39 -49.55
C VAL D 55 5.28 -11.08 -49.03
N PHE D 56 6.09 -11.16 -47.99
CA PHE D 56 6.67 -9.97 -47.39
C PHE D 56 8.11 -9.67 -47.83
N LYS D 57 8.32 -8.46 -48.34
CA LYS D 57 9.63 -8.02 -48.77
C LYS D 57 10.20 -7.16 -47.65
N LEU D 58 11.40 -7.51 -47.19
CA LEU D 58 12.03 -6.75 -46.11
C LEU D 58 13.37 -6.16 -46.55
N ASP D 59 13.37 -4.85 -46.82
CA ASP D 59 14.59 -4.17 -47.22
C ASP D 59 15.60 -4.35 -46.08
N LEU D 60 16.47 -5.34 -46.23
CA LEU D 60 17.47 -5.64 -45.22
C LEU D 60 18.51 -4.55 -45.04
N LYS D 61 18.44 -3.50 -45.85
CA LYS D 61 19.40 -2.40 -45.75
C LYS D 61 18.89 -1.31 -44.81
N LYS D 62 19.25 -1.43 -43.53
CA LYS D 62 18.84 -0.44 -42.54
C LYS D 62 19.75 0.78 -42.64
N PRO D 63 19.21 1.96 -42.34
CA PRO D 63 19.99 3.21 -42.39
C PRO D 63 21.15 3.23 -41.41
N GLU D 64 22.33 3.65 -41.87
CA GLU D 64 23.49 3.73 -41.02
C GLU D 64 23.19 4.70 -39.88
N LYS D 65 22.31 5.65 -40.18
CA LYS D 65 21.89 6.65 -39.21
C LYS D 65 20.41 6.97 -39.41
N LEU D 66 19.65 7.00 -38.32
CA LEU D 66 18.23 7.30 -38.39
C LEU D 66 17.99 8.68 -37.78
N GLY D 67 17.23 9.51 -38.48
CA GLY D 67 16.94 10.85 -38.00
C GLY D 67 15.70 10.93 -37.15
N ILE D 68 15.84 11.42 -35.93
CA ILE D 68 14.72 11.55 -35.01
C ILE D 68 14.50 13.03 -34.64
N MSE D 69 13.32 13.54 -34.95
CA MSE D 69 12.98 14.91 -34.63
C MSE D 69 11.82 14.94 -33.65
O MSE D 69 10.69 14.58 -33.99
CB MSE D 69 12.60 15.69 -35.89
CG MSE D 69 13.74 15.85 -36.88
SE MSE D 69 13.36 17.19 -38.21
CE MSE D 69 12.17 16.16 -39.33
N LEU D 70 12.11 15.35 -32.42
CA LEU D 70 11.10 15.39 -31.37
C LEU D 70 10.51 16.78 -31.17
N ILE D 71 9.19 16.83 -31.00
CA ILE D 71 8.49 18.08 -30.76
C ILE D 71 8.34 18.20 -29.25
N GLY D 72 9.16 19.07 -28.65
CA GLY D 72 9.14 19.24 -27.22
C GLY D 72 10.47 18.69 -26.72
N LEU D 73 11.46 18.77 -27.60
CA LEU D 73 12.81 18.30 -27.36
C LEU D 73 13.37 18.73 -26.01
N GLY D 74 13.03 19.94 -25.57
CA GLY D 74 13.54 20.43 -24.30
C GLY D 74 12.82 19.95 -23.06
N GLY D 75 11.91 19.00 -23.23
CA GLY D 75 11.16 18.48 -22.10
C GLY D 75 11.88 17.36 -21.39
N ASN D 76 11.19 16.68 -20.47
CA ASN D 76 11.79 15.57 -19.73
C ASN D 76 12.20 14.44 -20.66
N ASN D 77 11.24 13.95 -21.46
CA ASN D 77 11.53 12.86 -22.38
C ASN D 77 12.53 13.28 -23.45
N GLY D 78 12.29 14.44 -24.05
CA GLY D 78 13.20 14.92 -25.08
C GLY D 78 14.65 14.94 -24.65
N SER D 79 14.94 15.66 -23.57
CA SER D 79 16.30 15.74 -23.05
C SER D 79 16.81 14.37 -22.62
N THR D 80 15.99 13.64 -21.87
CA THR D 80 16.38 12.32 -21.40
C THR D 80 16.75 11.38 -22.56
N LEU D 81 15.95 11.42 -23.62
CA LEU D 81 16.20 10.58 -24.79
C LEU D 81 17.60 10.83 -25.33
N VAL D 82 17.87 12.09 -25.66
CA VAL D 82 19.17 12.48 -26.19
C VAL D 82 20.29 12.01 -25.27
N ALA D 83 20.09 12.20 -23.97
CA ALA D 83 21.08 11.80 -22.98
C ALA D 83 21.35 10.29 -23.05
N SER D 84 20.28 9.50 -23.06
CA SER D 84 20.41 8.05 -23.12
C SER D 84 21.19 7.63 -24.37
N VAL D 85 20.91 8.31 -25.48
CA VAL D 85 21.58 8.02 -26.74
C VAL D 85 23.07 8.31 -26.64
N LEU D 86 23.42 9.47 -26.13
CA LEU D 86 24.82 9.87 -26.00
C LEU D 86 25.57 9.03 -24.97
N ALA D 87 24.94 8.79 -23.82
CA ALA D 87 25.54 8.00 -22.76
C ALA D 87 25.88 6.59 -23.22
N ASN D 88 24.95 5.96 -23.94
CA ASN D 88 25.15 4.61 -24.44
C ASN D 88 26.14 4.56 -25.59
N LYS D 89 25.93 5.43 -26.58
CA LYS D 89 26.78 5.49 -27.76
C LYS D 89 28.25 5.69 -27.43
N HIS D 90 28.54 6.54 -26.44
CA HIS D 90 29.92 6.81 -26.06
C HIS D 90 30.33 6.15 -24.75
N ASN D 91 29.59 5.12 -24.35
CA ASN D 91 29.88 4.40 -23.11
C ASN D 91 30.21 5.36 -21.96
N VAL D 92 29.33 6.32 -21.73
CA VAL D 92 29.54 7.31 -20.68
C VAL D 92 29.10 6.78 -19.31
N GLU D 93 30.06 6.24 -18.57
CA GLU D 93 29.77 5.72 -17.24
C GLU D 93 29.64 6.92 -16.31
N PHE D 94 28.92 6.75 -15.20
CA PHE D 94 28.73 7.86 -14.27
C PHE D 94 28.73 7.44 -12.81
N GLN D 95 29.17 8.34 -11.94
CA GLN D 95 29.24 8.11 -10.51
C GLN D 95 27.87 8.25 -9.86
N THR D 96 27.60 7.40 -8.87
CA THR D 96 26.33 7.44 -8.16
C THR D 96 26.57 7.03 -6.71
N LYS D 97 25.62 7.36 -5.84
CA LYS D 97 25.73 7.03 -4.42
C LYS D 97 25.97 5.53 -4.23
N GLU D 98 25.87 4.77 -5.31
CA GLU D 98 26.05 3.32 -5.26
C GLU D 98 27.24 2.84 -6.08
N GLY D 99 28.10 3.76 -6.49
CA GLY D 99 29.26 3.39 -7.28
C GLY D 99 29.10 3.69 -8.76
N VAL D 100 30.15 3.44 -9.54
CA VAL D 100 30.10 3.68 -10.97
C VAL D 100 29.15 2.72 -11.67
N LYS D 101 28.30 3.27 -12.54
CA LYS D 101 27.34 2.47 -13.27
C LYS D 101 27.47 2.68 -14.77
N GLN D 102 27.30 1.61 -15.53
CA GLN D 102 27.39 1.67 -16.98
C GLN D 102 26.01 1.94 -17.56
N PRO D 103 25.93 2.73 -18.65
CA PRO D 103 24.64 3.04 -19.26
C PRO D 103 24.01 1.83 -19.94
N ASN D 104 22.69 1.90 -20.12
CA ASN D 104 21.95 0.82 -20.75
C ASN D 104 20.57 1.32 -21.15
N TYR D 105 19.80 0.50 -21.86
CA TYR D 105 18.47 0.89 -22.29
C TYR D 105 17.37 0.14 -21.57
N PHE D 106 17.56 -0.12 -20.28
CA PHE D 106 16.55 -0.83 -19.50
C PHE D 106 15.20 -0.13 -19.67
N GLY D 107 14.18 -0.92 -19.98
CA GLY D 107 12.86 -0.36 -20.19
C GLY D 107 12.45 -0.51 -21.63
N SER D 108 13.45 -0.68 -22.50
CA SER D 108 13.22 -0.86 -23.92
C SER D 108 13.03 -2.34 -24.23
N MSE D 109 11.85 -2.71 -24.71
CA MSE D 109 11.56 -4.09 -25.03
C MSE D 109 12.25 -4.44 -26.34
O MSE D 109 12.34 -5.62 -26.72
CB MSE D 109 10.05 -4.31 -25.18
CG MSE D 109 9.51 -3.98 -26.55
SE MSE D 109 8.33 -5.39 -27.15
CE MSE D 109 9.58 -6.86 -27.04
N THR D 110 12.74 -3.43 -27.04
CA THR D 110 13.43 -3.63 -28.31
C THR D 110 14.92 -3.85 -28.09
N GLN D 111 15.46 -3.22 -27.05
CA GLN D 111 16.88 -3.33 -26.75
C GLN D 111 17.22 -4.28 -25.60
N CYS D 112 16.24 -4.58 -24.74
CA CYS D 112 16.52 -5.46 -23.61
C CYS D 112 15.51 -6.60 -23.38
N SER D 113 14.64 -6.84 -24.35
CA SER D 113 13.66 -7.91 -24.23
C SER D 113 14.07 -9.08 -25.13
N THR D 114 13.56 -10.27 -24.82
CA THR D 114 13.90 -11.45 -25.61
C THR D 114 12.68 -12.22 -26.09
N LEU D 115 12.85 -12.97 -27.17
CA LEU D 115 11.78 -13.77 -27.74
C LEU D 115 12.19 -15.23 -27.78
N LYS D 116 11.21 -16.13 -27.81
CA LYS D 116 11.49 -17.56 -27.85
C LYS D 116 11.48 -18.07 -29.29
N LEU D 117 12.62 -18.63 -29.71
CA LEU D 117 12.76 -19.16 -31.06
C LEU D 117 12.27 -20.61 -31.11
N GLY D 118 12.49 -21.33 -30.02
CA GLY D 118 12.07 -22.72 -29.95
C GLY D 118 12.79 -23.46 -28.85
N ILE D 119 12.81 -24.79 -28.94
CA ILE D 119 13.48 -25.62 -27.94
C ILE D 119 14.84 -26.07 -28.45
N ASP D 120 15.69 -26.55 -27.54
CA ASP D 120 17.01 -27.01 -27.91
C ASP D 120 17.08 -28.53 -27.96
N ALA D 121 18.25 -29.08 -27.68
CA ALA D 121 18.45 -30.53 -27.70
C ALA D 121 17.61 -31.26 -26.66
N GLU D 122 17.76 -30.86 -25.39
CA GLU D 122 17.03 -31.50 -24.32
C GLU D 122 15.57 -31.07 -24.26
N GLY D 123 15.21 -30.08 -25.08
CA GLY D 123 13.85 -29.60 -25.11
C GLY D 123 13.69 -28.30 -24.34
N ASN D 124 14.81 -27.74 -23.90
CA ASN D 124 14.81 -26.49 -23.15
C ASN D 124 14.55 -25.30 -24.07
N ASP D 125 13.75 -24.36 -23.59
CA ASP D 125 13.41 -23.16 -24.34
C ASP D 125 14.65 -22.31 -24.63
N VAL D 126 14.77 -21.85 -25.86
CA VAL D 126 15.90 -21.03 -26.27
C VAL D 126 15.41 -19.63 -26.65
N TYR D 127 15.97 -18.61 -25.99
CA TYR D 127 15.58 -17.24 -26.27
C TYR D 127 16.65 -16.44 -26.98
N ALA D 128 16.22 -15.37 -27.66
CA ALA D 128 17.12 -14.50 -28.39
C ALA D 128 16.62 -13.06 -28.27
N PRO D 129 17.54 -12.09 -28.29
CA PRO D 129 17.15 -10.68 -28.16
C PRO D 129 16.14 -10.25 -29.22
N PHE D 130 15.07 -9.60 -28.77
CA PHE D 130 13.99 -9.13 -29.64
C PHE D 130 14.51 -8.53 -30.95
N ASN D 131 15.65 -7.86 -30.90
CA ASN D 131 16.22 -7.24 -32.08
C ASN D 131 17.35 -8.06 -32.71
N SER D 132 17.12 -9.36 -32.90
CA SER D 132 18.12 -10.22 -33.49
C SER D 132 17.51 -11.07 -34.60
N LEU D 133 16.19 -11.18 -34.62
CA LEU D 133 15.50 -11.96 -35.63
C LEU D 133 15.74 -11.32 -36.99
N LEU D 134 15.54 -10.01 -37.04
CA LEU D 134 15.73 -9.23 -38.25
C LEU D 134 16.47 -7.94 -37.91
N PRO D 135 17.37 -7.49 -38.78
CA PRO D 135 18.14 -6.26 -38.56
C PRO D 135 17.28 -5.03 -38.31
N MSE D 136 17.52 -4.37 -37.17
CA MSE D 136 16.78 -3.17 -36.81
C MSE D 136 17.77 -2.06 -36.49
O MSE D 136 18.90 -2.32 -36.12
CB MSE D 136 15.89 -3.46 -35.59
CG MSE D 136 15.06 -4.71 -35.72
SE MSE D 136 13.93 -5.02 -34.19
CE MSE D 136 12.21 -5.07 -35.08
N VAL D 137 17.32 -0.81 -36.62
CA VAL D 137 18.18 0.33 -36.34
C VAL D 137 18.36 0.58 -34.85
N SER D 138 19.61 0.58 -34.40
CA SER D 138 19.94 0.80 -33.01
C SER D 138 19.77 2.26 -32.60
N PRO D 139 19.30 2.51 -31.37
CA PRO D 139 19.11 3.88 -30.90
C PRO D 139 20.43 4.63 -30.79
N ASN D 140 21.53 3.87 -30.78
CA ASN D 140 22.86 4.47 -30.70
C ASN D 140 23.16 5.23 -31.98
N ASP D 141 22.49 4.83 -33.06
CA ASP D 141 22.67 5.47 -34.36
C ASP D 141 21.57 6.50 -34.60
N PHE D 142 21.08 7.09 -33.52
CA PHE D 142 20.03 8.09 -33.59
C PHE D 142 20.59 9.51 -33.60
N VAL D 143 20.17 10.28 -34.60
CA VAL D 143 20.57 11.68 -34.71
C VAL D 143 19.34 12.48 -34.28
N VAL D 144 19.31 12.83 -33.00
CA VAL D 144 18.16 13.54 -32.43
C VAL D 144 18.22 15.06 -32.51
N SER D 145 17.07 15.64 -32.86
CA SER D 145 16.89 17.08 -32.97
C SER D 145 15.38 17.30 -32.86
N GLY D 146 14.93 18.54 -33.07
CA GLY D 146 13.51 18.81 -32.97
C GLY D 146 13.14 20.24 -32.67
N TRP D 147 11.90 20.46 -32.29
CA TRP D 147 11.38 21.78 -31.98
C TRP D 147 10.97 21.87 -30.51
N ASP D 148 10.81 23.10 -30.03
CA ASP D 148 10.41 23.35 -28.65
C ASP D 148 10.25 24.86 -28.45
N ILE D 149 9.14 25.26 -27.84
CA ILE D 149 8.87 26.68 -27.61
C ILE D 149 9.80 27.36 -26.62
N ASN D 150 10.80 26.62 -26.13
CA ASN D 150 11.76 27.17 -25.19
C ASN D 150 13.17 27.01 -25.75
N ASN D 151 13.89 28.13 -25.84
CA ASN D 151 15.25 28.14 -26.40
C ASN D 151 16.34 27.51 -25.55
N ALA D 152 16.00 26.97 -24.39
CA ALA D 152 16.99 26.35 -23.52
C ALA D 152 17.64 25.17 -24.23
N ASP D 153 18.96 25.03 -24.07
CA ASP D 153 19.68 23.93 -24.70
C ASP D 153 19.44 22.66 -23.90
N LEU D 154 19.53 21.51 -24.56
CA LEU D 154 19.30 20.22 -23.92
C LEU D 154 19.98 20.05 -22.56
N TYR D 155 21.12 20.72 -22.37
CA TYR D 155 21.82 20.62 -21.08
C TYR D 155 20.98 21.33 -20.01
N GLU D 156 20.64 22.58 -20.28
CA GLU D 156 19.84 23.37 -19.34
C GLU D 156 18.51 22.66 -19.13
N ALA D 157 18.00 22.05 -20.19
CA ALA D 157 16.73 21.33 -20.14
C ALA D 157 16.88 20.12 -19.23
N MSE D 158 18.06 19.50 -19.25
CA MSE D 158 18.33 18.33 -18.45
C MSE D 158 18.39 18.68 -16.96
O MSE D 158 18.06 17.85 -16.10
CB MSE D 158 19.64 17.69 -18.90
CG MSE D 158 20.03 16.42 -18.16
SE MSE D 158 21.38 15.47 -19.13
CE MSE D 158 22.77 16.82 -19.09
N GLN D 159 18.81 19.91 -16.65
CA GLN D 159 18.90 20.36 -15.26
C GLN D 159 17.52 20.58 -14.67
N ARG D 160 16.66 21.26 -15.42
CA ARG D 160 15.31 21.57 -14.96
C ARG D 160 14.41 20.34 -14.91
N SER D 161 14.77 19.30 -15.66
CA SER D 161 13.98 18.07 -15.66
C SER D 161 14.24 17.26 -14.40
N GLN D 162 15.45 17.36 -13.88
CA GLN D 162 15.84 16.64 -12.68
C GLN D 162 15.47 15.17 -12.81
N VAL D 163 15.91 14.55 -13.90
CA VAL D 163 15.61 13.14 -14.15
C VAL D 163 16.84 12.24 -14.07
N LEU D 164 17.99 12.74 -14.51
CA LEU D 164 19.21 11.96 -14.49
C LEU D 164 20.17 12.35 -13.38
N GLU D 165 21.02 11.40 -12.99
CA GLU D 165 22.01 11.64 -11.93
C GLU D 165 22.79 12.91 -12.23
N TYR D 166 23.17 13.62 -11.19
CA TYR D 166 23.93 14.86 -11.34
C TYR D 166 25.20 14.62 -12.15
N ASP D 167 25.99 13.64 -11.71
CA ASP D 167 27.25 13.31 -12.35
C ASP D 167 27.09 12.99 -13.83
N LEU D 168 26.03 12.24 -14.16
CA LEU D 168 25.78 11.88 -15.56
C LEU D 168 25.56 13.15 -16.39
N GLN D 169 24.89 14.12 -15.80
CA GLN D 169 24.61 15.38 -16.49
C GLN D 169 25.89 16.14 -16.77
N GLN D 170 26.77 16.21 -15.78
CA GLN D 170 28.04 16.92 -15.92
C GLN D 170 28.92 16.31 -17.00
N ARG D 171 28.96 14.98 -17.04
CA ARG D 171 29.78 14.28 -18.02
C ARG D 171 29.25 14.47 -19.44
N LEU D 172 27.96 14.78 -19.55
CA LEU D 172 27.33 15.00 -20.84
C LEU D 172 27.10 16.48 -21.09
N LYS D 173 27.48 17.30 -20.12
CA LYS D 173 27.30 18.75 -20.23
C LYS D 173 27.80 19.33 -21.55
N ALA D 174 29.07 19.12 -21.85
CA ALA D 174 29.67 19.62 -23.08
C ALA D 174 28.87 19.25 -24.33
N LYS D 175 28.60 17.97 -24.51
CA LYS D 175 27.85 17.50 -25.67
C LYS D 175 26.41 18.02 -25.68
N MSE D 176 25.76 17.96 -24.53
CA MSE D 176 24.37 18.41 -24.38
C MSE D 176 24.17 19.89 -24.66
O MSE D 176 23.22 20.27 -25.34
CB MSE D 176 23.87 18.09 -22.97
CG MSE D 176 23.73 16.60 -22.66
SE MSE D 176 22.29 15.74 -23.60
CE MSE D 176 20.81 16.45 -22.59
N SER D 177 25.06 20.73 -24.13
CA SER D 177 24.95 22.17 -24.30
C SER D 177 24.95 22.63 -25.75
N LEU D 178 25.46 21.79 -26.65
CA LEU D 178 25.52 22.14 -28.07
C LEU D 178 24.20 21.84 -28.79
N VAL D 179 23.37 20.99 -28.18
CA VAL D 179 22.09 20.64 -28.78
C VAL D 179 21.02 21.66 -28.41
N LYS D 180 20.54 22.38 -29.42
CA LYS D 180 19.52 23.40 -29.21
C LYS D 180 18.28 23.12 -30.05
N PRO D 181 17.10 23.14 -29.42
CA PRO D 181 15.84 22.89 -30.14
C PRO D 181 15.44 24.01 -31.08
N LEU D 182 14.94 23.64 -32.25
CA LEU D 182 14.51 24.60 -33.26
C LEU D 182 13.24 25.30 -32.78
N PRO D 183 12.99 26.52 -33.28
CA PRO D 183 11.77 27.23 -32.85
C PRO D 183 10.55 26.41 -33.24
N SER D 184 9.45 26.59 -32.51
CA SER D 184 8.25 25.83 -32.81
C SER D 184 7.02 26.70 -32.94
N ILE D 185 5.90 26.04 -33.21
CA ILE D 185 4.62 26.71 -33.36
C ILE D 185 3.97 26.83 -31.99
N TYR D 186 3.52 28.04 -31.64
CA TYR D 186 2.90 28.25 -30.34
C TYR D 186 1.56 28.99 -30.39
N TYR D 187 0.47 28.22 -30.35
CA TYR D 187 -0.87 28.78 -30.35
C TYR D 187 -1.34 28.65 -28.91
N PRO D 188 -1.19 29.71 -28.11
CA PRO D 188 -1.58 29.75 -26.70
C PRO D 188 -2.96 29.22 -26.32
N ASP D 189 -3.95 29.42 -27.18
CA ASP D 189 -5.30 28.95 -26.89
C ASP D 189 -5.48 27.44 -26.94
N PHE D 190 -4.43 26.69 -27.26
CA PHE D 190 -4.54 25.24 -27.32
C PHE D 190 -3.93 24.52 -26.12
N ILE D 191 -3.34 25.30 -25.21
CA ILE D 191 -2.73 24.73 -24.02
C ILE D 191 -3.00 25.62 -22.80
N ALA D 192 -2.24 25.40 -21.73
CA ALA D 192 -2.41 26.18 -20.51
C ALA D 192 -1.56 27.46 -20.56
N ALA D 193 -2.13 28.56 -20.09
CA ALA D 193 -1.44 29.84 -20.09
C ALA D 193 -0.24 29.82 -19.16
N ASN D 194 0.01 28.69 -18.51
CA ASN D 194 1.13 28.55 -17.61
C ASN D 194 2.42 28.27 -18.38
N GLN D 195 2.30 28.25 -19.70
CA GLN D 195 3.44 28.00 -20.59
C GLN D 195 3.68 29.24 -21.44
N ASP D 196 3.27 30.40 -20.95
CA ASP D 196 3.44 31.64 -21.67
C ASP D 196 4.85 32.21 -21.60
N GLU D 197 5.30 32.57 -20.39
CA GLU D 197 6.63 33.11 -20.21
C GLU D 197 7.71 32.12 -20.62
N ARG D 198 7.31 30.86 -20.80
CA ARG D 198 8.23 29.80 -21.19
C ARG D 198 8.42 29.77 -22.70
N ALA D 199 7.48 30.37 -23.43
CA ALA D 199 7.53 30.40 -24.88
C ALA D 199 8.39 31.53 -25.41
N ASN D 200 9.66 31.24 -25.67
CA ASN D 200 10.60 32.23 -26.18
C ASN D 200 11.31 31.67 -27.40
N ASN D 201 10.73 30.63 -27.98
CA ASN D 201 11.29 29.99 -29.16
C ASN D 201 10.16 29.63 -30.13
N CYS D 202 9.53 30.66 -30.69
CA CYS D 202 8.43 30.47 -31.61
C CYS D 202 8.72 30.95 -33.03
N ILE D 203 7.95 30.44 -33.98
CA ILE D 203 8.08 30.80 -35.38
C ILE D 203 6.95 31.72 -35.82
N ASN D 204 5.76 31.44 -35.33
CA ASN D 204 4.58 32.24 -35.65
C ASN D 204 4.64 33.62 -35.01
N LEU D 205 5.40 34.52 -35.61
CA LEU D 205 5.55 35.88 -35.10
C LEU D 205 5.11 36.90 -36.13
N ASP D 206 4.36 37.92 -35.69
CA ASP D 206 3.91 38.96 -36.59
C ASP D 206 5.08 39.90 -36.85
N GLU D 207 4.85 40.94 -37.64
CA GLU D 207 5.92 41.89 -37.94
C GLU D 207 6.34 42.69 -36.71
N LYS D 208 5.48 42.70 -35.70
CA LYS D 208 5.77 43.41 -34.46
C LYS D 208 6.61 42.54 -33.52
N GLY D 209 6.89 41.32 -33.96
CA GLY D 209 7.69 40.41 -33.16
C GLY D 209 6.91 39.70 -32.07
N ASN D 210 5.60 39.54 -32.28
CA ASN D 210 4.75 38.87 -31.31
C ASN D 210 4.11 37.61 -31.90
N VAL D 211 3.63 36.75 -31.01
CA VAL D 211 2.98 35.50 -31.42
C VAL D 211 1.62 35.77 -32.04
N THR D 212 1.31 35.02 -33.09
CA THR D 212 0.03 35.16 -33.79
C THR D 212 -0.39 33.84 -34.42
N THR D 213 -1.70 33.59 -34.43
CA THR D 213 -2.24 32.37 -35.01
C THR D 213 -2.54 32.58 -36.49
N ARG D 214 -2.09 33.72 -37.02
CA ARG D 214 -2.30 34.06 -38.43
C ARG D 214 -1.15 33.58 -39.29
N GLY D 215 -1.48 33.10 -40.49
CA GLY D 215 -0.47 32.61 -41.41
C GLY D 215 -0.02 31.20 -41.09
N LYS D 216 -0.97 30.36 -40.69
CA LYS D 216 -0.67 28.98 -40.34
C LYS D 216 -0.05 28.20 -41.50
N TRP D 217 -0.35 28.60 -42.72
CA TRP D 217 0.20 27.90 -43.89
C TRP D 217 1.70 28.15 -44.01
N THR D 218 2.12 29.39 -43.74
CA THR D 218 3.53 29.74 -43.80
C THR D 218 4.24 28.95 -42.71
N HIS D 219 3.54 28.73 -41.61
CA HIS D 219 4.07 27.98 -40.48
C HIS D 219 4.35 26.54 -40.92
N LEU D 220 3.36 25.95 -41.59
CA LEU D 220 3.47 24.59 -42.09
C LEU D 220 4.66 24.47 -43.04
N GLN D 221 4.85 25.48 -43.88
CA GLN D 221 5.95 25.50 -44.82
C GLN D 221 7.29 25.52 -44.11
N ARG D 222 7.39 26.35 -43.07
CA ARG D 222 8.63 26.47 -42.30
C ARG D 222 9.05 25.11 -41.77
N ILE D 223 8.10 24.35 -41.24
CA ILE D 223 8.37 23.03 -40.71
C ILE D 223 8.84 22.11 -41.83
N ARG D 224 8.09 22.12 -42.94
CA ARG D 224 8.43 21.31 -44.10
C ARG D 224 9.92 21.49 -44.38
N ARG D 225 10.36 22.74 -44.34
CA ARG D 225 11.74 23.10 -44.58
C ARG D 225 12.67 22.60 -43.47
N ASP D 226 12.24 22.78 -42.22
CA ASP D 226 13.05 22.34 -41.08
C ASP D 226 13.41 20.86 -41.23
N ILE D 227 12.47 20.07 -41.74
CA ILE D 227 12.69 18.65 -41.94
C ILE D 227 13.74 18.45 -43.03
N GLN D 228 13.58 19.18 -44.12
CA GLN D 228 14.52 19.10 -45.23
C GLN D 228 15.92 19.53 -44.83
N ASN D 229 16.00 20.65 -44.11
CA ASN D 229 17.29 21.16 -43.66
C ASN D 229 17.98 20.15 -42.75
N PHE D 230 17.20 19.52 -41.88
CA PHE D 230 17.74 18.52 -40.96
C PHE D 230 18.38 17.38 -41.73
N LYS D 231 17.67 16.84 -42.71
CA LYS D 231 18.18 15.74 -43.51
C LYS D 231 19.45 16.11 -44.25
N GLU D 232 19.52 17.36 -44.73
CA GLU D 232 20.68 17.85 -45.46
C GLU D 232 21.88 18.03 -44.54
N GLU D 233 21.68 18.82 -43.49
CA GLU D 233 22.74 19.11 -42.51
C GLU D 233 23.29 17.89 -41.80
N ASN D 234 22.65 16.75 -41.96
CA ASN D 234 23.10 15.52 -41.30
C ASN D 234 23.29 14.35 -42.26
N ALA D 235 23.20 14.62 -43.56
CA ALA D 235 23.37 13.58 -44.57
C ALA D 235 22.43 12.41 -44.30
N LEU D 236 21.17 12.72 -44.00
CA LEU D 236 20.18 11.69 -43.72
C LEU D 236 19.08 11.69 -44.77
N ASP D 237 18.44 10.54 -44.96
CA ASP D 237 17.36 10.40 -45.92
C ASP D 237 16.13 9.81 -45.23
N LYS D 238 16.36 9.20 -44.06
CA LYS D 238 15.29 8.60 -43.27
C LYS D 238 15.07 9.44 -42.02
N VAL D 239 13.84 9.90 -41.81
CA VAL D 239 13.52 10.71 -40.64
C VAL D 239 12.18 10.32 -40.02
N ILE D 240 12.07 10.50 -38.71
CA ILE D 240 10.85 10.19 -37.97
C ILE D 240 10.52 11.33 -37.01
N VAL D 241 9.27 11.79 -37.05
CA VAL D 241 8.81 12.88 -36.19
C VAL D 241 7.92 12.35 -35.07
N LEU D 242 8.36 12.59 -33.84
CA LEU D 242 7.61 12.16 -32.65
C LEU D 242 7.22 13.40 -31.86
N TRP D 243 5.97 13.46 -31.42
CA TRP D 243 5.47 14.59 -30.64
C TRP D 243 5.54 14.27 -29.14
N THR D 244 6.36 15.03 -28.42
CA THR D 244 6.52 14.84 -26.98
C THR D 244 6.38 16.19 -26.29
N ALA D 245 5.55 17.05 -26.85
CA ALA D 245 5.31 18.38 -26.30
C ALA D 245 4.19 18.29 -25.26
N ASN D 246 3.66 19.42 -24.84
CA ASN D 246 2.58 19.41 -23.86
C ASN D 246 1.28 18.96 -24.51
N THR D 247 0.25 18.76 -23.70
CA THR D 247 -1.05 18.31 -24.20
C THR D 247 -1.92 19.48 -24.64
N GLU D 248 -2.50 19.36 -25.83
CA GLU D 248 -3.36 20.41 -26.38
C GLU D 248 -4.81 20.00 -26.19
N ARG D 249 -5.70 20.99 -26.11
CA ARG D 249 -7.12 20.70 -25.96
C ARG D 249 -7.59 20.03 -27.24
N TYR D 250 -8.49 19.06 -27.13
CA TYR D 250 -8.99 18.37 -28.32
C TYR D 250 -9.56 19.36 -29.33
N VAL D 251 -9.50 18.99 -30.60
CA VAL D 251 -10.02 19.82 -31.67
C VAL D 251 -11.35 19.28 -32.16
N GLU D 252 -12.32 20.17 -32.36
CA GLU D 252 -13.63 19.77 -32.84
C GLU D 252 -13.56 19.34 -34.30
N VAL D 253 -14.13 18.17 -34.59
CA VAL D 253 -14.13 17.66 -35.96
C VAL D 253 -15.48 17.96 -36.61
N SER D 254 -15.51 18.96 -37.47
CA SER D 254 -16.74 19.36 -38.16
C SER D 254 -16.59 19.34 -39.68
N PRO D 255 -17.68 19.01 -40.39
CA PRO D 255 -17.69 18.95 -41.86
C PRO D 255 -17.35 20.26 -42.54
N GLY D 256 -16.42 20.19 -43.49
CA GLY D 256 -16.01 21.39 -44.22
C GLY D 256 -14.77 22.03 -43.66
N VAL D 257 -14.29 21.52 -42.52
CA VAL D 257 -13.10 22.06 -41.89
C VAL D 257 -11.94 21.06 -41.94
N ASN D 258 -11.99 20.05 -41.09
CA ASN D 258 -10.95 19.03 -41.03
C ASN D 258 -11.52 17.64 -41.27
N ASP D 259 -12.44 17.52 -42.22
CA ASP D 259 -13.07 16.25 -42.53
C ASP D 259 -12.42 15.56 -43.73
N THR D 260 -11.78 16.34 -44.59
CA THR D 260 -11.10 15.80 -45.77
C THR D 260 -9.77 16.51 -45.98
N MSE D 261 -8.91 15.91 -46.81
CA MSE D 261 -7.60 16.48 -47.10
C MSE D 261 -7.76 17.93 -47.53
O MSE D 261 -7.36 18.86 -46.83
CB MSE D 261 -6.90 15.71 -48.22
CG MSE D 261 -6.84 14.21 -48.03
SE MSE D 261 -5.94 13.37 -49.50
CE MSE D 261 -7.23 13.74 -50.89
N GLU D 262 -8.34 18.11 -48.73
CA GLU D 262 -8.55 19.43 -49.29
C GLU D 262 -9.14 20.44 -48.30
N ASN D 263 -10.09 20.01 -47.49
CA ASN D 263 -10.70 20.91 -46.52
C ASN D 263 -9.69 21.24 -45.42
N LEU D 264 -8.97 20.23 -44.96
CA LEU D 264 -7.97 20.41 -43.92
C LEU D 264 -6.91 21.40 -44.38
N LEU D 265 -6.38 21.17 -45.57
CA LEU D 265 -5.35 22.04 -46.14
C LEU D 265 -5.86 23.46 -46.39
N GLN D 266 -7.12 23.57 -46.80
CA GLN D 266 -7.71 24.89 -47.05
C GLN D 266 -7.91 25.61 -45.73
N SER D 267 -8.31 24.86 -44.71
CA SER D 267 -8.55 25.42 -43.38
C SER D 267 -7.25 25.99 -42.84
N ILE D 268 -6.16 25.24 -43.02
CA ILE D 268 -4.85 25.67 -42.54
C ILE D 268 -4.51 27.02 -43.18
N LYS D 269 -4.75 27.12 -44.48
CA LYS D 269 -4.48 28.34 -45.23
C LYS D 269 -5.39 29.48 -44.78
N ASN D 270 -6.56 29.13 -44.26
CA ASN D 270 -7.52 30.13 -43.80
C ASN D 270 -7.37 30.39 -42.30
N ASP D 271 -6.30 29.86 -41.72
CA ASP D 271 -6.02 30.03 -40.30
C ASP D 271 -7.22 29.67 -39.44
N HIS D 272 -7.91 28.59 -39.80
CA HIS D 272 -9.08 28.15 -39.05
C HIS D 272 -8.71 27.82 -37.61
N GLU D 273 -9.59 28.15 -36.68
CA GLU D 273 -9.36 27.92 -35.26
C GLU D 273 -9.24 26.45 -34.85
N GLU D 274 -9.67 25.54 -35.71
CA GLU D 274 -9.61 24.11 -35.40
C GLU D 274 -8.25 23.47 -35.71
N ILE D 275 -7.33 24.25 -36.27
CA ILE D 275 -6.01 23.73 -36.61
C ILE D 275 -5.00 24.03 -35.50
N ALA D 276 -4.63 22.99 -34.76
CA ALA D 276 -3.68 23.12 -33.66
C ALA D 276 -2.25 22.95 -34.21
N PRO D 277 -1.25 23.36 -33.43
CA PRO D 277 0.14 23.22 -33.90
C PRO D 277 0.52 21.78 -34.20
N SER D 278 -0.02 20.84 -33.44
CA SER D 278 0.26 19.43 -33.66
C SER D 278 -0.33 19.02 -35.00
N THR D 279 -1.37 19.72 -35.41
CA THR D 279 -2.03 19.45 -36.67
C THR D 279 -1.09 19.82 -37.82
N ILE D 280 -0.35 20.90 -37.63
CA ILE D 280 0.58 21.38 -38.64
C ILE D 280 1.80 20.46 -38.76
N PHE D 281 2.41 20.12 -37.62
CA PHE D 281 3.58 19.24 -37.65
C PHE D 281 3.20 17.91 -38.31
N ALA D 282 2.00 17.44 -38.02
CA ALA D 282 1.53 16.18 -38.59
C ALA D 282 1.43 16.31 -40.11
N ALA D 283 0.69 17.33 -40.56
CA ALA D 283 0.53 17.56 -41.99
C ALA D 283 1.88 17.77 -42.66
N ALA D 284 2.73 18.56 -42.02
CA ALA D 284 4.06 18.85 -42.55
C ALA D 284 4.84 17.55 -42.73
N SER D 285 4.89 16.74 -41.67
CA SER D 285 5.60 15.47 -41.70
C SER D 285 5.00 14.56 -42.77
N ILE D 286 3.68 14.49 -42.81
CA ILE D 286 2.99 13.65 -43.79
C ILE D 286 3.38 14.05 -45.21
N LEU D 287 3.32 15.35 -45.50
CA LEU D 287 3.66 15.85 -46.82
C LEU D 287 5.10 15.51 -47.20
N GLU D 288 6.01 15.64 -46.25
CA GLU D 288 7.41 15.33 -46.49
C GLU D 288 7.65 13.83 -46.60
N GLY D 289 6.57 13.06 -46.44
CA GLY D 289 6.69 11.61 -46.52
C GLY D 289 7.39 11.03 -45.31
N VAL D 290 7.28 11.73 -44.19
CA VAL D 290 7.91 11.29 -42.95
C VAL D 290 6.86 10.82 -41.94
N PRO D 291 7.08 9.65 -41.32
CA PRO D 291 6.14 9.13 -40.33
C PRO D 291 6.03 10.02 -39.10
N TYR D 292 4.80 10.30 -38.69
CA TYR D 292 4.53 11.15 -37.53
C TYR D 292 3.86 10.33 -36.42
N ILE D 293 4.43 10.39 -35.21
CA ILE D 293 3.89 9.66 -34.08
C ILE D 293 3.45 10.64 -32.99
N ASN D 294 2.18 10.54 -32.59
CA ASN D 294 1.65 11.41 -31.55
C ASN D 294 1.75 10.75 -30.18
N GLY D 295 2.71 11.22 -29.38
CA GLY D 295 2.90 10.65 -28.06
C GLY D 295 2.14 11.36 -26.96
N SER D 296 1.09 12.08 -27.34
CA SER D 296 0.28 12.80 -26.36
C SER D 296 -1.21 12.52 -26.58
N PRO D 297 -2.03 12.76 -25.54
CA PRO D 297 -3.49 12.54 -25.62
C PRO D 297 -4.20 13.65 -26.39
N GLN D 298 -4.08 13.61 -27.71
CA GLN D 298 -4.72 14.61 -28.56
C GLN D 298 -5.29 13.96 -29.81
N ASN D 299 -6.46 14.44 -30.23
CA ASN D 299 -7.12 13.92 -31.42
C ASN D 299 -6.50 14.59 -32.64
N THR D 300 -5.18 14.69 -32.63
CA THR D 300 -4.42 15.31 -33.71
C THR D 300 -4.82 14.78 -35.08
N PHE D 301 -4.87 13.46 -35.20
CA PHE D 301 -5.23 12.81 -36.46
C PHE D 301 -6.71 12.88 -36.79
N VAL D 302 -7.17 14.08 -37.17
CA VAL D 302 -8.56 14.26 -37.54
C VAL D 302 -8.77 13.50 -38.86
N PRO D 303 -10.03 13.15 -39.18
CA PRO D 303 -10.29 12.42 -40.42
C PRO D 303 -9.57 13.01 -41.63
N GLY D 304 -9.47 14.33 -41.68
CA GLY D 304 -8.80 14.98 -42.78
C GLY D 304 -7.35 14.53 -42.90
N LEU D 305 -6.63 14.62 -41.79
CA LEU D 305 -5.22 14.20 -41.77
C LEU D 305 -5.04 12.75 -42.16
N VAL D 306 -5.82 11.86 -41.55
CA VAL D 306 -5.74 10.44 -41.85
C VAL D 306 -5.89 10.19 -43.35
N GLN D 307 -6.86 10.87 -43.96
CA GLN D 307 -7.09 10.74 -45.39
C GLN D 307 -5.86 11.23 -46.15
N LEU D 308 -5.22 12.25 -45.60
CA LEU D 308 -4.02 12.82 -46.22
C LEU D 308 -2.89 11.81 -46.17
N ALA D 309 -2.71 11.16 -45.03
CA ALA D 309 -1.66 10.16 -44.86
C ALA D 309 -1.87 9.00 -45.83
N GLU D 310 -3.12 8.54 -45.93
CA GLU D 310 -3.46 7.44 -46.83
C GLU D 310 -3.06 7.75 -48.27
N HIS D 311 -3.36 8.99 -48.70
CA HIS D 311 -3.04 9.41 -50.06
C HIS D 311 -1.54 9.43 -50.32
N GLU D 312 -0.80 10.14 -49.47
CA GLU D 312 0.65 10.25 -49.62
C GLU D 312 1.37 8.95 -49.25
N GLY D 313 0.63 8.00 -48.70
CA GLY D 313 1.24 6.73 -48.33
C GLY D 313 2.25 6.91 -47.21
N THR D 314 1.91 7.77 -46.25
CA THR D 314 2.78 8.04 -45.11
C THR D 314 2.28 7.26 -43.90
N PHE D 315 3.11 7.17 -42.86
CA PHE D 315 2.75 6.44 -41.65
C PHE D 315 2.47 7.37 -40.47
N ILE D 316 1.54 6.95 -39.61
CA ILE D 316 1.16 7.70 -38.42
C ILE D 316 0.80 6.74 -37.30
N ALA D 317 1.14 7.08 -36.06
CA ALA D 317 0.87 6.22 -34.91
C ALA D 317 -0.19 6.71 -33.94
N GLY D 318 -0.97 5.77 -33.40
CA GLY D 318 -2.03 6.08 -32.46
C GLY D 318 -1.64 6.99 -31.30
N ASP D 319 -2.54 7.92 -30.99
CA ASP D 319 -2.34 8.90 -29.92
C ASP D 319 -1.91 8.40 -28.55
N ASP D 320 -1.35 9.32 -27.78
CA ASP D 320 -0.88 9.12 -26.41
C ASP D 320 0.02 7.92 -26.08
N LEU D 321 1.09 8.20 -25.33
CA LEU D 321 2.03 7.19 -24.90
C LEU D 321 1.43 6.37 -23.76
N LYS D 322 1.85 5.12 -23.64
CA LYS D 322 1.33 4.25 -22.58
C LYS D 322 2.30 4.26 -21.40
N SER D 323 1.86 4.86 -20.28
CA SER D 323 2.69 4.96 -19.09
C SER D 323 3.06 3.61 -18.49
N GLY D 324 3.77 3.65 -17.37
CA GLY D 324 4.19 2.44 -16.70
C GLY D 324 3.08 1.83 -15.87
N GLN D 325 2.20 2.67 -15.34
CA GLN D 325 1.09 2.20 -14.52
C GLN D 325 -0.06 1.73 -15.42
N THR D 326 -0.28 2.47 -16.50
CA THR D 326 -1.35 2.12 -17.44
C THR D 326 -1.09 0.72 -18.00
N LYS D 327 0.13 0.47 -18.44
CA LYS D 327 0.49 -0.84 -18.98
C LYS D 327 0.17 -1.92 -17.96
N LEU D 328 0.39 -1.59 -16.69
CA LEU D 328 0.14 -2.51 -15.59
C LEU D 328 -1.35 -2.76 -15.40
N LYS D 329 -2.14 -1.70 -15.43
CA LYS D 329 -3.59 -1.82 -15.27
C LYS D 329 -4.08 -2.88 -16.25
N SER D 330 -3.65 -2.73 -17.51
CA SER D 330 -4.02 -3.65 -18.58
C SER D 330 -3.75 -5.09 -18.15
N VAL D 331 -2.52 -5.35 -17.71
CA VAL D 331 -2.12 -6.68 -17.28
C VAL D 331 -3.02 -7.23 -16.17
N LEU D 332 -3.07 -6.52 -15.04
CA LEU D 332 -3.90 -6.96 -13.92
C LEU D 332 -5.35 -7.21 -14.30
N ALA D 333 -5.99 -6.22 -14.91
CA ALA D 333 -7.38 -6.34 -15.31
C ALA D 333 -7.56 -7.57 -16.20
N GLN D 334 -6.68 -7.72 -17.19
CA GLN D 334 -6.74 -8.86 -18.10
C GLN D 334 -6.58 -10.15 -17.30
N PHE D 335 -5.68 -10.11 -16.33
CA PHE D 335 -5.40 -11.27 -15.48
C PHE D 335 -6.64 -11.74 -14.72
N LEU D 336 -7.31 -10.82 -14.04
CA LEU D 336 -8.49 -11.14 -13.25
C LEU D 336 -9.63 -11.74 -14.07
N VAL D 337 -9.97 -11.08 -15.17
CA VAL D 337 -11.05 -11.55 -16.04
C VAL D 337 -10.73 -12.90 -16.69
N ASP D 338 -9.48 -13.06 -17.13
CA ASP D 338 -9.05 -14.31 -17.76
C ASP D 338 -9.11 -15.46 -16.77
N ALA D 339 -9.20 -15.12 -15.48
CA ALA D 339 -9.27 -16.12 -14.42
C ALA D 339 -10.68 -16.32 -13.90
N GLY D 340 -11.64 -15.62 -14.50
CA GLY D 340 -13.02 -15.75 -14.08
C GLY D 340 -13.38 -14.82 -12.94
N ILE D 341 -12.46 -13.93 -12.58
CA ILE D 341 -12.69 -12.98 -11.51
C ILE D 341 -13.22 -11.67 -12.11
N LYS D 342 -14.40 -11.26 -11.65
CA LYS D 342 -15.04 -10.05 -12.14
C LYS D 342 -14.84 -8.80 -11.29
N PRO D 343 -13.92 -7.91 -11.70
CA PRO D 343 -13.69 -6.69 -10.94
C PRO D 343 -14.85 -5.73 -11.15
N VAL D 344 -15.20 -4.96 -10.11
CA VAL D 344 -16.31 -4.02 -10.23
C VAL D 344 -15.85 -2.59 -9.93
N SER D 345 -14.72 -2.47 -9.25
CA SER D 345 -14.18 -1.17 -8.89
C SER D 345 -12.69 -1.07 -9.24
N ILE D 346 -12.33 -0.01 -9.96
CA ILE D 346 -10.95 0.21 -10.35
C ILE D 346 -10.58 1.67 -10.12
N ALA D 347 -10.24 2.00 -8.87
CA ALA D 347 -9.88 3.36 -8.51
C ALA D 347 -8.39 3.59 -8.75
N SER D 348 -8.08 4.54 -9.62
CA SER D 348 -6.69 4.85 -9.95
C SER D 348 -6.38 6.31 -9.67
N TYR D 349 -5.23 6.56 -9.05
CA TYR D 349 -4.80 7.92 -8.73
C TYR D 349 -3.31 8.07 -9.04
N ASN D 350 -3.00 8.55 -10.24
CA ASN D 350 -1.63 8.74 -10.67
C ASN D 350 -1.25 10.22 -10.70
N HIS D 351 -0.34 10.63 -9.82
CA HIS D 351 0.09 12.03 -9.79
C HIS D 351 1.61 12.15 -9.86
N LEU D 352 2.08 13.24 -10.47
CA LEU D 352 3.51 13.49 -10.61
C LEU D 352 3.84 14.92 -10.20
N GLY D 353 4.97 15.43 -10.66
CA GLY D 353 5.35 16.79 -10.30
C GLY D 353 6.36 17.46 -11.23
N ASN D 354 6.26 17.17 -12.52
CA ASN D 354 7.16 17.76 -13.50
C ASN D 354 6.49 18.96 -14.18
N ASN D 355 7.11 19.48 -15.24
CA ASN D 355 6.55 20.62 -15.95
C ASN D 355 5.24 20.24 -16.63
N ASP D 356 5.08 18.95 -16.91
CA ASP D 356 3.87 18.46 -17.55
C ASP D 356 2.72 18.50 -16.55
N GLY D 357 3.07 18.60 -15.27
CA GLY D 357 2.06 18.66 -14.22
C GLY D 357 1.24 19.92 -14.38
N TYR D 358 1.84 20.96 -14.95
CA TYR D 358 1.16 22.23 -15.16
C TYR D 358 -0.06 22.01 -16.05
N ASN D 359 0.08 21.14 -17.04
CA ASN D 359 -1.02 20.84 -17.94
C ASN D 359 -2.04 19.97 -17.22
N LEU D 360 -1.53 19.04 -16.41
CA LEU D 360 -2.38 18.14 -15.65
C LEU D 360 -3.05 18.89 -14.50
N SER D 361 -2.76 20.18 -14.40
CA SER D 361 -3.33 21.02 -13.36
C SER D 361 -3.32 22.48 -13.79
N ALA D 362 -4.27 22.85 -14.64
CA ALA D 362 -4.38 24.22 -15.13
C ALA D 362 -5.83 24.58 -15.41
N PRO D 363 -6.15 25.88 -15.44
CA PRO D 363 -7.52 26.35 -15.70
C PRO D 363 -7.96 26.13 -17.14
N LYS D 364 -8.97 25.27 -17.31
CA LYS D 364 -9.49 24.97 -18.64
C LYS D 364 -10.98 24.65 -18.57
N SER D 375 -11.31 3.42 -23.07
CA SER D 375 -10.70 2.79 -21.90
C SER D 375 -10.51 1.29 -22.14
N VAL D 376 -9.35 0.79 -21.72
CA VAL D 376 -9.04 -0.63 -21.87
C VAL D 376 -10.06 -1.48 -21.13
N ILE D 377 -10.49 -1.00 -19.96
CA ILE D 377 -11.47 -1.70 -19.14
C ILE D 377 -12.69 -2.10 -19.96
N ASP D 378 -12.98 -1.33 -21.01
CA ASP D 378 -14.13 -1.60 -21.87
C ASP D 378 -13.97 -2.85 -22.73
N ASP D 379 -12.80 -3.03 -23.32
CA ASP D 379 -12.56 -4.21 -24.15
C ASP D 379 -12.61 -5.47 -23.31
N ILE D 380 -12.12 -5.36 -22.08
CA ILE D 380 -12.09 -6.47 -21.14
C ILE D 380 -13.49 -6.92 -20.74
N ILE D 381 -14.41 -5.96 -20.66
CA ILE D 381 -15.79 -6.26 -20.28
C ILE D 381 -16.55 -6.92 -21.43
N ALA D 382 -16.46 -6.33 -22.62
CA ALA D 382 -17.15 -6.85 -23.79
C ALA D 382 -16.67 -8.24 -24.17
N SER D 383 -15.52 -8.64 -23.67
CA SER D 383 -14.95 -9.95 -23.98
C SER D 383 -15.56 -11.07 -23.11
N ASN D 384 -16.00 -10.71 -21.92
CA ASN D 384 -16.58 -11.69 -21.00
C ASN D 384 -18.06 -11.41 -20.75
N ASP D 385 -18.92 -12.10 -21.49
CA ASP D 385 -20.36 -11.94 -21.35
C ASP D 385 -20.88 -12.71 -20.15
N ILE D 386 -20.04 -13.61 -19.63
CA ILE D 386 -20.42 -14.43 -18.47
C ILE D 386 -20.41 -13.58 -17.20
N LEU D 387 -19.41 -12.72 -17.09
CA LEU D 387 -19.26 -11.86 -15.92
C LEU D 387 -20.13 -10.60 -16.03
N TYR D 388 -20.15 -9.99 -17.21
CA TYR D 388 -20.93 -8.78 -17.42
C TYR D 388 -22.07 -8.97 -18.42
N ASN D 389 -23.30 -8.97 -17.91
CA ASN D 389 -24.49 -9.13 -18.74
C ASN D 389 -25.59 -8.19 -18.27
N ASP D 390 -26.82 -8.44 -18.72
CA ASP D 390 -27.95 -7.60 -18.33
C ASP D 390 -28.72 -8.08 -17.10
N LYS D 391 -28.02 -8.80 -16.22
CA LYS D 391 -28.65 -9.30 -15.00
C LYS D 391 -27.74 -9.12 -13.79
N LEU D 392 -26.61 -9.82 -13.78
CA LEU D 392 -25.65 -9.72 -12.68
C LEU D 392 -25.07 -8.33 -12.64
N GLY D 393 -24.69 -7.81 -13.81
CA GLY D 393 -24.11 -6.49 -13.90
C GLY D 393 -23.31 -6.37 -15.18
N LYS D 394 -23.08 -5.14 -15.64
CA LYS D 394 -22.32 -4.93 -16.85
C LYS D 394 -21.50 -3.65 -16.76
N LYS D 395 -21.63 -2.95 -15.64
CA LYS D 395 -20.90 -1.71 -15.41
C LYS D 395 -19.67 -1.98 -14.54
N VAL D 396 -18.73 -1.04 -14.55
CA VAL D 396 -17.51 -1.16 -13.76
C VAL D 396 -17.00 0.22 -13.37
N ASP D 397 -17.32 0.63 -12.14
CA ASP D 397 -16.91 1.93 -11.62
C ASP D 397 -15.39 2.09 -11.65
N HIS D 398 -14.93 3.04 -12.47
CA HIS D 398 -13.51 3.33 -12.60
C HIS D 398 -13.29 4.83 -12.68
N CYS D 399 -12.31 5.32 -11.92
CA CYS D 399 -12.01 6.74 -11.92
C CYS D 399 -10.51 6.96 -12.04
N ILE D 400 -10.12 8.05 -12.68
CA ILE D 400 -8.72 8.38 -12.87
C ILE D 400 -8.43 9.81 -12.42
N VAL D 401 -7.61 9.95 -11.39
CA VAL D 401 -7.26 11.25 -10.85
C VAL D 401 -5.77 11.55 -11.07
N ILE D 402 -5.47 12.78 -11.45
CA ILE D 402 -4.09 13.20 -11.68
C ILE D 402 -3.87 14.62 -11.19
N LYS D 403 -3.18 14.77 -10.06
CA LYS D 403 -2.92 16.08 -9.49
C LYS D 403 -1.44 16.44 -9.59
N TYR D 404 -1.15 17.73 -9.50
CA TYR D 404 0.23 18.22 -9.58
C TYR D 404 0.87 18.40 -8.21
N MSE D 405 2.03 17.79 -8.03
CA MSE D 405 2.76 17.90 -6.77
C MSE D 405 4.23 18.26 -7.04
O MSE D 405 5.07 17.38 -7.27
CB MSE D 405 2.69 16.58 -6.01
CG MSE D 405 2.08 16.63 -4.63
SE MSE D 405 0.31 17.37 -4.60
CE MSE D 405 -0.63 15.91 -5.42
N LYS D 406 4.53 19.55 -6.99
CA LYS D 406 5.88 20.03 -7.24
C LYS D 406 6.94 19.33 -6.39
N PRO D 407 6.71 19.21 -5.07
CA PRO D 407 7.68 18.55 -4.18
C PRO D 407 7.87 17.07 -4.47
N VAL D 408 7.91 16.72 -5.75
CA VAL D 408 8.09 15.32 -6.15
C VAL D 408 8.97 15.27 -7.40
N GLY D 409 8.90 16.32 -8.21
CA GLY D 409 9.69 16.38 -9.42
C GLY D 409 9.23 15.40 -10.48
N ASP D 410 10.17 14.78 -11.18
CA ASP D 410 9.85 13.82 -12.22
C ASP D 410 9.36 12.51 -11.62
N SER D 411 9.51 12.38 -10.31
CA SER D 411 9.08 11.18 -9.60
C SER D 411 7.55 11.14 -9.61
N LYS D 412 6.99 9.99 -9.98
CA LYS D 412 5.54 9.82 -10.04
C LYS D 412 5.07 8.72 -9.10
N VAL D 413 3.95 8.98 -8.42
CA VAL D 413 3.38 8.01 -7.49
C VAL D 413 2.03 7.54 -8.00
N ALA D 414 1.98 6.28 -8.45
CA ALA D 414 0.75 5.71 -8.97
C ALA D 414 0.10 4.80 -7.93
N MSE D 415 -1.22 4.89 -7.83
CA MSE D 415 -1.98 4.10 -6.87
C MSE D 415 -3.26 3.59 -7.50
O MSE D 415 -4.15 4.37 -7.85
CB MSE D 415 -2.30 4.94 -5.64
CG MSE D 415 -1.08 5.45 -4.89
SE MSE D 415 -1.51 6.78 -3.56
CE MSE D 415 -1.31 8.35 -4.66
N ASP D 416 -3.35 2.27 -7.67
CA ASP D 416 -4.54 1.67 -8.27
C ASP D 416 -5.18 0.64 -7.34
N GLU D 417 -6.49 0.75 -7.19
CA GLU D 417 -7.27 -0.12 -6.32
C GLU D 417 -8.22 -0.98 -7.16
N TYR D 418 -8.19 -2.29 -6.94
CA TYR D 418 -9.08 -3.19 -7.67
C TYR D 418 -9.96 -3.99 -6.72
N TYR D 419 -11.26 -3.79 -6.83
CA TYR D 419 -12.21 -4.49 -5.98
C TYR D 419 -13.02 -5.45 -6.87
N SER D 420 -12.63 -6.72 -6.86
CA SER D 420 -13.30 -7.73 -7.67
C SER D 420 -14.28 -8.57 -6.86
N GLU D 421 -15.22 -9.18 -7.58
CA GLU D 421 -16.24 -10.01 -6.95
C GLU D 421 -15.91 -11.48 -7.11
N LEU D 422 -16.01 -12.24 -6.03
CA LEU D 422 -15.72 -13.67 -6.05
C LEU D 422 -17.00 -14.48 -5.91
N MSE D 423 -16.87 -15.80 -5.86
CA MSE D 423 -18.05 -16.67 -5.73
C MSE D 423 -18.66 -16.63 -4.34
O MSE D 423 -18.00 -16.28 -3.37
CB MSE D 423 -17.68 -18.12 -6.07
CG MSE D 423 -16.61 -18.71 -5.16
SE MSE D 423 -16.74 -20.65 -5.05
CE MSE D 423 -16.71 -21.06 -6.93
N LEU D 424 -19.94 -16.98 -4.27
CA LEU D 424 -20.68 -17.02 -3.02
C LEU D 424 -20.48 -15.79 -2.14
N GLY D 425 -20.72 -14.61 -2.72
CA GLY D 425 -20.57 -13.37 -1.97
C GLY D 425 -19.16 -13.04 -1.55
N GLY D 426 -18.18 -13.68 -2.18
CA GLY D 426 -16.79 -13.42 -1.83
C GLY D 426 -16.29 -12.12 -2.44
N HIS D 427 -15.12 -11.66 -2.03
CA HIS D 427 -14.54 -10.43 -2.55
C HIS D 427 -13.02 -10.43 -2.55
N ASN D 428 -12.45 -9.66 -3.47
CA ASN D 428 -11.00 -9.55 -3.60
C ASN D 428 -10.59 -8.09 -3.80
N ARG D 429 -9.71 -7.60 -2.95
CA ARG D 429 -9.23 -6.22 -3.05
C ARG D 429 -7.73 -6.20 -3.25
N ILE D 430 -7.29 -5.69 -4.40
CA ILE D 430 -5.86 -5.62 -4.72
C ILE D 430 -5.39 -4.17 -4.80
N SER D 431 -4.44 -3.81 -3.94
CA SER D 431 -3.89 -2.46 -3.92
C SER D 431 -2.54 -2.42 -4.62
N ILE D 432 -2.41 -1.51 -5.59
CA ILE D 432 -1.16 -1.39 -6.34
C ILE D 432 -0.50 -0.03 -6.07
N HIS D 433 0.76 -0.04 -5.69
CA HIS D 433 1.50 1.18 -5.42
C HIS D 433 2.74 1.21 -6.31
N ASN D 434 2.74 2.11 -7.29
CA ASN D 434 3.87 2.22 -8.21
C ASN D 434 4.64 3.51 -8.00
N VAL D 435 5.96 3.42 -7.93
CA VAL D 435 6.82 4.57 -7.74
C VAL D 435 8.08 4.47 -8.59
N CYS D 436 8.31 5.46 -9.44
CA CYS D 436 9.47 5.48 -10.30
C CYS D 436 9.60 6.81 -11.02
N GLU D 437 10.78 7.07 -11.57
CA GLU D 437 11.03 8.30 -12.30
C GLU D 437 10.36 8.20 -13.67
N ASP D 438 9.17 8.80 -13.75
CA ASP D 438 8.36 8.82 -14.96
C ASP D 438 9.14 8.76 -16.28
N SER D 439 9.83 9.85 -16.61
CA SER D 439 10.59 9.94 -17.84
C SER D 439 11.52 8.77 -18.15
N LEU D 440 12.10 8.16 -17.12
CA LEU D 440 13.00 7.04 -17.33
C LEU D 440 12.31 5.79 -17.89
N LEU D 441 10.99 5.83 -17.97
CA LEU D 441 10.21 4.72 -18.52
C LEU D 441 9.65 5.10 -19.88
N ALA D 442 9.22 6.36 -19.99
CA ALA D 442 8.65 6.86 -21.24
C ALA D 442 9.75 6.97 -22.32
N THR D 443 10.94 7.41 -21.93
CA THR D 443 12.04 7.55 -22.86
C THR D 443 12.31 6.22 -23.56
N PRO D 444 12.46 5.14 -22.79
CA PRO D 444 12.73 3.81 -23.35
C PRO D 444 11.62 3.43 -24.33
N LEU D 445 10.40 3.80 -23.96
CA LEU D 445 9.22 3.52 -24.78
C LEU D 445 9.30 4.27 -26.10
N ILE D 446 9.75 5.53 -26.05
CA ILE D 446 9.87 6.33 -27.26
C ILE D 446 10.87 5.67 -28.21
N ILE D 447 11.98 5.20 -27.66
CA ILE D 447 13.01 4.55 -28.46
C ILE D 447 12.40 3.36 -29.21
N ASP D 448 11.55 2.60 -28.50
CA ASP D 448 10.89 1.44 -29.09
C ASP D 448 9.99 1.87 -30.25
N LEU D 449 9.20 2.91 -30.01
CA LEU D 449 8.31 3.41 -31.05
C LEU D 449 9.09 3.79 -32.29
N LEU D 450 10.26 4.39 -32.08
CA LEU D 450 11.11 4.82 -33.18
C LEU D 450 11.72 3.62 -33.90
N VAL D 451 12.30 2.70 -33.14
CA VAL D 451 12.91 1.51 -33.72
C VAL D 451 11.90 0.73 -34.55
N MSE D 452 10.75 0.42 -33.94
CA MSE D 452 9.71 -0.32 -34.63
C MSE D 452 9.13 0.42 -35.84
O MSE D 452 8.77 -0.19 -36.84
CB MSE D 452 8.57 -0.66 -33.66
CG MSE D 452 8.86 -1.87 -32.80
SE MSE D 452 9.33 -3.39 -33.88
CE MSE D 452 7.65 -3.60 -34.83
N THR D 453 9.03 1.74 -35.73
CA THR D 453 8.50 2.54 -36.82
C THR D 453 9.37 2.43 -38.07
N GLU D 454 10.66 2.72 -37.91
CA GLU D 454 11.59 2.64 -39.05
C GLU D 454 11.63 1.22 -39.61
N PHE D 455 11.41 0.23 -38.75
CA PHE D 455 11.44 -1.15 -39.19
C PHE D 455 10.32 -1.39 -40.20
N CYS D 456 9.10 -1.06 -39.80
CA CYS D 456 7.94 -1.22 -40.66
C CYS D 456 8.11 -0.47 -41.97
N THR D 457 9.05 0.48 -41.97
CA THR D 457 9.33 1.27 -43.16
C THR D 457 9.92 0.39 -44.24
N ARG D 458 10.78 -0.55 -43.84
CA ARG D 458 11.42 -1.45 -44.78
C ARG D 458 10.60 -2.72 -45.02
N VAL D 459 9.36 -2.72 -44.53
CA VAL D 459 8.47 -3.87 -44.70
C VAL D 459 7.41 -3.62 -45.76
N SER D 460 7.20 -4.62 -46.60
CA SER D 460 6.20 -4.53 -47.67
C SER D 460 5.63 -5.92 -47.93
N TYR D 461 4.32 -5.98 -48.19
CA TYR D 461 3.65 -7.26 -48.43
C TYR D 461 2.98 -7.33 -49.80
N LYS D 462 2.60 -8.54 -50.19
CA LYS D 462 1.93 -8.77 -51.47
C LYS D 462 1.02 -9.98 -51.40
N LYS D 463 -0.24 -9.79 -51.79
CA LYS D 463 -1.22 -10.87 -51.78
C LYS D 463 -0.91 -11.88 -52.89
N VAL D 464 -1.20 -13.14 -52.61
CA VAL D 464 -0.97 -14.21 -53.57
C VAL D 464 -2.21 -15.09 -53.69
N ASP D 465 -2.96 -14.89 -54.77
CA ASP D 465 -4.17 -15.67 -55.02
C ASP D 465 -3.75 -17.10 -55.35
N PRO D 466 -4.60 -18.09 -54.99
CA PRO D 466 -4.28 -19.49 -55.26
C PRO D 466 -4.19 -19.81 -56.75
N VAL D 467 -4.25 -18.79 -57.58
CA VAL D 467 -4.18 -18.97 -59.03
C VAL D 467 -3.04 -18.16 -59.63
N LYS D 468 -3.26 -16.86 -59.82
CA LYS D 468 -2.24 -15.98 -60.38
C LYS D 468 -0.97 -16.10 -59.55
N GLU D 469 0.01 -16.80 -60.11
CA GLU D 469 1.30 -17.04 -59.44
C GLU D 469 2.03 -15.78 -58.98
N ASP D 470 2.97 -15.33 -59.81
CA ASP D 470 3.78 -14.16 -59.49
C ASP D 470 3.40 -12.93 -60.31
N ALA D 471 2.17 -12.45 -60.11
CA ALA D 471 1.69 -11.28 -60.83
C ALA D 471 1.07 -10.28 -59.86
N GLY D 472 1.93 -9.47 -59.24
CA GLY D 472 1.45 -8.47 -58.28
C GLY D 472 2.53 -7.55 -57.77
N LYS D 473 2.13 -6.33 -57.41
CA LYS D 473 3.04 -5.32 -56.90
C LYS D 473 3.01 -5.30 -55.38
N PHE D 474 4.17 -5.10 -54.76
CA PHE D 474 4.24 -5.05 -53.30
C PHE D 474 3.67 -3.75 -52.75
N GLU D 475 2.97 -3.86 -51.62
CA GLU D 475 2.36 -2.70 -50.99
C GLU D 475 3.01 -2.41 -49.65
N ASN D 476 2.63 -1.30 -49.03
CA ASN D 476 3.17 -0.92 -47.73
C ASN D 476 2.08 -1.03 -46.67
N PHE D 477 2.50 -1.16 -45.41
CA PHE D 477 1.56 -1.28 -44.30
C PHE D 477 0.51 -0.19 -44.37
N TYR D 478 -0.65 -0.45 -43.77
CA TYR D 478 -1.72 0.54 -43.74
C TYR D 478 -1.17 1.77 -43.04
N PRO D 479 -1.43 2.97 -43.59
CA PRO D 479 -0.96 4.23 -43.02
C PRO D 479 -0.94 4.29 -41.49
N VAL D 480 -1.93 3.67 -40.86
CA VAL D 480 -2.01 3.65 -39.39
C VAL D 480 -1.31 2.43 -38.81
N LEU D 481 -0.09 2.64 -38.32
CA LEU D 481 0.70 1.57 -37.73
C LEU D 481 0.11 1.08 -36.40
N THR D 482 -0.78 0.10 -36.48
CA THR D 482 -1.42 -0.45 -35.30
C THR D 482 -0.41 -1.30 -34.51
N PHE D 483 0.57 -1.83 -35.22
CA PHE D 483 1.62 -2.66 -34.61
C PHE D 483 2.38 -1.90 -33.53
N LEU D 484 2.02 -0.64 -33.33
CA LEU D 484 2.69 0.19 -32.32
C LEU D 484 1.79 0.42 -31.11
N SER D 485 0.53 0.02 -31.21
CA SER D 485 -0.44 0.21 -30.13
C SER D 485 0.09 -0.27 -28.77
N TYR D 486 1.08 -1.16 -28.81
CA TYR D 486 1.67 -1.69 -27.58
C TYR D 486 2.20 -0.57 -26.69
N TRP D 487 2.71 0.49 -27.33
CA TRP D 487 3.27 1.63 -26.62
C TRP D 487 2.32 2.83 -26.57
N LEU D 488 1.10 2.64 -27.04
CA LEU D 488 0.13 3.74 -27.07
C LEU D 488 -1.13 3.46 -26.26
N LYS D 489 -1.46 4.39 -25.37
CA LYS D 489 -2.63 4.27 -24.50
C LYS D 489 -3.95 4.29 -25.28
N ALA D 490 -4.09 5.26 -26.17
CA ALA D 490 -5.30 5.39 -26.98
C ALA D 490 -4.97 5.13 -28.44
N PRO D 491 -4.71 3.85 -28.79
CA PRO D 491 -4.37 3.46 -30.16
C PRO D 491 -5.41 3.86 -31.20
N LEU D 492 -4.94 4.46 -32.30
CA LEU D 492 -5.81 4.88 -33.38
C LEU D 492 -6.01 3.72 -34.33
N THR D 493 -7.21 3.60 -34.88
CA THR D 493 -7.52 2.51 -35.79
C THR D 493 -8.26 3.00 -37.03
N ARG D 494 -8.20 2.20 -38.10
CA ARG D 494 -8.87 2.53 -39.34
C ARG D 494 -10.37 2.35 -39.16
N PRO D 495 -11.18 3.14 -39.88
CA PRO D 495 -12.64 3.06 -39.78
C PRO D 495 -13.18 1.64 -39.95
N GLY D 496 -14.19 1.30 -39.15
CA GLY D 496 -14.79 -0.02 -39.24
C GLY D 496 -14.04 -1.07 -38.43
N PHE D 497 -13.32 -0.64 -37.39
CA PHE D 497 -12.57 -1.55 -36.55
C PHE D 497 -12.55 -1.15 -35.08
N HIS D 498 -12.85 -2.11 -34.21
CA HIS D 498 -12.83 -1.86 -32.77
C HIS D 498 -11.42 -2.14 -32.28
N PRO D 499 -10.74 -1.11 -31.76
CA PRO D 499 -9.37 -1.25 -31.25
C PRO D 499 -9.23 -2.20 -30.07
N VAL D 500 -8.08 -2.87 -30.00
CA VAL D 500 -7.79 -3.80 -28.92
C VAL D 500 -6.75 -3.15 -28.01
N ASN D 501 -6.80 -3.45 -26.72
CA ASN D 501 -5.86 -2.86 -25.78
C ASN D 501 -5.12 -3.86 -24.88
N GLY D 502 -5.25 -5.14 -25.19
CA GLY D 502 -4.57 -6.16 -24.40
C GLY D 502 -3.07 -6.04 -24.61
N LEU D 503 -2.34 -5.69 -23.56
CA LEU D 503 -0.90 -5.54 -23.65
C LEU D 503 -0.18 -6.81 -24.11
N ASN D 504 -0.47 -7.94 -23.46
CA ASN D 504 0.17 -9.20 -23.82
C ASN D 504 -0.09 -9.58 -25.28
N LYS D 505 -1.32 -9.38 -25.73
CA LYS D 505 -1.68 -9.71 -27.11
C LYS D 505 -0.97 -8.81 -28.11
N GLN D 506 -0.83 -7.54 -27.76
CA GLN D 506 -0.15 -6.59 -28.64
C GLN D 506 1.31 -7.01 -28.73
N ARG D 507 1.82 -7.51 -27.62
CA ARG D 507 3.19 -7.98 -27.51
C ARG D 507 3.40 -9.16 -28.46
N THR D 508 2.60 -10.21 -28.26
CA THR D 508 2.69 -11.41 -29.08
C THR D 508 2.53 -11.08 -30.56
N ALA D 509 1.66 -10.14 -30.88
CA ALA D 509 1.43 -9.73 -32.26
C ALA D 509 2.77 -9.43 -32.91
N LEU D 510 3.60 -8.64 -32.23
CA LEU D 510 4.91 -8.28 -32.73
C LEU D 510 5.77 -9.54 -32.88
N GLU D 511 5.70 -10.42 -31.89
CA GLU D 511 6.46 -11.67 -31.93
C GLU D 511 6.20 -12.44 -33.21
N ASN D 512 4.95 -12.86 -33.40
CA ASN D 512 4.56 -13.62 -34.57
C ASN D 512 4.89 -12.90 -35.88
N PHE D 513 4.76 -11.58 -35.88
CA PHE D 513 5.07 -10.80 -37.09
C PHE D 513 6.54 -10.98 -37.44
N LEU D 514 7.42 -10.79 -36.47
CA LEU D 514 8.85 -10.93 -36.69
C LEU D 514 9.21 -12.37 -37.04
N ARG D 515 8.56 -13.32 -36.39
CA ARG D 515 8.81 -14.72 -36.65
C ARG D 515 8.44 -15.14 -38.06
N LEU D 516 7.20 -14.88 -38.45
CA LEU D 516 6.73 -15.25 -39.78
C LEU D 516 7.68 -14.72 -40.85
N LEU D 517 8.21 -13.53 -40.64
CA LEU D 517 9.13 -12.91 -41.59
C LEU D 517 10.41 -13.74 -41.77
N ILE D 518 10.70 -14.61 -40.81
CA ILE D 518 11.89 -15.44 -40.89
C ILE D 518 11.58 -16.93 -41.01
N GLY D 519 10.36 -17.25 -41.43
CA GLY D 519 9.96 -18.63 -41.60
C GLY D 519 9.29 -19.32 -40.43
N LEU D 520 9.56 -18.85 -39.22
CA LEU D 520 8.97 -19.45 -38.02
C LEU D 520 7.45 -19.28 -37.98
N PRO D 521 6.74 -20.31 -37.53
CA PRO D 521 5.27 -20.29 -37.44
C PRO D 521 4.79 -19.50 -36.22
N SER D 522 3.50 -19.59 -35.92
CA SER D 522 2.95 -18.88 -34.77
C SER D 522 3.45 -19.58 -33.50
N GLN D 523 3.78 -18.78 -32.48
CA GLN D 523 4.30 -19.32 -31.23
C GLN D 523 3.24 -19.97 -30.33
N ASN D 524 3.00 -21.26 -30.52
CA ASN D 524 2.03 -21.97 -29.70
C ASN D 524 2.79 -22.57 -28.53
N GLU D 525 2.08 -22.93 -27.46
CA GLU D 525 2.72 -23.52 -26.28
C GLU D 525 2.26 -24.94 -26.02
N LEU D 526 1.82 -25.64 -27.07
CA LEU D 526 1.36 -27.01 -26.95
C LEU D 526 2.43 -27.95 -26.40
N ARG D 527 3.69 -27.68 -26.72
CA ARG D 527 4.80 -28.51 -26.26
C ARG D 527 4.47 -29.99 -26.35
N PHE D 528 4.03 -30.43 -27.53
CA PHE D 528 3.67 -31.83 -27.73
C PHE D 528 4.83 -32.79 -27.59
N GLU D 529 6.06 -32.27 -27.48
CA GLU D 529 7.23 -33.12 -27.33
C GLU D 529 7.28 -33.69 -25.92
N GLU D 530 6.60 -33.03 -25.00
CA GLU D 530 6.55 -33.45 -23.61
C GLU D 530 5.21 -34.10 -23.29
N ARG D 531 4.14 -33.36 -23.57
CA ARG D 531 2.78 -33.82 -23.32
C ARG D 531 2.38 -35.10 -24.04
N LEU D 532 2.85 -35.28 -25.28
CA LEU D 532 2.49 -36.45 -26.06
C LEU D 532 3.60 -37.49 -26.25
N LEU D 533 3.22 -38.60 -26.86
CA LEU D 533 4.12 -39.72 -27.15
C LEU D 533 4.75 -40.29 -25.88
PA NAD E . -26.57 9.32 4.29
O1A NAD E . -26.69 9.60 2.84
O2A NAD E . -26.45 7.85 4.43
O5B NAD E . -27.88 9.76 5.08
C5B NAD E . -28.31 11.14 5.15
C4B NAD E . -29.81 11.03 5.37
O4B NAD E . -30.39 12.38 5.46
C3B NAD E . -30.61 10.33 4.25
O3B NAD E . -31.50 9.33 4.82
C2B NAD E . -31.27 11.53 3.56
O2B NAD E . -32.43 11.15 2.81
C1B NAD E . -31.56 12.48 4.72
N9A NAD E . -31.67 13.90 4.37
C8A NAD E . -31.18 14.55 3.24
N7A NAD E . -31.46 15.85 3.22
C5A NAD E . -32.15 16.05 4.39
C6A NAD E . -32.74 17.23 4.99
N6A NAD E . -32.70 18.45 4.46
N1A NAD E . -33.39 17.10 6.23
C2A NAD E . -33.44 15.83 6.82
N3A NAD E . -32.92 14.69 6.33
C4A NAD E . -32.29 14.86 5.12
O3 NAD E . -25.28 10.06 4.89
PN NAD E . -24.80 9.77 6.41
O1N NAD E . -25.80 9.88 7.49
O2N NAD E . -23.74 8.72 6.56
O5D NAD E . -23.91 11.15 6.67
C5D NAD E . -24.31 12.52 6.20
C4D NAD E . -23.31 13.62 6.58
O4D NAD E . -22.35 13.14 7.57
C3D NAD E . -22.44 14.21 5.45
O3D NAD E . -22.39 15.65 5.57
C2D NAD E . -21.08 13.58 5.64
O2D NAD E . -20.00 14.35 5.07
C1D NAD E . -21.02 13.42 7.13
N1N NAD E . -20.08 12.35 7.54
C2N NAD E . -20.45 10.95 7.43
C3N NAD E . -19.52 9.88 7.84
C7N NAD E . -20.01 8.46 7.67
O7N NAD E . -19.18 7.61 8.03
N7N NAD E . -21.23 8.12 7.18
C4N NAD E . -18.16 10.28 8.38
C5N NAD E . -17.86 11.78 8.46
C6N NAD E . -18.77 12.69 8.06
PA NAD F . 26.86 -0.69 10.26
O1A NAD F . 27.14 -2.02 9.64
O2A NAD F . 26.83 0.29 9.15
O5B NAD F . 28.01 -0.24 11.26
C5B NAD F . 28.33 -0.97 12.47
C4B NAD F . 29.83 -0.83 12.59
O4B NAD F . 30.30 -1.52 13.79
C3B NAD F . 30.67 -1.46 11.45
O3B NAD F . 31.42 -0.43 10.74
C2B NAD F . 31.51 -2.51 12.22
O2B NAD F . 32.79 -2.74 11.60
C1B NAD F . 31.59 -1.92 13.63
N9A NAD F . 31.83 -2.89 14.71
C8A NAD F . 31.34 -4.18 14.84
N7A NAD F . 31.76 -4.80 15.94
C5A NAD F . 32.56 -3.85 16.55
C6A NAD F . 33.33 -3.86 17.78
N6A NAD F . 33.39 -4.88 18.61
N1A NAD F . 34.05 -2.70 18.12
C2A NAD F . 33.99 -1.60 17.25
N3A NAD F . 33.31 -1.52 16.10
C4A NAD F . 32.63 -2.66 15.80
O3 NAD F . 25.44 -0.75 11.04
PN NAD F . 24.50 0.56 11.22
O1N NAD F . 25.16 1.85 11.50
O2N NAD F . 23.25 0.59 10.39
O5D NAD F . 23.88 0.17 12.70
C5D NAD F . 24.54 0.51 14.01
C4D NAD F . 23.75 0.01 15.24
O4D NAD F . 22.57 0.82 15.48
C3D NAD F . 23.24 -1.46 15.21
O3D NAD F . 23.50 -2.09 16.50
C2D NAD F . 21.76 -1.32 14.93
O2D NAD F . 20.99 -2.46 15.37
C1D NAD F . 21.42 -0.03 15.64
N1N NAD F . 20.21 0.59 15.09
C2N NAD F . 20.22 1.25 13.79
C3N NAD F . 19.01 1.88 13.24
C7N NAD F . 19.14 2.53 11.89
O7N NAD F . 18.08 3.04 11.48
N7N NAD F . 20.30 2.57 11.16
C4N NAD F . 17.74 1.83 14.06
C5N NAD F . 17.81 1.11 15.41
C6N NAD F . 18.97 0.57 15.84
PA NAD G . -7.87 -27.30 6.19
O1A NAD G . -7.41 -27.41 7.60
O2A NAD G . -9.05 -26.39 6.21
O5B NAD G . -8.36 -28.70 5.62
C5B NAD G . -7.47 -29.83 5.47
C4B NAD G . -8.32 -31.01 5.93
O4B NAD G . -7.54 -32.25 5.81
C3B NAD G . -8.79 -30.98 7.40
O3B NAD G . -10.24 -31.04 7.46
C2B NAD G . -8.02 -32.17 8.00
O2B NAD G . -8.70 -32.73 9.14
C1B NAD G . -7.87 -33.12 6.81
N9A NAD G . -6.75 -34.07 6.90
C8A NAD G . -5.50 -33.86 7.47
N7A NAD G . -4.70 -34.92 7.39
C5A NAD G . -5.48 -35.86 6.73
C6A NAD G . -5.24 -37.23 6.32
N6A NAD G . -4.09 -37.88 6.52
N1A NAD G . -6.26 -37.91 5.66
C2A NAD G . -7.47 -37.26 5.43
N3A NAD G . -7.78 -35.99 5.78
C4A NAD G . -6.76 -35.34 6.43
O3 NAD G . -6.69 -26.70 5.27
PN NAD G . -7.00 -25.99 3.85
O1N NAD G . -8.10 -26.54 3.02
O2N NAD G . -6.75 -24.52 3.77
O5D NAD G . -5.66 -26.58 3.04
C5D NAD G . -5.61 -27.93 2.41
C4D NAD G . -4.26 -28.25 1.74
O4D NAD G . -4.22 -27.80 0.37
C3D NAD G . -2.98 -27.68 2.41
O3D NAD G . -2.24 -28.76 3.04
C2D NAD G . -2.17 -27.00 1.33
O2D NAD G . -0.86 -27.60 1.12
C1D NAD G . -3.03 -27.04 0.09
N1N NAD G . -3.33 -25.68 -0.40
C2N NAD G . -4.48 -24.94 0.05
C3N NAD G . -4.78 -23.58 -0.45
C7N NAD G . -6.01 -22.92 0.10
O7N NAD G . -6.19 -21.77 -0.36
N7N NAD G . -6.87 -23.48 1.01
C4N NAD G . -3.82 -22.97 -1.45
C5N NAD G . -2.62 -23.83 -1.88
C6N NAD G . -2.44 -25.06 -1.37
PA NAD H . 7.50 18.24 -20.30
O1A NAD H . 6.91 19.39 -19.57
O2A NAD H . 8.74 17.87 -19.57
O5B NAD H . 7.94 18.64 -21.79
C5B NAD H . 6.98 19.05 -22.80
C4B NAD H . 7.73 20.10 -23.60
O4B NAD H . 6.87 20.59 -24.68
C3B NAD H . 8.13 21.38 -22.83
O3B NAD H . 9.59 21.58 -22.92
C2B NAD H . 7.27 22.44 -23.52
O2B NAD H . 7.83 23.77 -23.43
C1B NAD H . 7.14 21.90 -24.94
N9A NAD H . 6.00 22.39 -25.72
C8A NAD H . 4.74 22.75 -25.27
N7A NAD H . 3.91 23.15 -26.25
C5A NAD H . 4.70 23.03 -27.38
C6A NAD H . 4.44 23.30 -28.78
N6A NAD H . 3.28 23.75 -29.26
N1A NAD H . 5.48 23.08 -29.71
C2A NAD H . 6.70 22.61 -29.24
N3A NAD H . 7.02 22.34 -27.96
C4A NAD H . 5.99 22.57 -27.08
O3 NAD H . 6.46 17.01 -20.33
PN NAD H . 6.94 15.47 -20.44
O1N NAD H . 8.08 15.14 -21.32
O2N NAD H . 6.77 14.64 -19.20
O5D NAD H . 5.65 14.91 -21.35
C5D NAD H . 5.57 15.04 -22.84
C4D NAD H . 4.27 14.46 -23.44
O4D NAD H . 4.20 13.02 -23.32
C3D NAD H . 2.92 14.98 -22.87
O3D NAD H . 2.04 15.34 -23.98
C2D NAD H . 2.37 13.83 -22.08
O2D NAD H . 0.93 13.83 -21.98
C1D NAD H . 2.94 12.62 -22.77
N1N NAD H . 3.07 11.47 -21.88
C2N NAD H . 4.18 11.37 -20.97
C3N NAD H . 4.32 10.20 -20.07
C7N NAD H . 5.52 10.21 -19.15
O7N NAD H . 5.58 9.20 -18.41
N7N NAD H . 6.46 11.21 -19.11
C4N NAD H . 3.28 9.12 -20.13
C5N NAD H . 2.14 9.31 -21.14
C6N NAD H . 2.09 10.40 -21.91
#